data_7STO
#
_entry.id   7STO
#
_cell.length_a   1.00
_cell.length_b   1.00
_cell.length_c   1.00
_cell.angle_alpha   90.00
_cell.angle_beta   90.00
_cell.angle_gamma   90.00
#
_symmetry.space_group_name_H-M   'P 1'
#
loop_
_entity.id
_entity.type
_entity.pdbx_description
1 polymer 'Chitin synthase'
2 non-polymer 1,2-Distearoyl-sn-glycerophosphoethanolamine
3 non-polymer '1-{(2R,3R,4S,5R)-5-[(S)-{[(2S,3S,4S)-2-amino-5-(carbamoyloxy)-3,4-dihydroxypentanoyl]amino}(carboxy)methyl]-3,4-dihydroxyoxolan-2-yl}-2,4-dioxo-1,2,3,4-tetrahydropyrimidine-5-carboxylic acid (non-preferred name)'
#
_entity_poly.entity_id   1
_entity_poly.type   'polypeptide(L)'
_entity_poly.pdbx_seq_one_letter_code
;MSYNNPNNSNSHLRPHAYNNSRRDDSDGDESSIEFLNQRSNTPLTQGTYNYHNTSTNSLNFQQPEPIYRNQTRTSLSDSY
YDHPIFDTSQTQIQPPHDNPFTESYEMTDTSYQGNDHHYRTGQPNHLMNPTYNQAFIPHVYDEEDNDEQEYDQRIQYNQF
QGDHFDLAAISYADDESQSQLDYVPTERVIPEGEEEEEEGETSFEKEPGSETISGPFGEERSFEEPPPQQEVRSKKLTRA
TGLNGHLVLDCPVADELLSKFPDYNPAEKSGGLSREFAFMRYTAVTCGPSNFYRDAYILRPVHYPIPRQTELMIVITMYN
EDDILLGRTLKGVFKNIKYLESKARSSTWGKDSWKKIVVCIVSDGRTKINERAQALLAGLGVYQEGLAKSRVDDKKVQAH
MFEYTTRVGISKVTDDVVKLTTEKVVPVQMLFCLKETNAKKINSHRWCFQAIGQVLDPKIVVLLDCGTQPSGRSLYELWK
EFDRDHRVAGACGEITTSLKKRQMITNPLVYGQNFEYKISNILDKPTESSFGFISVLPGAFSAYRFIALQNDINGVGPLE
KYFKGEFLHSSGELDPNDDEFQMKHLMLKEEAGIFTSNMYLAEDRILCFELVAKRGCNWLLRYCKSARAETDVPEGLAEF
ILQRRRWLNGSFFAAIYSLVHFYKVWTSSHSFGRKIFLHIEFFYQLINLIVSWFSIGSYFLVFRILTTSLGDKALGFAPG
KILSVIFLWLYLASIVTTFVLSFGNKPKGTEKFYVTIVIFFAILMAYMIFAAIFMAVHSIQDIYRSGTRITVSLFFQNSE
FRDLVVATSSTYALYFLASFLYFEPWHMFTSFVQYILLSPSYVNVLNIYAFCNIDDISWGTKGEVGGKSLGEAKLREDGT
FDVSVPISKEQINQSYLDQLEKIRDPAPPEEKVLVTNTEDYYAFIRSMTVLVWMFTNFVVIALVLETGGFNQFVEATDLA
NLKSNRAAVFLTVILWTVAFMALFRFIGCIYYLITRLGREIKASEHATKANSLEVLFQGPDYKDDDDKAHHHHHHHHHH
;
_entity_poly.pdbx_strand_id   B,A
#
loop_
_chem_comp.id
_chem_comp.type
_chem_comp.name
_chem_comp.formula
3PE non-polymer 1,2-Distearoyl-sn-glycerophosphoethanolamine 'C41 H82 N O8 P'
BJ9 non-polymer '1-{(2R,3R,4S,5R)-5-[(S)-{[(2S,3S,4S)-2-amino-5-(carbamoyloxy)-3,4-dihydroxypentanoyl]amino}(carboxy)methyl]-3,4-dihydroxyoxolan-2-yl}-2,4-dioxo-1,2,3,4-tetrahydropyrimidine-5-carboxylic acid (non-preferred name)' 'C17 H23 N5 O14'
#
# COMPACT_ATOMS: atom_id res chain seq x y z
N ALA A 135 -9.29 39.91 24.88
CA ALA A 135 -8.91 38.58 25.33
C ALA A 135 -9.31 38.38 26.79
N PHE A 136 -9.10 39.41 27.61
CA PHE A 136 -9.38 39.36 29.04
C PHE A 136 -10.72 40.04 29.32
N ILE A 137 -11.60 39.34 30.02
CA ILE A 137 -12.92 39.86 30.35
C ILE A 137 -13.25 39.60 31.81
N ASN A 146 -23.07 27.20 39.37
CA ASN A 146 -23.25 27.50 40.79
C ASN A 146 -22.23 26.79 41.66
N ASP A 147 -21.98 25.50 41.39
CA ASP A 147 -20.99 24.79 42.20
C ASP A 147 -19.66 25.53 42.19
N GLU A 148 -19.27 26.07 41.04
CA GLU A 148 -18.01 26.82 40.95
C GLU A 148 -17.98 27.92 42.00
N GLN A 149 -19.08 28.68 42.12
CA GLN A 149 -19.14 29.77 43.09
C GLN A 149 -18.79 29.28 44.50
N GLU A 150 -19.34 28.12 44.90
CA GLU A 150 -19.05 27.58 46.21
C GLU A 150 -17.55 27.52 46.47
N TYR A 151 -16.79 26.97 45.51
CA TYR A 151 -15.35 26.86 45.70
C TYR A 151 -14.74 28.23 46.02
N ASP A 152 -15.14 29.26 45.26
CA ASP A 152 -14.55 30.58 45.43
C ASP A 152 -14.75 31.14 46.85
N GLN A 153 -15.86 30.79 47.50
CA GLN A 153 -16.10 31.32 48.84
C GLN A 153 -15.13 30.76 49.87
N ARG A 154 -14.72 29.50 49.72
CA ARG A 154 -13.81 28.89 50.68
C ARG A 154 -12.37 29.34 50.50
N ILE A 155 -11.97 29.75 49.30
CA ILE A 155 -10.60 30.14 49.02
C ILE A 155 -10.40 31.60 49.39
N GLN A 156 -9.33 31.89 50.12
CA GLN A 156 -9.04 33.25 50.55
C GLN A 156 -8.68 34.15 49.37
N TYR A 157 -7.80 33.67 48.49
CA TYR A 157 -7.35 34.35 47.28
C TYR A 157 -6.41 35.53 47.57
N ASN A 158 -6.17 35.86 48.84
CA ASN A 158 -5.27 36.95 49.18
C ASN A 158 -3.82 36.49 49.34
N GLN A 159 -3.60 35.25 49.76
CA GLN A 159 -2.26 34.75 50.09
C GLN A 159 -1.87 33.68 49.08
N PHE A 160 -1.16 34.09 48.04
CA PHE A 160 -0.64 33.17 47.02
C PHE A 160 0.81 33.51 46.68
N GLN A 161 1.63 33.75 47.70
CA GLN A 161 3.04 34.04 47.46
C GLN A 161 3.79 32.75 47.15
N GLY A 162 4.57 32.76 46.06
CA GLY A 162 5.34 31.62 45.66
C GLY A 162 6.71 31.51 46.32
N ASP A 163 7.25 30.29 46.29
CA ASP A 163 8.55 30.00 46.87
C ASP A 163 9.69 30.54 45.99
N HIS A 164 10.77 30.95 46.66
CA HIS A 164 11.94 31.50 45.99
C HIS A 164 12.83 30.38 45.45
N PHE A 165 13.35 30.57 44.23
CA PHE A 165 14.25 29.62 43.59
C PHE A 165 15.33 30.38 42.86
N ASP A 166 16.47 29.71 42.65
CA ASP A 166 17.61 30.33 41.99
C ASP A 166 17.37 30.44 40.49
N LEU A 167 17.68 31.60 39.92
CA LEU A 167 17.51 31.81 38.50
C LEU A 167 18.78 31.49 37.71
N ALA A 168 18.66 31.55 36.38
CA ALA A 168 19.78 31.40 35.46
C ALA A 168 20.14 32.75 34.88
N ALA A 169 21.42 33.14 34.97
CA ALA A 169 21.82 34.44 34.47
C ALA A 169 21.58 34.51 32.96
N ILE A 170 20.98 35.61 32.51
CA ILE A 170 20.72 35.85 31.09
C ILE A 170 21.21 37.26 30.79
N SER A 171 22.42 37.38 30.26
CA SER A 171 22.99 38.68 29.93
C SER A 171 22.22 39.34 28.79
N THR A 238 24.47 37.26 23.81
CA THR A 238 23.70 37.17 25.05
C THR A 238 24.02 35.85 25.76
N ARG A 239 25.23 35.77 26.32
CA ARG A 239 25.64 34.55 27.01
C ARG A 239 24.77 34.28 28.23
N ALA A 240 24.28 33.05 28.33
CA ALA A 240 23.42 32.60 29.41
C ALA A 240 24.00 31.34 30.04
N THR A 241 23.95 31.26 31.36
CA THR A 241 24.46 30.09 32.08
C THR A 241 23.36 29.05 32.22
N GLY A 242 23.73 27.80 31.97
CA GLY A 242 22.83 26.67 32.09
C GLY A 242 23.13 25.82 33.31
N LEU A 243 22.07 25.41 34.03
CA LEU A 243 22.27 24.61 35.23
C LEU A 243 22.72 23.21 34.86
N ASN A 244 23.74 22.74 35.59
CA ASN A 244 24.28 21.39 35.44
C ASN A 244 24.79 21.14 34.02
N GLY A 245 25.24 22.19 33.34
CA GLY A 245 25.76 22.04 32.00
C GLY A 245 24.71 21.80 30.94
N HIS A 246 23.44 22.01 31.26
CA HIS A 246 22.33 21.86 30.33
C HIS A 246 21.84 23.25 29.94
N LEU A 247 21.15 23.33 28.80
CA LEU A 247 20.67 24.62 28.31
C LEU A 247 19.39 24.95 29.06
N VAL A 248 19.48 25.89 29.99
CA VAL A 248 18.37 26.33 30.82
C VAL A 248 18.36 27.84 30.84
N LEU A 249 17.17 28.43 30.68
CA LEU A 249 17.02 29.88 30.66
C LEU A 249 15.80 30.27 31.47
N ASP A 250 15.98 31.20 32.40
CA ASP A 250 14.89 31.75 33.20
C ASP A 250 14.58 33.14 32.65
N CYS A 251 13.61 33.21 31.75
CA CYS A 251 13.29 34.47 31.09
C CYS A 251 12.16 35.17 31.84
N PRO A 252 12.06 36.49 31.69
CA PRO A 252 10.93 37.21 32.30
C PRO A 252 9.69 37.16 31.44
N VAL A 253 8.53 37.07 32.09
CA VAL A 253 7.25 37.04 31.40
C VAL A 253 6.81 38.45 31.04
N ALA A 254 5.89 38.53 30.08
CA ALA A 254 5.42 39.83 29.61
C ALA A 254 4.87 40.64 30.76
N ASP A 255 5.18 41.94 30.76
CA ASP A 255 4.82 42.81 31.88
C ASP A 255 3.31 42.93 32.03
N GLU A 256 2.55 42.81 30.94
CA GLU A 256 1.09 42.89 31.05
C GLU A 256 0.53 41.73 31.85
N LEU A 257 1.02 40.52 31.61
CA LEU A 257 0.56 39.37 32.38
C LEU A 257 0.84 39.57 33.86
N LEU A 258 2.02 40.11 34.19
CA LEU A 258 2.31 40.42 35.59
C LEU A 258 1.37 41.49 36.13
N SER A 259 1.07 42.50 35.31
CA SER A 259 0.20 43.60 35.72
C SER A 259 -1.21 43.13 36.03
N LYS A 260 -1.71 42.13 35.30
CA LYS A 260 -3.04 41.59 35.57
C LYS A 260 -3.18 41.06 36.99
N PHE A 261 -2.12 40.48 37.54
CA PHE A 261 -2.23 39.84 38.84
C PHE A 261 -2.60 40.85 39.92
N PRO A 262 -3.52 40.51 40.84
CA PRO A 262 -3.93 41.51 41.85
C PRO A 262 -2.77 42.01 42.68
N ASP A 263 -1.85 41.11 43.05
CA ASP A 263 -0.76 41.47 43.96
C ASP A 263 0.23 42.43 43.31
N TYR A 264 0.11 42.65 42.01
CA TYR A 264 1.06 43.48 41.29
C TYR A 264 1.02 44.89 41.86
N ASN A 265 2.21 45.48 42.02
CA ASN A 265 2.31 46.87 42.43
C ASN A 265 3.11 47.65 41.41
N PRO A 266 2.58 48.76 40.87
CA PRO A 266 3.32 49.49 39.84
C PRO A 266 4.70 49.92 40.29
N ALA A 267 4.84 50.30 41.56
CA ALA A 267 6.13 50.79 42.05
C ALA A 267 7.20 49.70 41.96
N GLU A 268 6.86 48.47 42.34
CA GLU A 268 7.84 47.39 42.32
C GLU A 268 8.28 47.12 40.88
N LYS A 269 9.55 46.75 40.74
CA LYS A 269 10.09 46.49 39.40
C LYS A 269 9.39 45.32 38.74
N SER A 270 9.19 44.23 39.49
CA SER A 270 8.45 43.06 39.02
C SER A 270 7.06 42.99 39.62
N GLY A 271 6.62 44.03 40.33
CA GLY A 271 5.31 44.00 40.94
C GLY A 271 5.27 43.33 42.28
N GLY A 272 6.42 42.93 42.83
CA GLY A 272 6.45 42.23 44.09
C GLY A 272 6.11 40.77 44.00
N LEU A 273 5.95 40.23 42.79
CA LEU A 273 5.61 38.83 42.62
C LEU A 273 6.80 37.94 42.98
N SER A 274 6.47 36.69 43.29
CA SER A 274 7.50 35.70 43.60
C SER A 274 8.33 35.36 42.37
N ARG A 275 9.47 34.72 42.61
CA ARG A 275 10.37 34.37 41.51
C ARG A 275 9.69 33.44 40.53
N GLU A 276 8.95 32.45 41.03
CA GLU A 276 8.27 31.50 40.14
C GLU A 276 7.21 32.19 39.30
N PHE A 277 6.45 33.11 39.88
CA PHE A 277 5.43 33.81 39.13
C PHE A 277 6.00 34.84 38.17
N ALA A 278 7.23 35.29 38.39
CA ALA A 278 7.83 36.35 37.59
C ALA A 278 8.58 35.83 36.37
N PHE A 279 9.24 34.67 36.48
CA PHE A 279 10.11 34.16 35.43
C PHE A 279 9.64 32.80 34.97
N MET A 280 9.70 32.57 33.67
CA MET A 280 9.37 31.29 33.06
C MET A 280 10.66 30.58 32.65
N ARG A 281 10.71 29.27 32.87
CA ARG A 281 11.92 28.49 32.67
C ARG A 281 11.82 27.67 31.39
N TYR A 282 12.91 27.64 30.63
CA TYR A 282 13.00 26.86 29.41
C TYR A 282 14.21 25.94 29.47
N THR A 283 14.00 24.66 29.15
CA THR A 283 15.06 23.66 29.16
C THR A 283 15.05 22.93 27.82
N ALA A 284 16.24 22.63 27.32
CA ALA A 284 16.40 21.85 26.09
C ALA A 284 16.89 20.45 26.48
N VAL A 285 16.13 19.43 26.10
CA VAL A 285 16.44 18.04 26.43
C VAL A 285 16.91 17.35 25.17
N THR A 286 18.15 16.87 25.18
CA THR A 286 18.75 16.21 24.04
C THR A 286 18.78 14.70 24.17
N CYS A 287 18.78 14.17 25.40
CA CYS A 287 19.03 12.75 25.60
C CYS A 287 17.83 11.88 25.18
N GLY A 288 16.64 12.26 25.61
CA GLY A 288 15.46 11.44 25.37
C GLY A 288 14.94 10.77 26.62
N PRO A 289 13.81 10.06 26.49
CA PRO A 289 13.17 9.51 27.71
C PRO A 289 14.05 8.58 28.52
N SER A 290 14.83 7.73 27.86
CA SER A 290 15.54 6.68 28.57
C SER A 290 16.57 7.25 29.54
N ASN A 291 17.32 8.27 29.11
CA ASN A 291 18.43 8.81 29.88
C ASN A 291 18.09 10.13 30.55
N PHE A 292 16.81 10.53 30.57
CA PHE A 292 16.46 11.81 31.16
C PHE A 292 16.80 11.86 32.64
N TYR A 293 16.52 10.78 33.37
CA TYR A 293 16.83 10.75 34.79
C TYR A 293 18.32 10.55 35.05
N ARG A 294 18.98 9.75 34.22
CA ARG A 294 20.41 9.52 34.40
C ARG A 294 21.19 10.82 34.30
N ASP A 295 20.88 11.64 33.30
CA ASP A 295 21.49 12.95 33.19
C ASP A 295 20.97 13.87 34.28
N ALA A 296 21.70 14.96 34.50
CA ALA A 296 21.35 15.90 35.57
C ALA A 296 20.31 16.91 35.10
N TYR A 297 19.18 16.39 34.63
CA TYR A 297 18.05 17.22 34.25
C TYR A 297 17.15 17.38 35.45
N ILE A 298 17.01 18.62 35.92
CA ILE A 298 16.26 18.92 37.13
C ILE A 298 15.04 19.75 36.74
N LEU A 299 13.87 19.32 37.21
CA LEU A 299 12.64 20.07 37.03
C LEU A 299 12.46 21.06 38.18
N ARG A 300 11.80 22.17 37.88
CA ARG A 300 11.69 23.24 38.87
C ARG A 300 11.01 22.78 40.16
N PRO A 301 9.94 21.99 40.14
CA PRO A 301 9.31 21.61 41.41
C PRO A 301 10.26 20.94 42.38
N VAL A 302 11.22 20.15 41.88
CA VAL A 302 12.17 19.48 42.74
C VAL A 302 13.41 20.32 43.00
N HIS A 303 13.54 21.48 42.36
CA HIS A 303 14.71 22.34 42.51
C HIS A 303 14.57 23.35 43.63
N TYR A 304 13.42 23.43 44.29
CA TYR A 304 13.24 24.40 45.35
C TYR A 304 14.15 24.05 46.53
N PRO A 305 14.54 25.03 47.35
CA PRO A 305 15.34 24.71 48.54
C PRO A 305 14.66 23.69 49.42
N ILE A 306 13.34 23.78 49.56
CA ILE A 306 12.54 22.79 50.27
C ILE A 306 11.87 21.92 49.21
N PRO A 307 12.24 20.65 49.06
CA PRO A 307 11.66 19.84 47.99
C PRO A 307 10.14 19.74 48.11
N ARG A 308 9.48 19.72 46.95
CA ARG A 308 8.04 19.58 46.86
C ARG A 308 7.70 18.17 46.39
N GLN A 309 6.77 17.52 47.08
CA GLN A 309 6.35 16.16 46.75
C GLN A 309 5.04 16.22 45.98
N THR A 310 5.03 15.60 44.81
CA THR A 310 3.86 15.61 43.95
C THR A 310 2.85 14.57 44.41
N GLU A 311 1.57 14.96 44.41
CA GLU A 311 0.48 14.07 44.78
C GLU A 311 -0.38 13.66 43.60
N LEU A 312 -0.41 14.44 42.52
CA LEU A 312 -1.29 14.16 41.40
C LEU A 312 -0.68 14.80 40.16
N MET A 313 -0.22 13.98 39.23
CA MET A 313 0.33 14.44 37.95
C MET A 313 -0.74 14.29 36.87
N ILE A 314 -1.24 15.42 36.37
CA ILE A 314 -2.34 15.44 35.41
C ILE A 314 -1.71 15.58 34.03
N VAL A 315 -1.48 14.44 33.37
CA VAL A 315 -0.91 14.43 32.02
C VAL A 315 -1.99 14.73 30.99
N ILE A 316 -1.65 15.57 30.01
CA ILE A 316 -2.54 15.88 28.89
C ILE A 316 -1.77 15.66 27.60
N THR A 317 -2.36 14.91 26.68
CA THR A 317 -1.75 14.58 25.39
C THR A 317 -2.41 15.39 24.28
N MET A 318 -1.59 15.93 23.37
CA MET A 318 -2.09 16.83 22.35
C MET A 318 -1.43 16.53 21.01
N TYR A 319 -2.19 16.69 19.93
CA TYR A 319 -1.66 16.53 18.57
C TYR A 319 -2.55 17.33 17.63
N ASN A 320 -2.03 18.46 17.14
CA ASN A 320 -2.75 19.36 16.22
C ASN A 320 -4.21 19.56 16.60
N GLU A 321 -4.48 19.75 17.89
CA GLU A 321 -5.84 19.96 18.36
C GLU A 321 -6.17 21.44 18.34
N ASP A 322 -7.43 21.75 18.05
CA ASP A 322 -7.87 23.13 18.03
C ASP A 322 -7.77 23.73 19.42
N ASP A 323 -7.63 25.06 19.49
CA ASP A 323 -7.53 25.73 20.78
C ASP A 323 -8.78 25.54 21.61
N ILE A 324 -9.91 25.22 20.99
CA ILE A 324 -11.15 25.02 21.74
C ILE A 324 -11.05 23.79 22.63
N LEU A 325 -10.56 22.68 22.07
CA LEU A 325 -10.44 21.45 22.85
C LEU A 325 -9.47 21.62 24.00
N LEU A 326 -8.31 22.22 23.73
CA LEU A 326 -7.36 22.45 24.80
C LEU A 326 -7.92 23.39 25.86
N GLY A 327 -8.66 24.41 25.43
CA GLY A 327 -9.28 25.31 26.39
C GLY A 327 -10.29 24.60 27.28
N ARG A 328 -11.11 23.74 26.69
CA ARG A 328 -12.06 22.98 27.50
C ARG A 328 -11.35 22.09 28.52
N THR A 329 -10.31 21.37 28.06
CA THR A 329 -9.59 20.49 28.97
C THR A 329 -8.96 21.28 30.11
N LEU A 330 -8.33 22.41 29.78
CA LEU A 330 -7.67 23.21 30.81
C LEU A 330 -8.70 23.82 31.76
N LYS A 331 -9.86 24.22 31.25
CA LYS A 331 -10.90 24.74 32.13
C LYS A 331 -11.35 23.67 33.12
N GLY A 332 -11.56 22.44 32.64
CA GLY A 332 -11.92 21.37 33.55
C GLY A 332 -10.87 21.11 34.61
N VAL A 333 -9.60 21.06 34.18
CA VAL A 333 -8.52 20.81 35.13
C VAL A 333 -8.43 21.92 36.16
N PHE A 334 -8.54 23.17 35.72
CA PHE A 334 -8.46 24.29 36.65
C PHE A 334 -9.63 24.27 37.63
N LYS A 335 -10.83 23.93 37.17
CA LYS A 335 -11.96 23.82 38.09
C LYS A 335 -11.72 22.73 39.12
N ASN A 336 -11.18 21.59 38.70
CA ASN A 336 -10.88 20.52 39.65
C ASN A 336 -9.85 20.98 40.67
N ILE A 337 -8.80 21.68 40.23
CA ILE A 337 -7.78 22.15 41.16
C ILE A 337 -8.38 23.16 42.13
N LYS A 338 -9.27 24.03 41.64
CA LYS A 338 -9.93 24.99 42.52
C LYS A 338 -10.76 24.28 43.57
N TYR A 339 -11.49 23.23 43.17
CA TYR A 339 -12.26 22.47 44.14
C TYR A 339 -11.36 21.83 45.18
N LEU A 340 -10.24 21.25 44.75
CA LEU A 340 -9.32 20.64 45.71
C LEU A 340 -8.78 21.69 46.68
N GLU A 341 -8.44 22.87 46.18
CA GLU A 341 -7.96 23.94 47.05
C GLU A 341 -9.03 24.35 48.04
N SER A 342 -10.29 24.44 47.59
CA SER A 342 -11.36 24.91 48.47
C SER A 342 -11.66 23.93 49.59
N LYS A 343 -11.38 22.65 49.39
CA LYS A 343 -11.70 21.65 50.41
C LYS A 343 -11.05 22.01 51.74
N ALA A 344 -11.84 22.03 52.80
CA ALA A 344 -11.38 22.50 54.11
C ALA A 344 -11.03 21.35 55.05
N ARG A 345 -11.99 20.47 55.31
CA ARG A 345 -11.79 19.37 56.26
C ARG A 345 -11.21 18.14 55.55
N SER A 346 -10.00 18.31 55.02
CA SER A 346 -9.28 17.25 54.34
C SER A 346 -7.85 17.21 54.85
N SER A 347 -7.39 16.01 55.21
CA SER A 347 -6.03 15.86 55.73
C SER A 347 -4.99 16.22 54.67
N THR A 348 -5.20 15.77 53.43
CA THR A 348 -4.21 15.97 52.38
C THR A 348 -4.46 17.23 51.55
N TRP A 349 -5.71 17.57 51.30
CA TRP A 349 -6.06 18.69 50.44
C TRP A 349 -6.46 19.91 51.27
N GLY A 350 -6.42 21.07 50.62
CA GLY A 350 -6.78 22.31 51.27
C GLY A 350 -5.83 23.44 50.94
N LYS A 351 -5.42 24.20 51.96
CA LYS A 351 -4.53 25.32 51.72
C LYS A 351 -3.22 24.84 51.09
N ASP A 352 -2.76 25.56 50.08
CA ASP A 352 -1.51 25.24 49.39
C ASP A 352 -1.53 23.85 48.78
N SER A 353 -2.71 23.41 48.32
CA SER A 353 -2.81 22.13 47.63
C SER A 353 -2.30 22.20 46.20
N TRP A 354 -2.30 23.39 45.59
CA TRP A 354 -1.83 23.53 44.22
C TRP A 354 -0.36 23.18 44.08
N LYS A 355 0.40 23.20 45.17
CA LYS A 355 1.81 22.84 45.11
C LYS A 355 2.01 21.35 44.86
N LYS A 356 1.02 20.52 45.18
CA LYS A 356 1.12 19.07 45.02
C LYS A 356 0.64 18.59 43.66
N ILE A 357 0.19 19.48 42.78
CA ILE A 357 -0.40 19.11 41.50
C ILE A 357 0.42 19.75 40.38
N VAL A 358 0.79 18.95 39.40
CA VAL A 358 1.53 19.40 38.22
C VAL A 358 0.78 18.95 36.98
N VAL A 359 0.56 19.88 36.06
CA VAL A 359 -0.14 19.61 34.80
C VAL A 359 0.90 19.51 33.69
N CYS A 360 1.01 18.35 33.07
CA CYS A 360 1.99 18.10 32.02
C CYS A 360 1.26 18.00 30.68
N ILE A 361 1.67 18.82 29.72
CA ILE A 361 1.10 18.82 28.38
C ILE A 361 2.20 18.39 27.42
N VAL A 362 2.06 17.21 26.84
CA VAL A 362 3.08 16.65 25.96
C VAL A 362 2.56 16.78 24.53
N SER A 363 3.08 17.76 23.79
CA SER A 363 2.66 17.98 22.41
C SER A 363 3.54 17.16 21.48
N ASP A 364 2.91 16.43 20.57
CA ASP A 364 3.60 15.50 19.68
C ASP A 364 3.85 16.20 18.35
N GLY A 365 5.12 16.50 18.07
CA GLY A 365 5.50 17.14 16.83
C GLY A 365 5.55 18.66 16.93
N ARG A 366 6.75 19.22 16.72
CA ARG A 366 6.90 20.67 16.79
C ARG A 366 6.20 21.37 15.63
N THR A 367 6.27 20.80 14.42
CA THR A 367 5.67 21.41 13.26
C THR A 367 4.23 20.98 13.03
N LYS A 368 3.72 20.03 13.81
CA LYS A 368 2.34 19.57 13.68
C LYS A 368 1.39 20.23 14.67
N ILE A 369 1.92 20.87 15.71
CA ILE A 369 1.06 21.54 16.68
C ILE A 369 0.28 22.65 16.00
N ASN A 370 -1.00 22.77 16.37
CA ASN A 370 -1.83 23.84 15.83
C ASN A 370 -1.36 25.18 16.37
N GLU A 371 -1.41 26.22 15.52
CA GLU A 371 -0.92 27.52 15.94
C GLU A 371 -1.83 28.17 16.97
N ARG A 372 -3.14 27.92 16.90
CA ARG A 372 -4.07 28.55 17.83
C ARG A 372 -3.92 27.99 19.25
N ALA A 373 -3.74 26.67 19.37
CA ALA A 373 -3.49 26.09 20.69
C ALA A 373 -2.16 26.57 21.26
N GLN A 374 -1.14 26.69 20.40
CA GLN A 374 0.14 27.24 20.84
C GLN A 374 -0.03 28.66 21.32
N ALA A 375 -0.85 29.46 20.63
CA ALA A 375 -1.14 30.82 21.08
C ALA A 375 -1.86 30.81 22.42
N LEU A 376 -2.77 29.85 22.62
CA LEU A 376 -3.42 29.72 23.92
C LEU A 376 -2.39 29.48 25.02
N LEU A 377 -1.45 28.55 24.77
CA LEU A 377 -0.44 28.25 25.76
C LEU A 377 0.42 29.47 26.03
N ALA A 378 0.75 30.23 24.97
CA ALA A 378 1.50 31.46 25.14
C ALA A 378 0.72 32.46 25.99
N GLY A 379 -0.58 32.56 25.76
CA GLY A 379 -1.42 33.43 26.58
C GLY A 379 -1.38 33.05 28.05
N LEU A 380 -1.37 31.75 28.34
CA LEU A 380 -1.20 31.35 29.73
C LEU A 380 0.16 31.78 30.29
N GLY A 381 1.13 32.05 29.42
CA GLY A 381 2.44 32.49 29.85
C GLY A 381 3.49 31.40 29.86
N VAL A 382 3.11 30.16 29.55
CA VAL A 382 4.04 29.04 29.59
C VAL A 382 5.06 29.13 28.47
N TYR A 383 4.62 29.44 27.24
CA TYR A 383 5.45 29.32 26.06
C TYR A 383 5.86 30.68 25.52
N GLN A 384 7.10 30.78 25.04
CA GLN A 384 7.60 31.94 24.32
C GLN A 384 8.37 31.46 23.09
N GLU A 385 8.24 32.22 22.00
CA GLU A 385 8.74 31.74 20.70
C GLU A 385 10.26 31.80 20.62
N GLY A 386 10.87 32.87 21.12
CA GLY A 386 12.29 33.08 20.88
C GLY A 386 13.19 32.06 21.55
N LEU A 387 12.77 31.50 22.69
CA LEU A 387 13.68 30.70 23.50
C LEU A 387 14.13 29.44 22.78
N ALA A 388 13.22 28.78 22.06
CA ALA A 388 13.49 27.44 21.54
C ALA A 388 14.73 27.41 20.65
N LYS A 389 15.58 26.41 20.88
CA LYS A 389 16.82 26.24 20.14
C LYS A 389 16.85 24.84 19.51
N SER A 390 17.28 24.77 18.26
CA SER A 390 17.27 23.50 17.55
C SER A 390 18.36 22.55 18.04
N ARG A 391 19.58 23.06 18.21
CA ARG A 391 20.73 22.23 18.55
C ARG A 391 21.52 22.86 19.68
N VAL A 392 22.14 22.00 20.48
CA VAL A 392 23.01 22.42 21.58
C VAL A 392 24.26 21.55 21.55
N ASP A 393 25.42 22.19 21.52
CA ASP A 393 26.69 21.47 21.55
C ASP A 393 26.75 20.41 20.45
N ASP A 394 26.23 20.76 19.28
CA ASP A 394 26.19 19.84 18.14
C ASP A 394 25.34 18.60 18.42
N LYS A 395 24.35 18.73 19.30
CA LYS A 395 23.45 17.64 19.63
C LYS A 395 22.02 18.09 19.40
N LYS A 396 21.24 17.26 18.70
CA LYS A 396 19.85 17.59 18.43
C LYS A 396 19.05 17.64 19.72
N VAL A 397 18.16 18.62 19.81
CA VAL A 397 17.28 18.79 20.96
C VAL A 397 16.02 17.98 20.71
N GLN A 398 15.87 16.87 21.44
CA GLN A 398 14.71 16.01 21.25
C GLN A 398 13.43 16.68 21.74
N ALA A 399 13.49 17.39 22.86
CA ALA A 399 12.30 17.97 23.48
C ALA A 399 12.62 19.37 24.00
N HIS A 400 11.59 20.21 24.05
CA HIS A 400 11.66 21.54 24.63
C HIS A 400 10.65 21.63 25.76
N MET A 401 11.14 21.92 26.97
CA MET A 401 10.30 21.94 28.16
C MET A 401 10.16 23.37 28.66
N PHE A 402 8.92 23.83 28.80
CA PHE A 402 8.60 25.15 29.34
C PHE A 402 7.87 24.96 30.66
N GLU A 403 8.38 25.58 31.73
CA GLU A 403 7.82 25.45 33.07
C GLU A 403 7.40 26.82 33.58
N TYR A 404 6.16 26.91 34.08
CA TYR A 404 5.66 28.17 34.61
C TYR A 404 4.49 27.89 35.55
N THR A 405 4.39 28.70 36.60
CA THR A 405 3.26 28.67 37.53
C THR A 405 2.28 29.76 37.09
N THR A 406 1.30 29.36 36.27
CA THR A 406 0.39 30.33 35.68
C THR A 406 -0.75 30.65 36.63
N ARG A 407 -1.12 31.93 36.69
CA ARG A 407 -2.28 32.41 37.43
C ARG A 407 -3.37 32.92 36.50
N VAL A 408 -3.41 32.41 35.28
CA VAL A 408 -4.39 32.79 34.27
C VAL A 408 -5.38 31.64 34.14
N GLY A 409 -6.66 31.95 34.25
CA GLY A 409 -7.72 30.95 34.20
C GLY A 409 -8.71 31.22 33.09
N ILE A 410 -9.09 30.16 32.39
CA ILE A 410 -10.03 30.27 31.27
C ILE A 410 -11.42 30.50 31.85
N SER A 411 -11.98 31.68 31.63
CA SER A 411 -13.29 31.99 32.18
C SER A 411 -14.39 31.20 31.48
N LYS A 412 -14.37 31.19 30.14
CA LYS A 412 -15.38 30.48 29.38
C LYS A 412 -14.79 30.08 28.04
N VAL A 413 -15.38 29.05 27.45
CA VAL A 413 -14.92 28.51 26.16
C VAL A 413 -16.16 28.44 25.27
N THR A 414 -16.36 29.46 24.44
CA THR A 414 -17.46 29.46 23.49
C THR A 414 -17.14 28.51 22.34
N ASP A 415 -18.03 28.47 21.35
CA ASP A 415 -17.83 27.58 20.21
C ASP A 415 -16.65 28.03 19.37
N ASP A 416 -16.45 29.34 19.22
CA ASP A 416 -15.46 29.88 18.31
C ASP A 416 -14.25 30.53 18.98
N VAL A 417 -14.41 31.09 20.18
CA VAL A 417 -13.33 31.82 20.84
C VAL A 417 -13.19 31.33 22.27
N VAL A 418 -12.01 31.60 22.84
CA VAL A 418 -11.67 31.25 24.21
C VAL A 418 -11.35 32.54 24.96
N LYS A 419 -11.97 32.73 26.12
CA LYS A 419 -11.76 33.91 26.95
C LYS A 419 -11.07 33.50 28.22
N LEU A 420 -9.94 34.15 28.51
CA LEU A 420 -9.16 33.88 29.72
C LEU A 420 -9.06 35.15 30.55
N THR A 421 -9.18 35.00 31.87
CA THR A 421 -9.10 36.12 32.79
C THR A 421 -8.28 35.74 34.00
N THR A 422 -7.89 36.75 34.77
CA THR A 422 -7.08 36.56 35.97
C THR A 422 -7.88 36.70 37.26
N GLU A 423 -9.18 36.91 37.17
CA GLU A 423 -10.00 37.07 38.38
C GLU A 423 -10.32 35.71 38.99
N LYS A 424 -10.07 35.58 40.29
CA LYS A 424 -10.39 34.36 41.03
C LYS A 424 -9.80 33.12 40.37
N VAL A 425 -8.48 33.17 40.16
CA VAL A 425 -7.74 32.08 39.54
C VAL A 425 -6.70 31.56 40.52
N VAL A 426 -6.72 30.25 40.75
CA VAL A 426 -5.73 29.59 41.61
C VAL A 426 -4.49 29.29 40.78
N PRO A 427 -3.28 29.54 41.30
CA PRO A 427 -2.09 29.23 40.52
C PRO A 427 -1.99 27.74 40.20
N VAL A 428 -1.46 27.43 39.02
CA VAL A 428 -1.33 26.07 38.54
C VAL A 428 0.06 25.88 37.96
N GLN A 429 0.73 24.80 38.36
CA GLN A 429 2.04 24.47 37.81
C GLN A 429 1.88 23.78 36.47
N MET A 430 2.50 24.34 35.43
CA MET A 430 2.36 23.87 34.07
C MET A 430 3.73 23.49 33.51
N LEU A 431 3.82 22.27 33.00
CA LEU A 431 5.01 21.79 32.30
C LEU A 431 4.61 21.42 30.89
N PHE A 432 5.09 22.17 29.90
CA PHE A 432 4.73 21.97 28.50
C PHE A 432 5.94 21.41 27.77
N CYS A 433 5.86 20.13 27.39
CA CYS A 433 6.94 19.43 26.70
C CYS A 433 6.60 19.32 25.23
N LEU A 434 7.22 20.15 24.41
CA LEU A 434 7.03 20.12 22.97
C LEU A 434 8.10 19.23 22.34
N LYS A 435 7.68 18.14 21.71
CA LYS A 435 8.63 17.22 21.10
C LYS A 435 9.05 17.72 19.72
N GLU A 436 10.31 17.47 19.37
CA GLU A 436 10.84 17.97 18.12
C GLU A 436 10.20 17.26 16.93
N THR A 437 10.06 15.94 16.99
CA THR A 437 9.44 15.16 15.93
C THR A 437 8.36 14.26 16.52
N ASN A 438 7.36 13.95 15.70
CA ASN A 438 6.25 13.14 16.16
C ASN A 438 6.64 11.67 16.16
N ALA A 439 6.37 11.00 17.27
CA ALA A 439 6.64 9.57 17.41
C ALA A 439 5.43 8.85 17.97
N LYS A 440 4.23 9.30 17.63
CA LYS A 440 2.98 8.70 18.06
C LYS A 440 2.74 8.88 19.55
N LYS A 441 1.76 8.17 20.10
CA LYS A 441 1.32 8.38 21.48
C LYS A 441 2.10 7.54 22.48
N ILE A 442 2.65 6.41 22.05
CA ILE A 442 3.43 5.57 22.95
C ILE A 442 4.70 6.31 23.39
N ASN A 443 5.33 7.04 22.46
CA ASN A 443 6.50 7.83 22.82
C ASN A 443 6.14 8.95 23.78
N SER A 444 4.99 9.57 23.60
CA SER A 444 4.54 10.60 24.53
C SER A 444 4.36 10.01 25.93
N HIS A 445 3.76 8.82 26.01
CA HIS A 445 3.60 8.17 27.31
C HIS A 445 4.95 7.76 27.89
N ARG A 446 5.91 7.41 27.04
CA ARG A 446 7.26 7.14 27.54
C ARG A 446 7.88 8.39 28.15
N TRP A 447 7.69 9.54 27.52
CA TRP A 447 8.15 10.79 28.11
C TRP A 447 7.46 11.03 29.45
N CYS A 448 6.15 10.77 29.52
CA CYS A 448 5.40 11.02 30.75
C CYS A 448 5.89 10.13 31.89
N PHE A 449 6.02 8.83 31.65
CA PHE A 449 6.30 7.87 32.71
C PHE A 449 7.81 7.68 32.92
N GLN A 450 8.51 7.24 31.87
CA GLN A 450 9.89 6.82 32.01
C GLN A 450 10.81 7.97 32.45
N ALA A 451 10.52 9.20 32.03
CA ALA A 451 11.43 10.31 32.23
C ALA A 451 10.92 11.32 33.25
N ILE A 452 9.75 11.93 33.01
CA ILE A 452 9.25 12.94 33.92
C ILE A 452 8.80 12.33 35.23
N GLY A 453 8.17 11.16 35.17
CA GLY A 453 7.67 10.53 36.38
C GLY A 453 8.77 10.18 37.35
N GLN A 454 9.89 9.67 36.85
CA GLN A 454 11.00 9.31 37.73
C GLN A 454 11.53 10.51 38.49
N VAL A 455 11.69 11.64 37.81
CA VAL A 455 12.17 12.85 38.49
C VAL A 455 11.13 13.34 39.49
N LEU A 456 9.88 13.47 39.04
CA LEU A 456 8.83 13.94 39.94
C LEU A 456 8.47 12.91 40.99
N ASP A 457 8.51 11.63 40.62
CA ASP A 457 8.09 10.54 41.50
C ASP A 457 6.70 10.80 42.07
N PRO A 458 5.68 10.94 41.22
CA PRO A 458 4.34 11.27 41.72
C PRO A 458 3.55 10.03 42.12
N LYS A 459 2.31 10.25 42.53
CA LYS A 459 1.36 9.18 42.77
C LYS A 459 0.09 9.46 41.97
N ILE A 460 -0.58 8.39 41.55
CA ILE A 460 -1.85 8.53 40.85
C ILE A 460 -1.67 9.44 39.63
N VAL A 461 -0.92 8.97 38.63
CA VAL A 461 -0.82 9.69 37.37
C VAL A 461 -2.15 9.64 36.64
N VAL A 462 -2.68 10.80 36.28
CA VAL A 462 -3.95 10.92 35.57
C VAL A 462 -3.65 11.16 34.10
N LEU A 463 -4.30 10.40 33.22
CA LEU A 463 -4.12 10.52 31.78
C LEU A 463 -5.36 11.15 31.17
N LEU A 464 -5.18 12.25 30.44
CA LEU A 464 -6.26 12.95 29.78
C LEU A 464 -5.90 13.19 28.32
N ASP A 465 -6.92 13.50 27.53
CA ASP A 465 -6.75 13.81 26.12
C ASP A 465 -7.47 15.11 25.79
N CYS A 466 -6.92 15.85 24.84
CA CYS A 466 -7.55 17.10 24.44
C CYS A 466 -8.96 16.84 23.95
N GLY A 467 -9.88 17.74 24.31
CA GLY A 467 -11.28 17.57 24.04
C GLY A 467 -12.07 16.85 25.12
N THR A 468 -11.39 16.34 26.14
CA THR A 468 -12.05 15.67 27.26
C THR A 468 -12.14 16.63 28.43
N GLN A 469 -13.35 16.99 28.82
CA GLN A 469 -13.59 17.96 29.88
C GLN A 469 -14.07 17.24 31.13
N PRO A 470 -13.23 17.06 32.14
CA PRO A 470 -13.70 16.42 33.38
C PRO A 470 -14.70 17.31 34.10
N SER A 471 -15.36 16.72 35.09
CA SER A 471 -16.36 17.44 35.87
C SER A 471 -15.67 18.33 36.91
N GLY A 472 -16.47 18.92 37.79
CA GLY A 472 -15.91 19.82 38.80
C GLY A 472 -15.25 19.12 39.97
N ARG A 473 -15.60 17.85 40.22
CA ARG A 473 -15.05 17.10 41.34
C ARG A 473 -14.57 15.73 40.91
N SER A 474 -14.39 15.49 39.60
CA SER A 474 -14.08 14.16 39.11
C SER A 474 -12.72 13.68 39.61
N LEU A 475 -11.70 14.54 39.53
CA LEU A 475 -10.36 14.12 39.93
C LEU A 475 -10.29 13.81 41.41
N TYR A 476 -11.05 14.54 42.23
CA TYR A 476 -11.14 14.19 43.64
C TYR A 476 -11.75 12.80 43.82
N GLU A 477 -12.76 12.47 43.01
CA GLU A 477 -13.35 11.14 43.10
C GLU A 477 -12.33 10.06 42.76
N LEU A 478 -11.55 10.26 41.68
CA LEU A 478 -10.53 9.28 41.34
C LEU A 478 -9.50 9.14 42.45
N TRP A 479 -9.04 10.28 42.99
CA TRP A 479 -8.05 10.22 44.06
C TRP A 479 -8.60 9.50 45.28
N LYS A 480 -9.87 9.76 45.62
CA LYS A 480 -10.46 9.10 46.78
C LYS A 480 -10.60 7.60 46.53
N GLU A 481 -10.94 7.21 45.31
CA GLU A 481 -10.97 5.79 44.98
C GLU A 481 -9.61 5.15 45.21
N PHE A 482 -8.54 5.81 44.78
CA PHE A 482 -7.21 5.26 45.02
C PHE A 482 -6.88 5.24 46.52
N ASP A 483 -7.32 6.25 47.26
CA ASP A 483 -6.92 6.38 48.66
C ASP A 483 -7.63 5.37 49.55
N ARG A 484 -8.92 5.15 49.32
CA ARG A 484 -9.69 4.29 50.22
C ARG A 484 -9.09 2.89 50.30
N ASP A 485 -8.87 2.26 49.15
CA ASP A 485 -8.35 0.91 49.07
C ASP A 485 -6.94 0.95 48.50
N HIS A 486 -5.98 0.40 49.22
CA HIS A 486 -4.59 0.45 48.79
C HIS A 486 -4.27 -0.57 47.71
N ARG A 487 -5.13 -1.57 47.51
CA ARG A 487 -4.90 -2.57 46.47
C ARG A 487 -5.20 -2.06 45.08
N VAL A 488 -5.97 -0.97 44.95
CA VAL A 488 -6.33 -0.47 43.64
C VAL A 488 -5.11 0.12 42.95
N ALA A 489 -4.89 -0.29 41.70
CA ALA A 489 -3.77 0.19 40.90
C ALA A 489 -4.21 0.98 39.68
N GLY A 490 -5.46 0.87 39.25
CA GLY A 490 -5.94 1.62 38.11
C GLY A 490 -7.40 1.95 38.28
N ALA A 491 -7.82 3.08 37.72
CA ALA A 491 -9.20 3.54 37.84
C ALA A 491 -9.61 4.24 36.56
N CYS A 492 -10.90 4.16 36.25
CA CYS A 492 -11.47 4.84 35.09
C CYS A 492 -12.78 5.48 35.50
N GLY A 493 -13.19 6.49 34.72
CA GLY A 493 -14.40 7.22 35.02
C GLY A 493 -15.34 7.22 33.83
N GLU A 494 -16.59 7.60 34.12
CA GLU A 494 -17.63 7.61 33.10
C GLU A 494 -17.30 8.64 32.02
N ILE A 495 -17.47 8.22 30.77
CA ILE A 495 -17.20 9.09 29.62
C ILE A 495 -18.52 9.31 28.91
N THR A 496 -18.83 10.57 28.61
CA THR A 496 -20.11 10.94 28.04
C THR A 496 -19.90 11.66 26.71
N THR A 497 -20.94 11.64 25.88
CA THR A 497 -20.90 12.29 24.58
C THR A 497 -21.77 13.53 24.64
N SER A 498 -21.24 14.67 24.20
CA SER A 498 -22.01 15.90 24.22
C SER A 498 -23.07 15.89 23.13
N LEU A 499 -24.29 16.30 23.49
CA LEU A 499 -25.40 16.37 22.56
C LEU A 499 -26.03 17.75 22.58
N LYS A 500 -25.20 18.79 22.74
CA LYS A 500 -25.71 20.13 22.94
C LYS A 500 -26.43 20.65 21.70
N LYS A 501 -25.72 20.78 20.60
CA LYS A 501 -26.21 21.38 19.36
C LYS A 501 -26.28 20.33 18.23
N ARG A 502 -26.74 19.13 18.58
CA ARG A 502 -26.81 18.02 17.63
C ARG A 502 -28.22 17.46 17.72
N GLN A 503 -28.88 17.31 16.58
CA GLN A 503 -30.26 16.87 16.58
C GLN A 503 -30.35 15.34 16.62
N MET A 504 -31.54 14.86 16.98
CA MET A 504 -31.77 13.42 17.03
C MET A 504 -31.74 12.81 15.64
N ILE A 505 -32.40 13.45 14.69
CA ILE A 505 -32.54 12.87 13.35
C ILE A 505 -31.38 13.28 12.45
N THR A 506 -30.85 14.48 12.61
CA THR A 506 -29.77 14.94 11.73
C THR A 506 -28.46 14.21 11.97
N ASN A 507 -28.26 13.67 13.17
CA ASN A 507 -27.01 13.02 13.55
C ASN A 507 -27.30 11.65 14.15
N PRO A 508 -27.70 10.68 13.33
CA PRO A 508 -27.91 9.33 13.87
C PRO A 508 -26.66 8.73 14.48
N LEU A 509 -25.50 8.99 13.87
CA LEU A 509 -24.27 8.35 14.34
C LEU A 509 -23.89 8.82 15.73
N VAL A 510 -24.03 10.13 16.01
CA VAL A 510 -23.70 10.64 17.33
C VAL A 510 -24.56 9.99 18.40
N TYR A 511 -25.87 9.86 18.14
CA TYR A 511 -26.76 9.28 19.14
C TYR A 511 -26.53 7.78 19.29
N GLY A 512 -26.19 7.10 18.19
CA GLY A 512 -25.81 5.70 18.32
C GLY A 512 -24.59 5.52 19.19
N GLN A 513 -23.58 6.38 19.01
CA GLN A 513 -22.40 6.33 19.87
C GLN A 513 -22.76 6.66 21.31
N ASN A 514 -23.69 7.60 21.52
CA ASN A 514 -24.13 7.91 22.88
C ASN A 514 -24.73 6.68 23.55
N PHE A 515 -25.60 5.97 22.84
CA PHE A 515 -26.20 4.76 23.39
C PHE A 515 -25.13 3.72 23.69
N GLU A 516 -24.18 3.53 22.78
CA GLU A 516 -23.12 2.56 23.01
C GLU A 516 -22.32 2.90 24.27
N TYR A 517 -21.95 4.17 24.43
CA TYR A 517 -21.18 4.58 25.59
C TYR A 517 -21.98 4.38 26.87
N LYS A 518 -23.26 4.73 26.87
CA LYS A 518 -24.08 4.59 28.07
C LYS A 518 -24.20 3.12 28.46
N ILE A 519 -24.48 2.25 27.49
CA ILE A 519 -24.61 0.84 27.80
C ILE A 519 -23.30 0.27 28.31
N SER A 520 -22.18 0.66 27.69
CA SER A 520 -20.89 0.20 28.19
C SER A 520 -20.71 0.58 29.65
N ASN A 521 -20.85 1.87 29.96
CA ASN A 521 -20.64 2.32 31.34
C ASN A 521 -21.64 1.72 32.32
N ILE A 522 -22.82 1.31 31.85
CA ILE A 522 -23.83 0.80 32.77
C ILE A 522 -23.71 -0.71 33.00
N LEU A 523 -23.22 -1.47 32.02
CA LEU A 523 -23.18 -2.93 32.13
C LEU A 523 -21.77 -3.49 32.14
N ASP A 524 -20.91 -3.09 31.20
CA ASP A 524 -19.61 -3.74 31.08
C ASP A 524 -18.66 -3.31 32.19
N LYS A 525 -18.47 -2.01 32.35
CA LYS A 525 -17.52 -1.52 33.35
C LYS A 525 -17.87 -1.99 34.76
N PRO A 526 -19.10 -1.86 35.23
CA PRO A 526 -19.40 -2.29 36.62
C PRO A 526 -19.14 -3.76 36.86
N THR A 527 -19.48 -4.65 35.93
CA THR A 527 -19.24 -6.07 36.13
C THR A 527 -17.75 -6.36 36.24
N GLU A 528 -16.97 -5.81 35.31
CA GLU A 528 -15.53 -6.03 35.32
C GLU A 528 -14.91 -5.46 36.59
N SER A 529 -15.38 -4.31 37.05
CA SER A 529 -14.90 -3.77 38.32
C SER A 529 -15.23 -4.70 39.47
N SER A 530 -16.43 -5.27 39.47
CA SER A 530 -16.81 -6.20 40.53
C SER A 530 -15.89 -7.39 40.55
N PHE A 531 -15.55 -7.92 39.36
CA PHE A 531 -14.61 -9.04 39.30
C PHE A 531 -13.18 -8.62 39.60
N GLY A 532 -12.87 -7.34 39.53
CA GLY A 532 -11.55 -6.84 39.85
C GLY A 532 -10.61 -6.69 38.67
N PHE A 533 -11.03 -7.07 37.46
CA PHE A 533 -10.20 -6.98 36.27
C PHE A 533 -10.98 -6.29 35.17
N ILE A 534 -10.50 -5.13 34.72
CA ILE A 534 -11.12 -4.38 33.64
C ILE A 534 -10.28 -4.57 32.38
N SER A 535 -10.94 -5.01 31.30
CA SER A 535 -10.20 -5.31 30.08
C SER A 535 -9.50 -4.07 29.52
N VAL A 536 -10.19 -2.93 29.52
CA VAL A 536 -9.65 -1.70 28.95
C VAL A 536 -9.96 -0.55 29.89
N LEU A 537 -8.93 0.27 30.17
CA LEU A 537 -9.13 1.52 30.86
C LEU A 537 -9.03 2.65 29.85
N PRO A 538 -10.07 3.45 29.64
CA PRO A 538 -10.02 4.43 28.55
C PRO A 538 -8.80 5.33 28.68
N GLY A 539 -8.08 5.48 27.56
CA GLY A 539 -6.93 6.37 27.56
C GLY A 539 -7.32 7.83 27.64
N ALA A 540 -8.53 8.16 27.20
CA ALA A 540 -8.97 9.55 27.27
C ALA A 540 -9.13 10.01 28.71
N PHE A 541 -9.52 9.12 29.63
CA PHE A 541 -9.73 9.52 31.02
C PHE A 541 -9.51 8.29 31.89
N SER A 542 -8.38 8.25 32.60
CA SER A 542 -8.05 7.14 33.47
C SER A 542 -7.00 7.62 34.48
N ALA A 543 -6.63 6.73 35.39
CA ALA A 543 -5.61 7.05 36.39
C ALA A 543 -4.92 5.76 36.81
N TYR A 544 -3.62 5.86 37.07
CA TYR A 544 -2.79 4.72 37.45
C TYR A 544 -1.96 5.09 38.66
N ARG A 545 -1.71 4.10 39.52
CA ARG A 545 -0.80 4.26 40.64
C ARG A 545 0.63 4.06 40.17
N PHE A 546 1.49 5.04 40.43
CA PHE A 546 2.81 5.04 39.81
C PHE A 546 3.65 3.85 40.27
N ILE A 547 3.62 3.53 41.56
CA ILE A 547 4.47 2.45 42.07
C ILE A 547 4.07 1.12 41.46
N ALA A 548 2.78 0.92 41.21
CA ALA A 548 2.33 -0.36 40.66
C ALA A 548 2.92 -0.62 39.28
N LEU A 549 3.16 0.43 38.51
CA LEU A 549 3.66 0.28 37.15
C LEU A 549 5.16 0.04 37.07
N GLN A 550 5.90 0.23 38.17
CA GLN A 550 7.35 0.11 38.12
C GLN A 550 7.76 -1.32 37.79
N ASN A 551 8.82 -1.45 36.99
CA ASN A 551 9.30 -2.76 36.60
C ASN A 551 10.05 -3.41 37.75
N ASP A 552 10.26 -4.72 37.62
CA ASP A 552 11.00 -5.48 38.61
C ASP A 552 12.50 -5.28 38.43
N ILE A 553 13.27 -5.79 39.39
CA ILE A 553 14.72 -5.68 39.31
C ILE A 553 15.25 -6.42 38.08
N ASN A 554 14.63 -7.56 37.76
CA ASN A 554 15.05 -8.30 36.57
C ASN A 554 14.85 -7.50 35.29
N GLY A 555 14.01 -6.46 35.33
CA GLY A 555 13.75 -5.64 34.16
C GLY A 555 12.45 -5.93 33.44
N VAL A 556 11.67 -6.90 33.90
CA VAL A 556 10.39 -7.24 33.30
C VAL A 556 9.27 -6.64 34.14
N GLY A 557 8.34 -5.97 33.48
CA GLY A 557 7.23 -5.32 34.15
C GLY A 557 6.23 -4.77 33.17
N PRO A 558 5.10 -4.25 33.68
CA PRO A 558 4.07 -3.73 32.78
C PRO A 558 4.57 -2.64 31.85
N LEU A 559 5.41 -1.73 32.35
CA LEU A 559 5.90 -0.64 31.49
C LEU A 559 6.81 -1.17 30.40
N GLU A 560 7.65 -2.16 30.70
CA GLU A 560 8.50 -2.74 29.68
C GLU A 560 7.65 -3.37 28.56
N LYS A 561 6.63 -4.13 28.94
CA LYS A 561 5.74 -4.71 27.95
C LYS A 561 5.06 -3.63 27.12
N TYR A 562 4.59 -2.57 27.76
CA TYR A 562 3.88 -1.52 27.03
C TYR A 562 4.80 -0.80 26.06
N PHE A 563 6.03 -0.51 26.49
CA PHE A 563 6.96 0.26 25.66
C PHE A 563 7.60 -0.57 24.55
N LYS A 564 7.70 -1.89 24.72
CA LYS A 564 8.34 -2.70 23.70
C LYS A 564 7.64 -2.58 22.36
N GLY A 565 6.34 -2.30 22.37
CA GLY A 565 5.60 -2.23 21.12
C GLY A 565 6.12 -1.13 20.21
N GLU A 566 6.44 0.03 20.78
CA GLU A 566 6.95 1.14 19.98
C GLU A 566 8.22 0.75 19.25
N PHE A 567 9.17 0.15 19.96
CA PHE A 567 10.45 -0.19 19.34
C PHE A 567 10.31 -1.31 18.32
N LEU A 568 9.50 -2.32 18.63
CA LEU A 568 9.36 -3.44 17.70
C LEU A 568 8.58 -3.04 16.45
N HIS A 569 7.53 -2.24 16.60
CA HIS A 569 6.68 -1.84 15.47
C HIS A 569 7.21 -0.54 14.88
N SER A 570 8.29 -0.66 14.11
CA SER A 570 8.88 0.48 13.44
C SER A 570 9.90 -0.02 12.43
N SER A 571 10.30 0.86 11.53
CA SER A 571 11.33 0.52 10.55
C SER A 571 12.64 0.21 11.25
N GLY A 572 13.32 -0.84 10.81
CA GLY A 572 14.58 -1.21 11.43
C GLY A 572 15.74 -0.39 10.92
N GLU A 573 15.60 0.93 10.98
CA GLU A 573 16.62 1.87 10.54
C GLU A 573 16.96 2.77 11.72
N LEU A 574 17.99 2.39 12.48
CA LEU A 574 18.42 3.12 13.66
C LEU A 574 19.55 4.07 13.29
N ASP A 575 19.41 5.33 13.67
CA ASP A 575 20.46 6.31 13.43
C ASP A 575 21.61 6.08 14.42
N PRO A 576 22.85 5.89 13.96
CA PRO A 576 23.94 5.64 14.92
C PRO A 576 24.21 6.81 15.85
N ASN A 577 23.78 8.03 15.49
CA ASN A 577 24.05 9.19 16.31
C ASN A 577 23.10 9.32 17.50
N ASP A 578 22.00 8.58 17.52
CA ASP A 578 21.08 8.64 18.65
C ASP A 578 21.76 8.12 19.92
N ASP A 579 21.48 8.78 21.03
CA ASP A 579 22.04 8.33 22.30
C ASP A 579 21.33 7.11 22.86
N GLU A 580 20.13 6.80 22.35
CA GLU A 580 19.42 5.58 22.70
C GLU A 580 19.68 4.47 21.71
N PHE A 581 20.74 4.59 20.90
CA PHE A 581 21.02 3.58 19.89
C PHE A 581 21.27 2.22 20.53
N GLN A 582 22.01 2.19 21.65
CA GLN A 582 22.33 0.92 22.28
C GLN A 582 21.06 0.20 22.75
N MET A 583 20.15 0.92 23.40
CA MET A 583 18.93 0.30 23.91
C MET A 583 18.10 -0.27 22.76
N LYS A 584 17.86 0.54 21.73
CA LYS A 584 17.03 0.09 20.62
C LYS A 584 17.69 -1.08 19.90
N HIS A 585 19.00 -1.01 19.68
CA HIS A 585 19.69 -2.10 19.01
C HIS A 585 19.61 -3.38 19.81
N LEU A 586 19.80 -3.31 21.13
CA LEU A 586 19.69 -4.50 21.95
C LEU A 586 18.27 -5.08 21.91
N MET A 587 17.25 -4.22 22.01
CA MET A 587 15.88 -4.72 21.98
C MET A 587 15.54 -5.37 20.65
N LEU A 588 15.90 -4.72 19.54
CA LEU A 588 15.64 -5.30 18.22
C LEU A 588 16.45 -6.59 17.98
N LYS A 589 17.67 -6.65 18.52
CA LYS A 589 18.49 -7.84 18.33
C LYS A 589 17.94 -9.04 19.10
N GLU A 590 17.11 -8.80 20.11
CA GLU A 590 16.54 -9.87 20.90
C GLU A 590 15.51 -10.65 20.10
N GLU A 591 15.40 -11.95 20.39
CA GLU A 591 14.43 -12.79 19.70
C GLU A 591 13.03 -12.52 20.23
N ALA A 592 12.14 -12.08 19.33
CA ALA A 592 10.77 -11.69 19.66
C ALA A 592 9.81 -12.70 19.06
N GLY A 593 8.86 -13.18 19.88
CA GLY A 593 7.83 -14.06 19.41
C GLY A 593 6.67 -13.32 18.79
N ILE A 594 5.60 -14.08 18.53
CA ILE A 594 4.40 -13.49 17.93
C ILE A 594 3.79 -12.43 18.83
N PHE A 595 3.56 -12.78 20.10
CA PHE A 595 2.91 -11.83 21.01
C PHE A 595 3.79 -10.60 21.26
N THR A 596 5.09 -10.81 21.50
CA THR A 596 5.97 -9.68 21.79
C THR A 596 6.07 -8.72 20.61
N SER A 597 6.16 -9.24 19.39
CA SER A 597 6.29 -8.39 18.21
C SER A 597 4.98 -7.77 17.78
N ASN A 598 3.84 -8.21 18.32
CA ASN A 598 2.54 -7.64 17.99
C ASN A 598 1.91 -6.92 19.17
N MET A 599 2.67 -6.65 20.23
CA MET A 599 2.14 -5.91 21.37
C MET A 599 1.51 -4.59 20.95
N TYR A 600 1.98 -3.99 19.86
CA TYR A 600 1.53 -2.66 19.51
C TYR A 600 0.02 -2.58 19.33
N LEU A 601 -0.64 -3.71 19.03
CA LEU A 601 -2.09 -3.68 18.88
C LEU A 601 -2.77 -3.39 20.21
N ALA A 602 -2.30 -4.02 21.29
CA ALA A 602 -2.96 -3.89 22.58
C ALA A 602 -2.90 -2.45 23.10
N GLU A 603 -1.73 -1.83 23.05
CA GLU A 603 -1.55 -0.47 23.58
C GLU A 603 -1.84 -0.51 25.09
N ASP A 604 -2.49 0.51 25.64
CA ASP A 604 -2.71 0.59 27.09
C ASP A 604 -3.37 -0.65 27.65
N ARG A 605 -4.19 -1.33 26.85
CA ARG A 605 -4.90 -2.51 27.33
C ARG A 605 -3.97 -3.49 28.02
N ILE A 606 -2.79 -3.73 27.45
CA ILE A 606 -1.87 -4.72 28.02
C ILE A 606 -1.60 -4.42 29.49
N LEU A 607 -1.37 -3.15 29.81
CA LEU A 607 -1.04 -2.76 31.18
C LEU A 607 -2.02 -3.37 32.18
N CYS A 608 -3.33 -3.27 31.90
CA CYS A 608 -4.30 -3.74 32.87
C CYS A 608 -4.00 -5.18 33.27
N PHE A 609 -3.88 -6.07 32.28
CA PHE A 609 -3.61 -7.47 32.58
C PHE A 609 -2.31 -7.58 33.36
N GLU A 610 -1.25 -6.93 32.86
CA GLU A 610 0.04 -7.09 33.52
C GLU A 610 -0.03 -6.62 34.97
N LEU A 611 -0.96 -5.72 35.28
CA LEU A 611 -1.12 -5.24 36.64
C LEU A 611 -1.84 -6.25 37.51
N VAL A 612 -2.86 -6.90 36.96
CA VAL A 612 -3.64 -7.85 37.77
C VAL A 612 -2.83 -9.13 38.00
N ALA A 613 -2.22 -9.65 36.95
CA ALA A 613 -1.48 -10.91 37.02
C ALA A 613 0.01 -10.67 37.22
N LYS A 614 0.34 -10.00 38.33
CA LYS A 614 1.74 -9.82 38.68
C LYS A 614 2.27 -11.05 39.43
N ARG A 615 3.59 -11.16 39.49
CA ARG A 615 4.22 -12.36 40.03
C ARG A 615 3.88 -12.56 41.49
N GLY A 616 3.98 -11.50 42.29
CA GLY A 616 3.74 -11.62 43.71
C GLY A 616 3.03 -10.43 44.31
N CYS A 617 2.39 -9.63 43.48
CA CYS A 617 1.70 -8.42 43.91
C CYS A 617 0.19 -8.63 43.88
N ASN A 618 -0.50 -7.85 44.70
CA ASN A 618 -1.95 -7.90 44.82
C ASN A 618 -2.51 -6.55 44.37
N TRP A 619 -2.92 -6.47 43.11
CA TRP A 619 -3.43 -5.23 42.53
C TRP A 619 -4.81 -5.48 41.93
N LEU A 620 -5.63 -4.43 41.92
CA LEU A 620 -6.98 -4.51 41.38
C LEU A 620 -7.26 -3.28 40.55
N LEU A 621 -8.20 -3.41 39.62
CA LEU A 621 -8.67 -2.33 38.78
C LEU A 621 -10.12 -2.04 39.13
N ARG A 622 -10.44 -0.76 39.34
CA ARG A 622 -11.75 -0.36 39.83
C ARG A 622 -12.32 0.74 38.95
N TYR A 623 -13.65 0.71 38.79
CA TYR A 623 -14.37 1.72 38.03
C TYR A 623 -15.28 2.50 38.97
N CYS A 624 -15.24 3.82 38.89
CA CYS A 624 -16.05 4.70 39.72
C CYS A 624 -16.98 5.50 38.84
N LYS A 625 -18.28 5.50 39.17
CA LYS A 625 -19.27 6.24 38.41
C LYS A 625 -19.41 7.68 38.88
N SER A 626 -18.79 8.04 40.01
CA SER A 626 -18.84 9.42 40.46
C SER A 626 -18.03 10.34 39.56
N ALA A 627 -16.93 9.84 39.00
CA ALA A 627 -16.11 10.62 38.09
C ALA A 627 -16.70 10.59 36.69
N ARG A 628 -16.89 11.77 36.10
CA ARG A 628 -17.48 11.91 34.78
C ARG A 628 -16.64 12.84 33.94
N ALA A 629 -16.52 12.53 32.65
CA ALA A 629 -15.80 13.35 31.70
C ALA A 629 -16.55 13.35 30.38
N GLU A 630 -16.58 14.50 29.72
CA GLU A 630 -17.33 14.68 28.49
C GLU A 630 -16.33 14.83 27.34
N THR A 631 -16.59 14.13 26.25
CA THR A 631 -15.70 14.15 25.09
C THR A 631 -16.53 14.26 23.82
N ASP A 632 -15.87 14.74 22.76
CA ASP A 632 -16.52 14.88 21.46
C ASP A 632 -16.25 13.66 20.62
N VAL A 633 -17.32 13.06 20.09
CA VAL A 633 -17.23 11.86 19.27
C VAL A 633 -17.06 12.26 17.82
N PRO A 634 -16.49 11.41 16.96
CA PRO A 634 -16.33 11.78 15.54
C PRO A 634 -17.68 11.77 14.84
N GLU A 635 -18.05 12.93 14.28
CA GLU A 635 -19.32 13.03 13.56
C GLU A 635 -19.24 12.37 12.19
N GLY A 636 -18.10 12.51 11.51
CA GLY A 636 -17.96 11.95 10.18
C GLY A 636 -17.85 10.44 10.21
N LEU A 637 -18.23 9.82 9.10
CA LEU A 637 -18.17 8.36 9.01
C LEU A 637 -16.73 7.88 8.86
N ALA A 638 -15.93 8.58 8.05
CA ALA A 638 -14.55 8.16 7.84
C ALA A 638 -13.75 8.23 9.13
N GLU A 639 -13.90 9.32 9.87
CA GLU A 639 -13.20 9.46 11.15
C GLU A 639 -13.66 8.39 12.13
N PHE A 640 -14.96 8.09 12.14
CA PHE A 640 -15.47 7.05 13.03
C PHE A 640 -14.86 5.69 12.69
N ILE A 641 -14.77 5.36 11.41
CA ILE A 641 -14.16 4.09 10.99
C ILE A 641 -12.70 4.05 11.41
N LEU A 642 -11.98 5.15 11.19
CA LEU A 642 -10.56 5.18 11.54
C LEU A 642 -10.37 5.01 13.04
N GLN A 643 -11.23 5.65 13.84
CA GLN A 643 -11.15 5.50 15.28
C GLN A 643 -11.42 4.06 15.70
N ARG A 644 -12.46 3.43 15.13
CA ARG A 644 -12.81 2.08 15.53
C ARG A 644 -11.81 1.04 15.08
N ARG A 645 -11.01 1.32 14.04
CA ARG A 645 -10.02 0.35 13.60
C ARG A 645 -9.16 -0.10 14.77
N ARG A 646 -8.46 0.86 15.39
CA ARG A 646 -7.53 0.52 16.44
C ARG A 646 -8.23 0.03 17.70
N TRP A 647 -9.44 0.52 17.99
CA TRP A 647 -10.18 -0.01 19.12
C TRP A 647 -10.45 -1.49 18.96
N LEU A 648 -10.96 -1.90 17.79
CA LEU A 648 -11.26 -3.31 17.56
C LEU A 648 -10.00 -4.16 17.58
N ASN A 649 -8.95 -3.70 16.90
CA ASN A 649 -7.71 -4.49 16.89
C ASN A 649 -7.17 -4.67 18.29
N GLY A 650 -7.14 -3.60 19.09
CA GLY A 650 -6.65 -3.72 20.44
C GLY A 650 -7.50 -4.63 21.30
N SER A 651 -8.83 -4.51 21.20
CA SER A 651 -9.70 -5.38 21.99
C SER A 651 -9.45 -6.84 21.65
N PHE A 652 -9.42 -7.18 20.37
CA PHE A 652 -9.19 -8.57 19.97
C PHE A 652 -7.85 -9.08 20.47
N PHE A 653 -6.78 -8.33 20.22
CA PHE A 653 -5.46 -8.82 20.61
C PHE A 653 -5.34 -8.94 22.13
N ALA A 654 -5.87 -7.96 22.87
CA ALA A 654 -5.80 -8.04 24.32
C ALA A 654 -6.56 -9.24 24.84
N ALA A 655 -7.75 -9.50 24.30
CA ALA A 655 -8.50 -10.67 24.73
C ALA A 655 -7.73 -11.95 24.47
N ILE A 656 -7.16 -12.07 23.26
CA ILE A 656 -6.40 -13.28 22.93
C ILE A 656 -5.22 -13.44 23.88
N TYR A 657 -4.46 -12.36 24.08
CA TYR A 657 -3.28 -12.44 24.93
C TYR A 657 -3.63 -12.81 26.36
N SER A 658 -4.69 -12.21 26.90
CA SER A 658 -5.09 -12.52 28.27
C SER A 658 -5.55 -13.96 28.39
N LEU A 659 -6.33 -14.44 27.42
CA LEU A 659 -6.83 -15.82 27.50
C LEU A 659 -5.70 -16.83 27.38
N VAL A 660 -4.74 -16.58 26.50
CA VAL A 660 -3.65 -17.54 26.33
C VAL A 660 -2.81 -17.62 27.60
N HIS A 661 -2.52 -16.48 28.23
CA HIS A 661 -1.67 -16.43 29.41
C HIS A 661 -2.47 -16.36 30.70
N PHE A 662 -3.62 -17.04 30.75
CA PHE A 662 -4.45 -16.98 31.95
C PHE A 662 -3.77 -17.59 33.16
N TYR A 663 -2.77 -18.45 32.96
CA TYR A 663 -2.13 -19.13 34.09
C TYR A 663 -1.26 -18.20 34.91
N LYS A 664 -0.86 -17.05 34.36
CA LYS A 664 0.03 -16.15 35.09
C LYS A 664 -0.59 -15.66 36.40
N VAL A 665 -1.91 -15.70 36.52
CA VAL A 665 -2.56 -15.26 37.74
C VAL A 665 -2.40 -16.26 38.88
N TRP A 666 -1.97 -17.49 38.58
CA TRP A 666 -1.80 -18.48 39.63
C TRP A 666 -0.75 -18.03 40.64
N THR A 667 0.37 -17.49 40.17
CA THR A 667 1.45 -17.08 41.07
C THR A 667 1.17 -15.77 41.79
N SER A 668 0.20 -14.99 41.34
CA SER A 668 -0.09 -13.72 41.99
C SER A 668 -0.62 -13.96 43.40
N SER A 669 -0.31 -13.04 44.30
CA SER A 669 -0.70 -13.15 45.70
C SER A 669 -2.11 -12.59 45.90
N HIS A 670 -3.09 -13.38 45.45
CA HIS A 670 -4.50 -13.08 45.60
C HIS A 670 -5.15 -14.16 46.44
N SER A 671 -6.28 -13.81 47.05
CA SER A 671 -7.05 -14.81 47.79
C SER A 671 -7.55 -15.88 46.83
N PHE A 672 -7.73 -17.09 47.36
CA PHE A 672 -8.14 -18.21 46.51
C PHE A 672 -9.48 -17.93 45.83
N GLY A 673 -10.44 -17.41 46.59
CA GLY A 673 -11.72 -17.05 45.99
C GLY A 673 -11.57 -15.99 44.91
N ARG A 674 -10.67 -15.04 45.12
CA ARG A 674 -10.41 -14.04 44.09
C ARG A 674 -9.93 -14.70 42.80
N LYS A 675 -9.04 -15.67 42.92
CA LYS A 675 -8.56 -16.38 41.73
C LYS A 675 -9.70 -17.15 41.06
N ILE A 676 -10.58 -17.77 41.85
CA ILE A 676 -11.71 -18.49 41.28
C ILE A 676 -12.60 -17.55 40.48
N PHE A 677 -12.91 -16.39 41.05
CA PHE A 677 -13.77 -15.45 40.34
C PHE A 677 -13.07 -14.85 39.12
N LEU A 678 -11.75 -14.65 39.20
CA LEU A 678 -11.02 -14.19 38.03
C LEU A 678 -11.09 -15.23 36.91
N HIS A 679 -11.02 -16.52 37.27
CA HIS A 679 -11.17 -17.56 36.26
C HIS A 679 -12.57 -17.56 35.66
N ILE A 680 -13.59 -17.31 36.48
CA ILE A 680 -14.95 -17.19 35.94
C ILE A 680 -15.01 -16.05 34.94
N GLU A 681 -14.39 -14.91 35.27
CA GLU A 681 -14.38 -13.79 34.33
C GLU A 681 -13.63 -14.15 33.05
N PHE A 682 -12.53 -14.89 33.17
CA PHE A 682 -11.81 -15.31 31.97
C PHE A 682 -12.67 -16.20 31.09
N PHE A 683 -13.44 -17.09 31.71
CA PHE A 683 -14.35 -17.94 30.93
C PHE A 683 -15.40 -17.09 30.21
N TYR A 684 -15.95 -16.09 30.91
CA TYR A 684 -16.91 -15.20 30.26
C TYR A 684 -16.28 -14.46 29.08
N GLN A 685 -15.05 -13.99 29.26
CA GLN A 685 -14.36 -13.27 28.19
C GLN A 685 -14.08 -14.20 27.01
N LEU A 686 -13.77 -15.47 27.29
CA LEU A 686 -13.59 -16.43 26.21
C LEU A 686 -14.88 -16.60 25.42
N ILE A 687 -16.01 -16.73 26.11
CA ILE A 687 -17.29 -16.83 25.40
C ILE A 687 -17.54 -15.59 24.57
N ASN A 688 -17.27 -14.42 25.13
CA ASN A 688 -17.48 -13.18 24.40
C ASN A 688 -16.61 -13.11 23.15
N LEU A 689 -15.34 -13.53 23.27
CA LEU A 689 -14.46 -13.54 22.11
C LEU A 689 -14.96 -14.49 21.05
N ILE A 690 -15.42 -15.68 21.45
CA ILE A 690 -15.93 -16.63 20.47
C ILE A 690 -17.14 -16.04 19.75
N VAL A 691 -18.04 -15.40 20.50
CA VAL A 691 -19.22 -14.80 19.87
C VAL A 691 -18.80 -13.69 18.91
N SER A 692 -17.82 -12.89 19.31
CA SER A 692 -17.43 -11.75 18.48
C SER A 692 -16.68 -12.17 17.23
N TRP A 693 -15.96 -13.30 17.28
CA TRP A 693 -15.22 -13.75 16.11
C TRP A 693 -16.16 -14.17 14.99
N PHE A 694 -17.29 -14.80 15.33
CA PHE A 694 -18.28 -15.27 14.37
C PHE A 694 -19.43 -14.30 14.19
N SER A 695 -19.19 -13.00 14.37
CA SER A 695 -20.27 -12.02 14.29
C SER A 695 -20.80 -11.89 12.87
N ILE A 696 -19.90 -11.74 11.90
CA ILE A 696 -20.32 -11.51 10.52
C ILE A 696 -21.07 -12.72 9.98
N GLY A 697 -20.54 -13.92 10.23
CA GLY A 697 -21.24 -15.12 9.78
C GLY A 697 -22.59 -15.30 10.44
N SER A 698 -22.67 -15.03 11.75
CA SER A 698 -23.95 -15.13 12.44
C SER A 698 -24.96 -14.13 11.89
N TYR A 699 -24.52 -12.91 11.62
CA TYR A 699 -25.42 -11.91 11.05
C TYR A 699 -25.93 -12.36 9.69
N PHE A 700 -25.04 -12.85 8.83
CA PHE A 700 -25.49 -13.31 7.52
C PHE A 700 -26.47 -14.47 7.66
N LEU A 701 -26.18 -15.42 8.56
CA LEU A 701 -27.06 -16.57 8.72
C LEU A 701 -28.44 -16.14 9.19
N VAL A 702 -28.49 -15.25 10.19
CA VAL A 702 -29.78 -14.80 10.69
C VAL A 702 -30.55 -14.09 9.58
N PHE A 703 -29.88 -13.21 8.84
CA PHE A 703 -30.55 -12.50 7.75
C PHE A 703 -31.11 -13.48 6.72
N ARG A 704 -30.29 -14.45 6.31
CA ARG A 704 -30.72 -15.39 5.29
C ARG A 704 -31.91 -16.22 5.78
N ILE A 705 -31.84 -16.71 7.01
CA ILE A 705 -32.93 -17.53 7.54
C ILE A 705 -34.21 -16.72 7.60
N LEU A 706 -34.15 -15.51 8.16
CA LEU A 706 -35.37 -14.72 8.30
C LEU A 706 -35.95 -14.35 6.95
N THR A 707 -35.10 -13.96 5.98
CA THR A 707 -35.62 -13.57 4.68
C THR A 707 -36.21 -14.76 3.93
N THR A 708 -35.56 -15.93 4.00
CA THR A 708 -36.08 -17.09 3.31
C THR A 708 -37.36 -17.61 3.95
N SER A 709 -37.51 -17.46 5.27
CA SER A 709 -38.73 -17.92 5.92
C SER A 709 -39.97 -17.22 5.37
N LEU A 710 -39.83 -15.95 4.96
CA LEU A 710 -40.96 -15.26 4.34
C LEU A 710 -41.32 -15.82 2.98
N GLY A 711 -40.39 -16.52 2.33
CA GLY A 711 -40.69 -17.12 1.04
C GLY A 711 -41.61 -18.32 1.11
N ASP A 712 -41.77 -18.91 2.29
CA ASP A 712 -42.64 -20.07 2.44
C ASP A 712 -44.06 -19.70 2.04
N LYS A 713 -44.69 -20.56 1.24
CA LYS A 713 -46.05 -20.31 0.80
C LYS A 713 -47.08 -20.44 1.92
N ALA A 714 -46.70 -21.02 3.05
CA ALA A 714 -47.65 -21.19 4.14
C ALA A 714 -48.18 -19.84 4.61
N LEU A 715 -47.29 -18.88 4.82
CA LEU A 715 -47.68 -17.53 5.17
C LEU A 715 -47.97 -16.72 3.91
N GLY A 716 -48.92 -15.80 4.03
CA GLY A 716 -49.39 -15.05 2.87
C GLY A 716 -48.61 -13.79 2.59
N PHE A 717 -47.39 -13.93 2.09
CA PHE A 717 -46.56 -12.78 1.70
C PHE A 717 -46.03 -13.03 0.30
N ALA A 718 -46.54 -12.27 -0.68
CA ALA A 718 -46.19 -12.53 -2.08
C ALA A 718 -44.78 -12.08 -2.41
N PRO A 719 -44.40 -10.82 -2.20
CA PRO A 719 -43.07 -10.36 -2.65
C PRO A 719 -41.90 -10.99 -1.92
N GLY A 720 -42.13 -11.75 -0.86
CA GLY A 720 -41.05 -12.30 -0.06
C GLY A 720 -39.90 -12.88 -0.85
N LYS A 721 -40.17 -13.79 -1.79
CA LYS A 721 -39.11 -14.46 -2.52
C LYS A 721 -38.22 -13.45 -3.27
N ILE A 722 -38.84 -12.57 -4.05
CA ILE A 722 -38.07 -11.63 -4.86
C ILE A 722 -37.27 -10.71 -3.96
N LEU A 723 -37.89 -10.22 -2.89
CA LEU A 723 -37.16 -9.36 -1.96
C LEU A 723 -35.96 -10.09 -1.36
N SER A 724 -36.14 -11.36 -0.98
CA SER A 724 -35.02 -12.10 -0.41
C SER A 724 -33.88 -12.22 -1.42
N VAL A 725 -34.20 -12.54 -2.68
CA VAL A 725 -33.15 -12.65 -3.69
C VAL A 725 -32.42 -11.32 -3.86
N ILE A 726 -33.18 -10.22 -3.98
CA ILE A 726 -32.55 -8.92 -4.19
C ILE A 726 -31.67 -8.56 -3.01
N PHE A 727 -32.16 -8.77 -1.78
CA PHE A 727 -31.37 -8.46 -0.61
C PHE A 727 -30.12 -9.31 -0.54
N LEU A 728 -30.20 -10.58 -0.92
CA LEU A 728 -29.01 -11.42 -0.95
C LEU A 728 -27.97 -10.84 -1.89
N TRP A 729 -28.39 -10.48 -3.11
CA TRP A 729 -27.44 -9.92 -4.06
C TRP A 729 -26.82 -8.63 -3.53
N LEU A 730 -27.63 -7.75 -2.98
CA LEU A 730 -27.10 -6.49 -2.44
C LEU A 730 -26.14 -6.74 -1.29
N TYR A 731 -26.47 -7.69 -0.41
CA TYR A 731 -25.60 -8.00 0.72
C TYR A 731 -24.25 -8.49 0.24
N LEU A 732 -24.24 -9.44 -0.70
CA LEU A 732 -22.97 -9.94 -1.24
C LEU A 732 -22.17 -8.81 -1.88
N ALA A 733 -22.84 -7.96 -2.68
CA ALA A 733 -22.13 -6.86 -3.33
C ALA A 733 -21.53 -5.93 -2.30
N SER A 734 -22.27 -5.60 -1.24
CA SER A 734 -21.78 -4.69 -0.22
C SER A 734 -20.56 -5.29 0.50
N ILE A 735 -20.62 -6.57 0.85
CA ILE A 735 -19.49 -7.19 1.53
C ILE A 735 -18.25 -7.17 0.65
N VAL A 736 -18.42 -7.53 -0.63
CA VAL A 736 -17.27 -7.60 -1.53
C VAL A 736 -16.67 -6.22 -1.72
N THR A 737 -17.51 -5.21 -1.92
CA THR A 737 -17.00 -3.85 -2.09
C THR A 737 -16.31 -3.36 -0.82
N THR A 738 -16.84 -3.72 0.34
CA THR A 738 -16.21 -3.33 1.59
C THR A 738 -14.80 -3.91 1.67
N PHE A 739 -14.66 -5.19 1.35
CA PHE A 739 -13.33 -5.80 1.37
C PHE A 739 -12.38 -5.10 0.38
N VAL A 740 -12.85 -4.87 -0.84
CA VAL A 740 -12.00 -4.27 -1.86
C VAL A 740 -11.54 -2.88 -1.43
N LEU A 741 -12.48 -2.07 -0.92
CA LEU A 741 -12.10 -0.72 -0.48
C LEU A 741 -11.18 -0.77 0.73
N SER A 742 -11.45 -1.66 1.68
CA SER A 742 -10.60 -1.76 2.87
C SER A 742 -9.16 -2.09 2.48
N PHE A 743 -8.98 -2.92 1.45
CA PHE A 743 -7.61 -3.23 1.03
C PHE A 743 -7.02 -2.12 0.16
N GLY A 744 -7.83 -1.50 -0.68
CA GLY A 744 -7.31 -0.63 -1.72
C GLY A 744 -7.25 0.85 -1.39
N ASN A 745 -8.36 1.44 -0.98
CA ASN A 745 -8.50 2.89 -0.85
C ASN A 745 -8.55 3.30 0.61
N LYS A 746 -8.57 4.64 0.83
CA LYS A 746 -8.64 5.25 2.16
C LYS A 746 -10.06 5.69 2.48
N PRO A 747 -10.49 5.60 3.75
CA PRO A 747 -11.88 5.94 4.06
C PRO A 747 -12.26 7.37 3.70
N LYS A 748 -11.34 8.31 3.87
CA LYS A 748 -11.67 9.72 3.60
C LYS A 748 -12.03 9.93 2.15
N GLY A 749 -11.32 9.27 1.24
CA GLY A 749 -11.58 9.40 -0.18
C GLY A 749 -12.94 8.88 -0.57
N THR A 750 -13.16 7.58 -0.39
CA THR A 750 -14.41 6.92 -0.79
C THR A 750 -15.36 6.81 0.39
N GLU A 751 -15.80 7.96 0.90
CA GLU A 751 -16.75 7.97 2.01
C GLU A 751 -18.18 7.66 1.55
N LYS A 752 -18.54 8.07 0.33
CA LYS A 752 -19.90 7.88 -0.14
C LYS A 752 -20.24 6.40 -0.27
N PHE A 753 -19.27 5.58 -0.66
CA PHE A 753 -19.51 4.14 -0.73
C PHE A 753 -19.89 3.60 0.64
N TYR A 754 -19.15 3.98 1.67
CA TYR A 754 -19.45 3.51 3.02
C TYR A 754 -20.79 4.04 3.49
N VAL A 755 -21.12 5.28 3.16
CA VAL A 755 -22.42 5.84 3.56
C VAL A 755 -23.55 5.02 2.92
N THR A 756 -23.43 4.71 1.63
CA THR A 756 -24.45 3.92 0.95
C THR A 756 -24.57 2.54 1.57
N ILE A 757 -23.44 1.90 1.87
CA ILE A 757 -23.47 0.58 2.47
C ILE A 757 -24.17 0.63 3.83
N VAL A 758 -23.86 1.64 4.64
CA VAL A 758 -24.48 1.76 5.96
C VAL A 758 -25.99 1.95 5.82
N ILE A 759 -26.42 2.80 4.89
CA ILE A 759 -27.85 3.00 4.69
C ILE A 759 -28.53 1.71 4.28
N PHE A 760 -27.92 0.97 3.34
CA PHE A 760 -28.51 -0.29 2.92
C PHE A 760 -28.62 -1.26 4.09
N PHE A 761 -27.58 -1.34 4.92
CA PHE A 761 -27.63 -2.25 6.06
C PHE A 761 -28.71 -1.84 7.05
N ALA A 762 -28.93 -0.54 7.23
CA ALA A 762 -30.01 -0.09 8.11
C ALA A 762 -31.36 -0.52 7.57
N ILE A 763 -31.58 -0.33 6.26
CA ILE A 763 -32.84 -0.76 5.66
C ILE A 763 -33.02 -2.27 5.82
N LEU A 764 -31.94 -3.03 5.61
CA LEU A 764 -32.03 -4.48 5.74
C LEU A 764 -32.36 -4.88 7.17
N MET A 765 -31.79 -4.19 8.16
CA MET A 765 -32.12 -4.50 9.55
C MET A 765 -33.59 -4.23 9.83
N ALA A 766 -34.12 -3.12 9.31
CA ALA A 766 -35.54 -2.87 9.48
C ALA A 766 -36.38 -3.98 8.86
N TYR A 767 -36.02 -4.42 7.66
CA TYR A 767 -36.75 -5.49 7.02
C TYR A 767 -36.67 -6.80 7.82
N MET A 768 -35.50 -7.09 8.39
CA MET A 768 -35.36 -8.29 9.22
C MET A 768 -36.24 -8.22 10.44
N ILE A 769 -36.30 -7.07 11.09
CA ILE A 769 -37.19 -6.92 12.25
C ILE A 769 -38.64 -7.15 11.84
N PHE A 770 -39.05 -6.56 10.72
CA PHE A 770 -40.41 -6.78 10.24
C PHE A 770 -40.68 -8.25 9.98
N ALA A 771 -39.72 -8.94 9.35
CA ALA A 771 -39.90 -10.35 9.06
C ALA A 771 -40.05 -11.18 10.33
N ALA A 772 -39.22 -10.89 11.34
CA ALA A 772 -39.32 -11.63 12.60
C ALA A 772 -40.67 -11.41 13.26
N ILE A 773 -41.14 -10.16 13.28
CA ILE A 773 -42.44 -9.88 13.88
C ILE A 773 -43.54 -10.61 13.12
N PHE A 774 -43.49 -10.58 11.79
CA PHE A 774 -44.49 -11.27 10.99
C PHE A 774 -44.51 -12.76 11.28
N MET A 775 -43.32 -13.37 11.37
CA MET A 775 -43.24 -14.80 11.64
C MET A 775 -43.82 -15.13 13.01
N ALA A 776 -43.50 -14.32 14.02
CA ALA A 776 -44.03 -14.58 15.36
C ALA A 776 -45.55 -14.46 15.39
N VAL A 777 -46.09 -13.43 14.74
CA VAL A 777 -47.54 -13.26 14.69
C VAL A 777 -48.19 -14.44 13.99
N HIS A 778 -47.60 -14.89 12.89
CA HIS A 778 -48.16 -16.05 12.19
C HIS A 778 -48.13 -17.29 13.07
N SER A 779 -47.05 -17.49 13.82
CA SER A 779 -46.98 -18.65 14.70
C SER A 779 -48.05 -18.60 15.78
N ILE A 780 -48.27 -17.42 16.37
CA ILE A 780 -49.31 -17.29 17.38
C ILE A 780 -50.68 -17.57 16.79
N GLN A 781 -50.95 -17.01 15.60
CA GLN A 781 -52.24 -17.27 14.96
C GLN A 781 -52.42 -18.75 14.66
N ASP A 782 -51.35 -19.44 14.28
CA ASP A 782 -51.46 -20.88 14.07
C ASP A 782 -51.70 -21.62 15.38
N ILE A 783 -51.09 -21.15 16.47
CA ILE A 783 -51.38 -21.73 17.79
C ILE A 783 -52.88 -21.66 18.05
N TYR A 784 -53.49 -20.51 17.78
CA TYR A 784 -54.92 -20.22 18.09
C TYR A 784 -55.91 -20.94 17.17
N ARG A 785 -55.83 -20.67 15.86
CA ARG A 785 -56.75 -21.19 14.81
C ARG A 785 -57.15 -22.65 15.05
N SER A 786 -56.18 -23.57 15.13
CA SER A 786 -56.44 -25.02 15.29
C SER A 786 -57.24 -25.29 16.57
N GLY A 787 -56.84 -24.68 17.69
CA GLY A 787 -57.51 -24.83 19.00
C GLY A 787 -56.98 -26.04 19.74
N THR A 788 -56.07 -25.86 20.71
CA THR A 788 -55.45 -26.98 21.48
C THR A 788 -55.45 -26.66 22.98
N ARG A 789 -56.54 -26.13 23.54
CA ARG A 789 -56.61 -25.77 24.99
C ARG A 789 -55.40 -24.89 25.30
N ILE A 790 -55.29 -23.75 24.62
CA ILE A 790 -54.13 -22.82 24.67
C ILE A 790 -53.75 -22.53 26.13
N THR A 791 -52.46 -22.64 26.49
CA THR A 791 -51.88 -22.34 27.83
C THR A 791 -50.46 -21.77 27.61
N VAL A 792 -49.81 -21.25 28.66
CA VAL A 792 -48.49 -20.66 28.57
C VAL A 792 -47.48 -21.70 28.11
N SER A 793 -47.71 -22.96 28.47
CA SER A 793 -46.78 -24.02 28.09
C SER A 793 -46.69 -24.13 26.57
N LEU A 794 -47.82 -24.08 25.87
CA LEU A 794 -47.78 -24.16 24.41
C LEU A 794 -47.05 -22.98 23.81
N PHE A 795 -47.25 -21.79 24.37
CA PHE A 795 -46.54 -20.61 23.89
C PHE A 795 -45.04 -20.78 24.04
N PHE A 796 -44.60 -21.33 25.18
CA PHE A 796 -43.18 -21.57 25.41
C PHE A 796 -42.65 -22.82 24.72
N GLN A 797 -43.52 -23.63 24.11
CA GLN A 797 -43.05 -24.81 23.39
C GLN A 797 -42.85 -24.51 21.91
N ASN A 798 -43.44 -23.44 21.40
CA ASN A 798 -43.31 -23.08 20.00
C ASN A 798 -41.94 -22.46 19.78
N SER A 799 -41.11 -23.11 18.97
CA SER A 799 -39.74 -22.65 18.78
C SER A 799 -39.71 -21.26 18.17
N GLU A 800 -40.52 -21.02 17.14
CA GLU A 800 -40.52 -19.72 16.47
C GLU A 800 -40.81 -18.60 17.46
N PHE A 801 -42.00 -18.62 18.08
CA PHE A 801 -42.37 -17.55 18.99
C PHE A 801 -41.35 -17.41 20.11
N ARG A 802 -41.01 -18.51 20.76
CA ARG A 802 -40.07 -18.45 21.88
C ARG A 802 -38.78 -17.75 21.45
N ASP A 803 -38.05 -18.36 20.52
CA ASP A 803 -36.76 -17.82 20.14
C ASP A 803 -36.87 -16.36 19.69
N LEU A 804 -37.81 -16.08 18.78
CA LEU A 804 -37.82 -14.76 18.15
C LEU A 804 -38.23 -13.67 19.12
N VAL A 805 -39.22 -13.93 19.98
CA VAL A 805 -39.82 -12.88 20.79
C VAL A 805 -39.27 -12.88 22.21
N VAL A 806 -39.30 -14.02 22.90
CA VAL A 806 -39.01 -14.04 24.33
C VAL A 806 -37.58 -13.60 24.59
N ALA A 807 -36.63 -14.13 23.82
CA ALA A 807 -35.22 -13.81 24.05
C ALA A 807 -34.94 -12.33 23.85
N THR A 808 -35.40 -11.79 22.72
CA THR A 808 -35.16 -10.37 22.43
C THR A 808 -35.86 -9.48 23.45
N SER A 809 -37.10 -9.80 23.83
CA SER A 809 -37.80 -9.01 24.81
C SER A 809 -37.09 -9.06 26.15
N SER A 810 -36.58 -10.23 26.53
CA SER A 810 -35.85 -10.35 27.80
C SER A 810 -34.58 -9.51 27.77
N THR A 811 -33.84 -9.54 26.66
CA THR A 811 -32.64 -8.72 26.57
C THR A 811 -32.98 -7.24 26.69
N TYR A 812 -34.02 -6.81 25.98
CA TYR A 812 -34.41 -5.40 26.04
C TYR A 812 -34.86 -5.02 27.45
N ALA A 813 -35.60 -5.91 28.11
CA ALA A 813 -36.04 -5.61 29.47
C ALA A 813 -34.88 -5.51 30.44
N LEU A 814 -33.87 -6.38 30.29
CA LEU A 814 -32.70 -6.29 31.14
C LEU A 814 -31.97 -4.97 30.92
N TYR A 815 -31.80 -4.57 29.65
CA TYR A 815 -31.18 -3.28 29.37
C TYR A 815 -31.98 -2.13 29.98
N PHE A 816 -33.30 -2.21 29.85
CA PHE A 816 -34.17 -1.15 30.37
C PHE A 816 -34.05 -1.04 31.89
N LEU A 817 -34.09 -2.17 32.59
CA LEU A 817 -33.97 -2.14 34.04
C LEU A 817 -32.61 -1.63 34.47
N ALA A 818 -31.54 -2.08 33.80
CA ALA A 818 -30.21 -1.60 34.15
C ALA A 818 -30.12 -0.09 33.97
N SER A 819 -30.69 0.44 32.89
CA SER A 819 -30.68 1.88 32.69
C SER A 819 -31.46 2.60 33.79
N PHE A 820 -32.63 2.07 34.15
CA PHE A 820 -33.44 2.75 35.16
C PHE A 820 -32.74 2.77 36.52
N LEU A 821 -32.13 1.65 36.90
CA LEU A 821 -31.54 1.58 38.25
C LEU A 821 -30.39 2.57 38.41
N TYR A 822 -29.74 2.94 37.32
CA TYR A 822 -28.65 3.90 37.34
C TYR A 822 -29.12 5.34 37.16
N PHE A 823 -30.43 5.57 37.11
CA PHE A 823 -30.99 6.91 36.97
C PHE A 823 -30.51 7.58 35.69
N GLU A 824 -30.33 6.80 34.63
CA GLU A 824 -29.97 7.31 33.31
C GLU A 824 -30.86 6.67 32.26
N PRO A 825 -32.16 6.99 32.25
CA PRO A 825 -33.08 6.30 31.34
C PRO A 825 -33.26 6.92 29.97
N TRP A 826 -32.82 8.16 29.74
CA TRP A 826 -33.16 8.83 28.49
C TRP A 826 -32.55 8.12 27.29
N HIS A 827 -31.33 7.61 27.42
CA HIS A 827 -30.68 6.99 26.27
C HIS A 827 -31.45 5.79 25.75
N MET A 828 -32.32 5.19 26.57
CA MET A 828 -33.11 4.06 26.10
C MET A 828 -34.20 4.49 25.13
N PHE A 829 -34.53 5.78 25.10
CA PHE A 829 -35.56 6.32 24.21
C PHE A 829 -34.97 7.17 23.09
N THR A 830 -34.11 8.13 23.43
CA THR A 830 -33.62 9.05 22.41
C THR A 830 -32.72 8.34 21.40
N SER A 831 -31.83 7.47 21.86
CA SER A 831 -30.75 6.94 21.04
C SER A 831 -30.82 5.44 20.77
N PHE A 832 -31.87 4.75 21.22
CA PHE A 832 -31.94 3.30 21.03
C PHE A 832 -32.10 2.93 19.56
N VAL A 833 -33.02 3.60 18.86
CA VAL A 833 -33.34 3.21 17.48
C VAL A 833 -32.12 3.36 16.59
N GLN A 834 -31.36 4.45 16.74
CA GLN A 834 -30.18 4.65 15.91
C GLN A 834 -29.18 3.53 16.11
N TYR A 835 -28.92 3.14 17.36
CA TYR A 835 -28.00 2.05 17.62
C TYR A 835 -28.49 0.74 17.02
N ILE A 836 -29.79 0.46 17.15
CA ILE A 836 -30.33 -0.78 16.59
C ILE A 836 -30.13 -0.79 15.08
N LEU A 837 -30.42 0.32 14.42
CA LEU A 837 -30.30 0.35 12.96
C LEU A 837 -28.85 0.34 12.50
N LEU A 838 -27.92 0.82 13.33
CA LEU A 838 -26.51 0.79 12.94
C LEU A 838 -25.78 -0.48 13.37
N SER A 839 -26.39 -1.35 14.17
CA SER A 839 -25.71 -2.56 14.62
C SER A 839 -25.06 -3.35 13.50
N PRO A 840 -25.74 -3.70 12.40
CA PRO A 840 -25.07 -4.48 11.37
C PRO A 840 -23.90 -3.76 10.77
N SER A 841 -23.95 -2.42 10.67
CA SER A 841 -22.81 -1.71 10.13
C SER A 841 -21.61 -1.90 11.05
N TYR A 842 -21.83 -1.80 12.36
CA TYR A 842 -20.77 -2.04 13.32
C TYR A 842 -20.12 -3.38 13.08
N VAL A 843 -20.94 -4.42 12.91
CA VAL A 843 -20.37 -5.76 12.77
C VAL A 843 -19.64 -5.92 11.43
N ASN A 844 -20.24 -5.43 10.35
CA ASN A 844 -19.70 -5.68 9.02
C ASN A 844 -18.58 -4.71 8.65
N VAL A 845 -18.90 -3.42 8.51
CA VAL A 845 -17.97 -2.46 7.93
C VAL A 845 -16.77 -2.24 8.83
N LEU A 846 -17.02 -1.93 10.10
CA LEU A 846 -15.92 -1.64 11.02
C LEU A 846 -15.02 -2.84 11.18
N ASN A 847 -15.60 -4.03 11.36
CA ASN A 847 -14.79 -5.22 11.56
C ASN A 847 -13.97 -5.56 10.33
N ILE A 848 -14.57 -5.46 9.14
CA ILE A 848 -13.82 -5.74 7.92
C ILE A 848 -12.67 -4.75 7.76
N TYR A 849 -12.94 -3.46 7.96
CA TYR A 849 -11.87 -2.48 7.81
C TYR A 849 -10.77 -2.73 8.82
N ALA A 850 -11.13 -3.06 10.06
CA ALA A 850 -10.13 -3.28 11.09
C ALA A 850 -9.25 -4.48 10.77
N PHE A 851 -9.86 -5.59 10.35
CA PHE A 851 -9.05 -6.78 10.08
C PHE A 851 -8.21 -6.63 8.81
N CYS A 852 -8.74 -5.96 7.79
CA CYS A 852 -7.95 -5.74 6.58
C CYS A 852 -6.74 -4.84 6.84
N ASN A 853 -6.81 -4.00 7.88
CA ASN A 853 -5.76 -3.02 8.17
C ASN A 853 -5.15 -3.27 9.54
N ILE A 854 -4.90 -4.54 9.87
CA ILE A 854 -4.22 -4.85 11.13
C ILE A 854 -2.84 -4.22 11.16
N ASP A 855 -2.10 -4.33 10.06
CA ASP A 855 -0.79 -3.69 9.97
C ASP A 855 -0.96 -2.20 9.78
N ASP A 856 -0.23 -1.42 10.56
CA ASP A 856 -0.25 0.04 10.49
C ASP A 856 1.13 0.47 10.01
N ILE A 857 1.31 0.49 8.70
CA ILE A 857 2.63 0.80 8.10
C ILE A 857 2.66 2.31 7.90
N SER A 858 3.04 3.02 8.97
CA SER A 858 3.21 4.46 8.88
C SER A 858 4.49 4.82 8.13
N TRP A 859 5.56 4.09 8.39
CA TRP A 859 6.85 4.38 7.76
C TRP A 859 6.82 4.03 6.28
N GLY A 860 7.63 4.75 5.49
CA GLY A 860 7.68 4.58 4.06
C GLY A 860 8.56 3.43 3.65
N THR A 861 9.15 3.56 2.45
CA THR A 861 10.01 2.53 1.88
C THR A 861 11.45 3.02 1.89
N LYS A 862 12.36 2.18 2.40
CA LYS A 862 13.79 2.48 2.46
C LYS A 862 13.95 3.83 3.16
N GLY A 863 14.69 4.78 2.59
CA GLY A 863 14.87 6.07 3.21
C GLY A 863 15.39 7.12 2.23
N LYS A 868 27.88 10.89 -3.36
CA LYS A 868 29.08 11.66 -3.64
C LYS A 868 29.02 12.24 -5.06
N SER A 869 28.90 13.56 -5.16
CA SER A 869 28.84 14.20 -6.47
C SER A 869 30.16 13.98 -7.21
N LEU A 870 30.04 13.67 -8.49
CA LEU A 870 31.23 13.35 -9.28
C LEU A 870 32.14 14.56 -9.43
N GLY A 871 31.58 15.73 -9.71
CA GLY A 871 32.39 16.91 -9.90
C GLY A 871 31.51 18.12 -10.12
N GLU A 872 32.17 19.27 -10.22
CA GLU A 872 31.47 20.54 -10.45
C GLU A 872 32.30 21.37 -11.42
N ALA A 873 31.75 21.65 -12.59
CA ALA A 873 32.40 22.49 -13.60
C ALA A 873 31.76 23.86 -13.60
N LYS A 874 32.56 24.89 -13.34
CA LYS A 874 32.09 26.27 -13.29
C LYS A 874 32.74 27.06 -14.42
N LEU A 875 31.91 27.71 -15.24
CA LEU A 875 32.43 28.53 -16.32
C LEU A 875 33.20 29.72 -15.76
N ARG A 876 34.37 29.97 -16.31
CA ARG A 876 35.23 31.06 -15.86
C ARG A 876 34.92 32.32 -16.67
N GLU A 877 35.75 33.35 -16.50
CA GLU A 877 35.55 34.58 -17.26
C GLU A 877 35.64 34.33 -18.76
N ASP A 878 36.62 33.54 -19.17
CA ASP A 878 36.74 33.13 -20.56
C ASP A 878 35.77 32.00 -20.86
N GLY A 879 35.63 31.68 -22.16
CA GLY A 879 34.72 30.63 -22.56
C GLY A 879 35.10 29.25 -22.06
N THR A 880 36.34 29.06 -21.65
CA THR A 880 36.77 27.75 -21.18
C THR A 880 36.05 27.37 -19.88
N PHE A 881 35.82 26.07 -19.72
CA PHE A 881 35.21 25.50 -18.54
C PHE A 881 36.29 24.89 -17.66
N ASP A 882 36.25 25.17 -16.36
CA ASP A 882 37.20 24.60 -15.41
C ASP A 882 36.77 23.18 -15.06
N VAL A 883 37.57 22.20 -15.45
CA VAL A 883 37.28 20.79 -15.23
C VAL A 883 38.51 20.10 -14.68
N SER A 884 38.30 18.97 -14.02
CA SER A 884 39.36 18.13 -13.48
C SER A 884 39.18 16.73 -14.05
N VAL A 885 39.96 16.40 -15.08
CA VAL A 885 39.86 15.10 -15.74
C VAL A 885 41.25 14.48 -15.83
N PRO A 886 41.36 13.16 -15.90
CA PRO A 886 42.69 12.53 -16.00
C PRO A 886 43.42 12.97 -17.26
N ILE A 887 44.72 13.18 -17.12
CA ILE A 887 45.58 13.66 -18.20
C ILE A 887 46.73 12.70 -18.48
N SER A 888 47.44 12.29 -17.43
CA SER A 888 48.63 11.46 -17.60
C SER A 888 48.28 10.12 -18.22
N LYS A 889 49.16 9.65 -19.11
CA LYS A 889 48.97 8.35 -19.74
C LYS A 889 48.93 7.24 -18.70
N GLU A 890 49.74 7.36 -17.64
CA GLU A 890 49.87 6.30 -16.66
C GLU A 890 48.54 6.01 -15.97
N GLN A 891 47.85 7.06 -15.52
CA GLN A 891 46.61 6.84 -14.79
C GLN A 891 45.51 6.32 -15.71
N ILE A 892 45.49 6.76 -16.97
CA ILE A 892 44.51 6.24 -17.92
C ILE A 892 44.74 4.75 -18.13
N ASN A 893 45.99 4.35 -18.34
CA ASN A 893 46.28 2.92 -18.52
C ASN A 893 45.93 2.14 -17.26
N GLN A 894 46.22 2.69 -16.09
CA GLN A 894 45.89 2.00 -14.84
C GLN A 894 44.38 1.80 -14.71
N SER A 895 43.60 2.83 -15.04
CA SER A 895 42.15 2.70 -14.94
C SER A 895 41.63 1.67 -15.94
N TYR A 896 42.18 1.66 -17.16
CA TYR A 896 41.74 0.66 -18.12
C TYR A 896 42.07 -0.75 -17.65
N LEU A 897 43.27 -0.95 -17.10
CA LEU A 897 43.63 -2.25 -16.56
C LEU A 897 42.73 -2.64 -15.39
N ASP A 898 42.38 -1.68 -14.54
CA ASP A 898 41.48 -1.96 -13.42
C ASP A 898 40.12 -2.42 -13.92
N GLN A 899 39.60 -1.76 -14.95
CA GLN A 899 38.31 -2.17 -15.51
C GLN A 899 38.41 -3.58 -16.10
N LEU A 900 39.49 -3.86 -16.85
CA LEU A 900 39.70 -5.19 -17.39
C LEU A 900 39.71 -6.23 -16.29
N GLU A 901 40.46 -5.98 -15.22
CA GLU A 901 40.52 -6.93 -14.12
C GLU A 901 39.16 -7.09 -13.45
N LYS A 902 38.41 -5.99 -13.32
CA LYS A 902 37.10 -6.07 -12.70
C LYS A 902 36.18 -7.01 -13.46
N ILE A 903 36.19 -6.91 -14.80
CA ILE A 903 35.31 -7.76 -15.60
C ILE A 903 35.91 -9.13 -15.90
N ARG A 904 37.21 -9.31 -15.69
CA ARG A 904 37.93 -10.54 -16.02
C ARG A 904 37.63 -11.70 -15.11
N ASP A 905 36.67 -11.61 -14.20
CA ASP A 905 36.48 -12.61 -13.16
C ASP A 905 35.05 -13.11 -13.19
N PRO A 906 34.80 -14.32 -12.72
CA PRO A 906 33.42 -14.80 -12.65
C PRO A 906 32.64 -14.14 -11.53
N ALA A 907 31.32 -14.24 -11.63
CA ALA A 907 30.44 -13.61 -10.67
C ALA A 907 30.31 -14.48 -9.41
N PRO A 908 30.59 -13.95 -8.23
CA PRO A 908 30.41 -14.75 -7.01
C PRO A 908 28.95 -14.74 -6.59
N PRO A 909 28.50 -15.81 -5.93
CA PRO A 909 27.11 -15.82 -5.44
C PRO A 909 26.84 -14.74 -4.42
N GLU A 910 25.62 -14.19 -4.48
CA GLU A 910 25.21 -13.12 -3.57
C GLU A 910 25.19 -13.62 -2.12
N GLU A 911 24.30 -14.57 -1.83
CA GLU A 911 24.17 -15.13 -0.49
C GLU A 911 23.98 -14.04 0.55
N LYS A 912 23.12 -13.08 0.23
CA LYS A 912 22.90 -11.94 1.13
C LYS A 912 22.34 -12.40 2.46
N VAL A 913 21.26 -13.18 2.44
CA VAL A 913 20.65 -13.70 3.66
C VAL A 913 20.29 -12.54 4.57
N LEU A 914 19.82 -11.44 3.99
CA LEU A 914 19.49 -10.25 4.76
C LEU A 914 18.23 -10.48 5.60
N VAL A 915 18.14 -9.74 6.71
CA VAL A 915 16.97 -9.81 7.57
C VAL A 915 15.73 -9.29 6.86
N THR A 916 15.90 -8.28 6.00
CA THR A 916 14.79 -7.65 5.29
C THR A 916 13.99 -6.73 6.21
N ASN A 917 12.91 -6.17 5.68
CA ASN A 917 12.12 -5.16 6.39
C ASN A 917 10.94 -5.80 7.12
N THR A 918 10.49 -5.10 8.16
CA THR A 918 9.42 -5.62 9.01
C THR A 918 8.04 -5.40 8.44
N GLU A 919 7.89 -4.46 7.49
CA GLU A 919 6.57 -4.23 6.90
C GLU A 919 6.03 -5.49 6.25
N ASP A 920 6.91 -6.26 5.60
CA ASP A 920 6.48 -7.53 5.03
C ASP A 920 5.98 -8.48 6.10
N TYR A 921 6.65 -8.53 7.25
CA TYR A 921 6.21 -9.42 8.32
C TYR A 921 4.80 -9.06 8.80
N TYR A 922 4.55 -7.76 9.02
CA TYR A 922 3.24 -7.34 9.50
C TYR A 922 2.17 -7.56 8.45
N ALA A 923 2.48 -7.30 7.18
CA ALA A 923 1.51 -7.57 6.12
C ALA A 923 1.18 -9.06 6.06
N PHE A 924 2.19 -9.92 6.20
CA PHE A 924 1.94 -11.35 6.21
C PHE A 924 1.05 -11.74 7.38
N ILE A 925 1.31 -11.19 8.56
CA ILE A 925 0.48 -11.50 9.73
C ILE A 925 -0.97 -11.12 9.46
N ARG A 926 -1.18 -9.91 8.93
CA ARG A 926 -2.54 -9.46 8.66
C ARG A 926 -3.23 -10.34 7.64
N SER A 927 -2.53 -10.72 6.57
CA SER A 927 -3.14 -11.58 5.56
C SER A 927 -3.53 -12.92 6.14
N MET A 928 -2.64 -13.53 6.93
CA MET A 928 -2.99 -14.81 7.55
C MET A 928 -4.20 -14.67 8.46
N THR A 929 -4.26 -13.58 9.24
CA THR A 929 -5.39 -13.38 10.13
C THR A 929 -6.70 -13.31 9.35
N VAL A 930 -6.74 -12.49 8.30
CA VAL A 930 -7.98 -12.34 7.55
C VAL A 930 -8.36 -13.66 6.89
N LEU A 931 -7.38 -14.40 6.38
CA LEU A 931 -7.70 -15.68 5.74
C LEU A 931 -8.31 -16.66 6.73
N VAL A 932 -7.72 -16.78 7.92
CA VAL A 932 -8.27 -17.69 8.93
C VAL A 932 -9.68 -17.26 9.31
N TRP A 933 -9.89 -15.95 9.49
CA TRP A 933 -11.21 -15.44 9.82
C TRP A 933 -12.24 -15.85 8.78
N MET A 934 -11.93 -15.60 7.50
CA MET A 934 -12.83 -15.97 6.42
C MET A 934 -13.12 -17.47 6.43
N PHE A 935 -12.07 -18.28 6.58
CA PHE A 935 -12.24 -19.72 6.50
C PHE A 935 -13.19 -20.21 7.60
N THR A 936 -12.95 -19.79 8.84
CA THR A 936 -13.80 -20.24 9.93
C THR A 936 -15.25 -19.80 9.73
N ASN A 937 -15.45 -18.54 9.35
CA ASN A 937 -16.82 -18.06 9.16
C ASN A 937 -17.52 -18.84 8.06
N PHE A 938 -16.83 -19.11 6.95
CA PHE A 938 -17.46 -19.84 5.86
C PHE A 938 -17.75 -21.28 6.25
N VAL A 939 -16.88 -21.90 7.05
CA VAL A 939 -17.16 -23.26 7.50
C VAL A 939 -18.45 -23.27 8.32
N VAL A 940 -18.61 -22.31 9.22
CA VAL A 940 -19.83 -22.26 10.02
C VAL A 940 -21.05 -22.06 9.12
N ILE A 941 -20.96 -21.13 8.16
CA ILE A 941 -22.09 -20.86 7.29
C ILE A 941 -22.47 -22.10 6.48
N ALA A 942 -21.47 -22.78 5.93
CA ALA A 942 -21.74 -23.99 5.14
C ALA A 942 -22.38 -25.06 6.00
N LEU A 943 -21.90 -25.25 7.23
CA LEU A 943 -22.53 -26.23 8.11
C LEU A 943 -23.99 -25.89 8.36
N VAL A 944 -24.33 -24.63 8.56
CA VAL A 944 -25.72 -24.23 8.95
C VAL A 944 -26.70 -24.29 7.76
N LEU A 945 -26.42 -23.61 6.65
CA LEU A 945 -27.34 -23.50 5.48
C LEU A 945 -27.08 -24.56 4.41
N GLU A 946 -26.10 -25.45 4.57
CA GLU A 946 -25.71 -26.47 3.55
C GLU A 946 -25.43 -25.73 2.24
N THR A 947 -24.61 -24.67 2.33
CA THR A 947 -24.24 -23.73 1.25
C THR A 947 -23.19 -24.30 0.29
N GLY A 948 -22.08 -25.01 0.70
CA GLY A 948 -21.01 -25.55 -0.11
C GLY A 948 -21.42 -26.81 -0.82
N GLY A 949 -20.56 -27.83 -0.80
CA GLY A 949 -20.89 -29.08 -1.43
C GLY A 949 -21.71 -30.03 -0.58
N PHE A 950 -22.00 -29.65 0.66
CA PHE A 950 -22.76 -30.52 1.55
C PHE A 950 -24.10 -30.92 0.94
N ASN A 951 -24.72 -30.03 0.16
CA ASN A 951 -26.02 -30.34 -0.42
C ASN A 951 -25.97 -31.57 -1.31
N GLN A 952 -24.79 -31.94 -1.81
CA GLN A 952 -24.69 -33.12 -2.66
C GLN A 952 -24.93 -34.41 -1.89
N PHE A 953 -24.62 -34.42 -0.60
CA PHE A 953 -24.77 -35.62 0.23
C PHE A 953 -26.19 -35.84 0.70
N VAL A 954 -27.15 -35.04 0.25
CA VAL A 954 -28.56 -35.20 0.57
C VAL A 954 -29.35 -35.23 -0.72
N GLU A 955 -30.67 -35.34 -0.59
CA GLU A 955 -31.54 -35.59 -1.73
C GLU A 955 -32.44 -34.39 -1.98
N ALA A 956 -33.34 -34.55 -2.95
CA ALA A 956 -34.20 -33.43 -3.36
C ALA A 956 -35.09 -32.96 -2.22
N THR A 957 -35.66 -33.87 -1.45
CA THR A 957 -36.64 -33.53 -0.43
C THR A 957 -36.05 -33.42 0.97
N ASP A 958 -35.00 -34.18 1.28
CA ASP A 958 -34.44 -34.15 2.62
C ASP A 958 -33.75 -32.83 2.90
N LEU A 959 -33.17 -32.20 1.87
CA LEU A 959 -32.38 -31.00 2.07
C LEU A 959 -33.21 -29.90 2.72
N ALA A 960 -34.45 -29.72 2.27
CA ALA A 960 -35.28 -28.64 2.82
C ALA A 960 -35.49 -28.81 4.31
N ASN A 961 -35.94 -30.00 4.74
CA ASN A 961 -36.23 -30.22 6.15
C ASN A 961 -34.96 -30.14 6.99
N LEU A 962 -33.86 -30.73 6.50
CA LEU A 962 -32.61 -30.68 7.26
C LEU A 962 -32.14 -29.24 7.42
N LYS A 963 -32.20 -28.46 6.35
CA LYS A 963 -31.80 -27.06 6.42
C LYS A 963 -32.67 -26.29 7.39
N SER A 964 -33.98 -26.53 7.36
CA SER A 964 -34.88 -25.83 8.28
C SER A 964 -34.54 -26.16 9.73
N ASN A 965 -34.31 -27.44 10.02
CA ASN A 965 -33.98 -27.84 11.39
C ASN A 965 -32.69 -27.19 11.85
N ARG A 966 -31.65 -27.23 10.99
CA ARG A 966 -30.38 -26.63 11.37
C ARG A 966 -30.53 -25.13 11.59
N ALA A 967 -31.31 -24.46 10.75
CA ALA A 967 -31.52 -23.02 10.91
C ALA A 967 -32.20 -22.72 12.24
N ALA A 968 -33.23 -23.49 12.59
CA ALA A 968 -33.91 -23.26 13.87
C ALA A 968 -32.96 -23.45 15.04
N VAL A 969 -32.15 -24.51 15.00
CA VAL A 969 -31.21 -24.75 16.08
C VAL A 969 -30.23 -23.58 16.20
N PHE A 970 -29.69 -23.13 15.07
CA PHE A 970 -28.74 -22.03 15.12
C PHE A 970 -29.39 -20.76 15.69
N LEU A 971 -30.62 -20.46 15.27
CA LEU A 971 -31.28 -19.26 15.76
C LEU A 971 -31.45 -19.32 17.28
N THR A 972 -31.96 -20.44 17.78
CA THR A 972 -32.17 -20.53 19.22
C THR A 972 -30.83 -20.42 19.97
N VAL A 973 -29.79 -21.08 19.45
CA VAL A 973 -28.49 -21.02 20.10
C VAL A 973 -28.01 -19.58 20.21
N ILE A 974 -28.01 -18.85 19.09
CA ILE A 974 -27.43 -17.51 19.10
C ILE A 974 -28.24 -16.57 19.97
N LEU A 975 -29.58 -16.60 19.83
CA LEU A 975 -30.40 -15.67 20.59
C LEU A 975 -30.26 -15.92 22.08
N TRP A 976 -30.28 -17.18 22.52
CA TRP A 976 -30.17 -17.44 23.94
C TRP A 976 -28.77 -17.18 24.46
N THR A 977 -27.73 -17.35 23.63
CA THR A 977 -26.39 -16.93 24.04
C THR A 977 -26.37 -15.44 24.36
N VAL A 978 -26.95 -14.63 23.46
CA VAL A 978 -26.98 -13.19 23.69
C VAL A 978 -27.76 -12.88 24.96
N ALA A 979 -28.91 -13.51 25.15
CA ALA A 979 -29.73 -13.23 26.32
C ALA A 979 -29.00 -13.58 27.61
N PHE A 980 -28.31 -14.73 27.63
CA PHE A 980 -27.61 -15.13 28.84
C PHE A 980 -26.44 -14.20 29.14
N MET A 981 -25.72 -13.75 28.10
CA MET A 981 -24.67 -12.77 28.34
C MET A 981 -25.24 -11.49 28.93
N ALA A 982 -26.38 -11.04 28.42
CA ALA A 982 -27.02 -9.85 28.98
C ALA A 982 -27.38 -10.06 30.44
N LEU A 983 -27.93 -11.23 30.77
CA LEU A 983 -28.28 -11.51 32.16
C LEU A 983 -27.05 -11.51 33.07
N PHE A 984 -25.95 -12.09 32.58
CA PHE A 984 -24.70 -12.09 33.35
C PHE A 984 -24.26 -10.67 33.65
N ARG A 985 -24.25 -9.81 32.63
CA ARG A 985 -23.84 -8.43 32.84
C ARG A 985 -24.79 -7.70 33.78
N PHE A 986 -26.09 -7.99 33.67
CA PHE A 986 -27.07 -7.36 34.56
C PHE A 986 -26.80 -7.72 36.01
N ILE A 987 -26.60 -9.00 36.30
CA ILE A 987 -26.28 -9.40 37.67
C ILE A 987 -25.02 -8.69 38.13
N GLY A 988 -24.03 -8.60 37.25
CA GLY A 988 -22.80 -7.93 37.61
C GLY A 988 -23.03 -6.49 38.03
N CYS A 989 -23.82 -5.75 37.24
CA CYS A 989 -24.01 -4.34 37.55
C CYS A 989 -24.85 -4.17 38.82
N ILE A 990 -25.82 -5.05 39.06
CA ILE A 990 -26.56 -4.99 40.31
C ILE A 990 -25.63 -5.20 41.50
N TYR A 991 -24.75 -6.19 41.41
CA TYR A 991 -23.79 -6.41 42.50
C TYR A 991 -22.90 -5.19 42.69
N TYR A 992 -22.46 -4.56 41.59
CA TYR A 992 -21.65 -3.36 41.71
C TYR A 992 -22.40 -2.27 42.46
N LEU A 993 -23.67 -2.04 42.10
CA LEU A 993 -24.44 -1.01 42.78
C LEU A 993 -24.57 -1.32 44.28
N ILE A 994 -24.89 -2.57 44.61
CA ILE A 994 -25.08 -2.92 46.01
C ILE A 994 -23.79 -2.72 46.80
N THR A 995 -22.67 -3.21 46.26
CA THR A 995 -21.42 -3.10 46.99
C THR A 995 -20.97 -1.65 47.12
N ARG A 996 -21.17 -0.84 46.07
CA ARG A 996 -20.80 0.56 46.16
C ARG A 996 -21.65 1.29 47.18
N LEU A 997 -22.96 1.02 47.22
CA LEU A 997 -23.80 1.64 48.24
C LEU A 997 -23.37 1.24 49.65
N GLY A 998 -23.09 -0.05 49.85
CA GLY A 998 -22.61 -0.50 51.15
C GLY A 998 -21.30 0.15 51.55
N ARG A 999 -20.38 0.28 50.60
CA ARG A 999 -19.11 0.96 50.84
C ARG A 999 -19.34 2.41 51.21
N GLU A 1000 -20.24 3.09 50.50
CA GLU A 1000 -20.54 4.48 50.79
C GLU A 1000 -21.09 4.63 52.20
N ILE A 1001 -21.97 3.72 52.61
CA ILE A 1001 -22.49 3.76 53.98
C ILE A 1001 -21.35 3.63 54.97
N LYS A 1002 -20.42 2.70 54.73
CA LYS A 1002 -19.28 2.51 55.61
C LYS A 1002 -18.42 3.75 55.64
N ALA B 135 41.87 -11.04 -20.55
CA ALA B 135 40.68 -10.44 -21.11
C ALA B 135 40.65 -10.62 -22.63
N PHE B 136 41.80 -10.45 -23.26
CA PHE B 136 41.93 -10.53 -24.70
C PHE B 136 42.50 -11.88 -25.10
N ILE B 137 41.81 -12.56 -26.01
CA ILE B 137 42.23 -13.89 -26.44
C ILE B 137 42.15 -14.00 -27.97
N ASN B 146 30.00 -21.06 -38.45
CA ASN B 146 30.48 -21.09 -39.82
C ASN B 146 30.03 -19.88 -40.62
N ASP B 147 28.75 -19.50 -40.49
CA ASP B 147 28.28 -18.34 -41.22
C ASP B 147 29.16 -17.13 -40.93
N GLU B 148 29.55 -16.96 -39.67
CA GLU B 148 30.42 -15.84 -39.31
C GLU B 148 31.66 -15.81 -40.17
N GLN B 149 32.29 -16.96 -40.36
CA GLN B 149 33.51 -17.04 -41.18
C GLN B 149 33.27 -16.46 -42.57
N GLU B 150 32.14 -16.79 -43.19
CA GLU B 150 31.82 -16.27 -44.51
C GLU B 150 31.97 -14.74 -44.55
N TYR B 151 31.37 -14.06 -43.57
CA TYR B 151 31.45 -12.60 -43.56
C TYR B 151 32.90 -12.14 -43.61
N ASP B 152 33.75 -12.76 -42.79
CA ASP B 152 35.15 -12.34 -42.69
C ASP B 152 35.89 -12.42 -44.04
N GLN B 153 35.52 -13.38 -44.89
CA GLN B 153 36.21 -13.50 -46.17
C GLN B 153 35.92 -12.35 -47.11
N ARG B 154 34.70 -11.80 -47.06
CA ARG B 154 34.34 -10.70 -47.95
C ARG B 154 34.92 -9.35 -47.50
N ILE B 155 35.19 -9.19 -46.21
CA ILE B 155 35.69 -7.92 -45.68
C ILE B 155 37.20 -7.87 -45.83
N GLN B 156 37.70 -6.76 -46.35
CA GLN B 156 39.14 -6.59 -46.55
C GLN B 156 39.88 -6.51 -45.23
N TYR B 157 39.38 -5.71 -44.30
CA TYR B 157 39.92 -5.50 -42.96
C TYR B 157 41.22 -4.69 -42.95
N ASN B 158 41.77 -4.34 -44.10
CA ASN B 158 42.98 -3.53 -44.17
C ASN B 158 42.72 -2.04 -44.18
N GLN B 159 41.58 -1.60 -44.70
CA GLN B 159 41.28 -0.18 -44.90
C GLN B 159 40.13 0.20 -44.00
N PHE B 160 40.45 0.72 -42.81
CA PHE B 160 39.46 1.21 -41.86
C PHE B 160 39.90 2.55 -41.27
N GLN B 161 40.38 3.45 -42.12
CA GLN B 161 40.78 4.78 -41.65
C GLN B 161 39.55 5.65 -41.40
N GLY B 162 39.49 6.26 -40.21
CA GLY B 162 38.38 7.12 -39.85
C GLY B 162 38.52 8.57 -40.32
N ASP B 163 37.38 9.24 -40.37
CA ASP B 163 37.33 10.64 -40.77
C ASP B 163 37.86 11.57 -39.68
N HIS B 164 38.46 12.67 -40.12
CA HIS B 164 39.03 13.66 -39.22
C HIS B 164 37.96 14.62 -38.71
N PHE B 165 38.02 14.94 -37.42
CA PHE B 165 37.09 15.87 -36.78
C PHE B 165 37.86 16.74 -35.80
N ASP B 166 37.28 17.90 -35.50
CA ASP B 166 37.92 18.87 -34.61
C ASP B 166 37.78 18.41 -33.16
N LEU B 167 38.87 18.50 -32.41
CA LEU B 167 38.85 18.11 -31.01
C LEU B 167 38.57 19.31 -30.09
N ALA B 168 38.41 19.01 -28.81
CA ALA B 168 38.24 20.01 -27.76
C ALA B 168 39.53 20.11 -26.95
N ALA B 169 40.06 21.33 -26.82
CA ALA B 169 41.31 21.50 -26.08
C ALA B 169 41.13 21.05 -24.63
N ILE B 170 42.08 20.26 -24.14
CA ILE B 170 42.08 19.80 -22.75
C ILE B 170 43.48 20.04 -22.20
N SER B 171 43.64 21.16 -21.49
CA SER B 171 44.94 21.50 -20.91
C SER B 171 45.34 20.51 -19.82
N THR B 238 42.81 22.34 -14.89
CA THR B 238 42.81 21.77 -16.22
C THR B 238 41.66 22.34 -17.04
N ARG B 239 41.79 23.61 -17.42
CA ARG B 239 40.74 24.26 -18.20
C ARG B 239 40.56 23.59 -19.55
N ALA B 240 39.31 23.30 -19.89
CA ALA B 240 38.93 22.65 -21.13
C ALA B 240 37.85 23.46 -21.83
N THR B 241 37.96 23.59 -23.15
CA THR B 241 36.98 24.33 -23.92
C THR B 241 35.85 23.41 -24.37
N GLY B 242 34.63 23.90 -24.23
CA GLY B 242 33.44 23.18 -24.63
C GLY B 242 32.81 23.74 -25.89
N LEU B 243 32.40 22.85 -26.79
CA LEU B 243 31.81 23.30 -28.05
C LEU B 243 30.43 23.88 -27.80
N ASN B 244 30.19 25.03 -28.43
CA ASN B 244 28.90 25.72 -28.38
C ASN B 244 28.49 26.07 -26.95
N GLY B 245 29.48 26.29 -26.08
CA GLY B 245 29.19 26.64 -24.70
C GLY B 245 28.68 25.50 -23.84
N HIS B 246 28.80 24.27 -24.32
CA HIS B 246 28.40 23.08 -23.59
C HIS B 246 29.65 22.36 -23.11
N LEU B 247 29.48 21.53 -22.08
CA LEU B 247 30.61 20.82 -21.50
C LEU B 247 30.92 19.62 -22.37
N VAL B 248 31.99 19.72 -23.16
CA VAL B 248 32.43 18.67 -24.08
C VAL B 248 33.92 18.47 -23.90
N LEU B 249 34.34 17.21 -23.84
CA LEU B 249 35.74 16.88 -23.66
C LEU B 249 36.11 15.72 -24.57
N ASP B 250 37.18 15.90 -25.34
CA ASP B 250 37.72 14.86 -26.21
C ASP B 250 38.97 14.30 -25.55
N CYS B 251 38.81 13.23 -24.79
CA CYS B 251 39.91 12.66 -24.02
C CYS B 251 40.59 11.56 -24.83
N PRO B 252 41.85 11.27 -24.53
CA PRO B 252 42.52 10.15 -25.20
C PRO B 252 42.21 8.81 -24.54
N VAL B 253 42.10 7.78 -25.37
CA VAL B 253 41.81 6.44 -24.88
C VAL B 253 43.10 5.78 -24.41
N ALA B 254 42.94 4.73 -23.59
CA ALA B 254 44.09 4.05 -23.03
C ALA B 254 45.01 3.54 -24.14
N ASP B 255 46.32 3.69 -23.91
CA ASP B 255 47.29 3.36 -24.95
C ASP B 255 47.27 1.88 -25.32
N GLU B 256 46.92 1.01 -24.37
CA GLU B 256 46.85 -0.42 -24.68
C GLU B 256 45.76 -0.73 -25.70
N LEU B 257 44.58 -0.10 -25.55
CA LEU B 257 43.52 -0.32 -26.53
C LEU B 257 43.97 0.13 -27.91
N LEU B 258 44.68 1.26 -28.00
CA LEU B 258 45.23 1.70 -29.27
C LEU B 258 46.25 0.70 -29.80
N SER B 259 47.10 0.17 -28.92
CA SER B 259 48.13 -0.78 -29.30
C SER B 259 47.56 -2.07 -29.87
N LYS B 260 46.42 -2.52 -29.36
CA LYS B 260 45.78 -3.72 -29.89
C LYS B 260 45.46 -3.60 -31.37
N PHE B 261 45.08 -2.42 -31.83
CA PHE B 261 44.64 -2.28 -33.21
C PHE B 261 45.75 -2.63 -34.18
N PRO B 262 45.44 -3.36 -35.27
CA PRO B 262 46.53 -3.78 -36.18
C PRO B 262 47.27 -2.58 -36.77
N ASP B 263 46.55 -1.52 -37.11
CA ASP B 263 47.14 -0.38 -37.79
C ASP B 263 48.11 0.39 -36.90
N TYR B 264 48.12 0.08 -35.60
CA TYR B 264 48.93 0.80 -34.64
C TYR B 264 50.39 0.66 -35.03
N ASN B 265 51.13 1.77 -34.93
CA ASN B 265 52.56 1.74 -35.14
C ASN B 265 53.28 2.30 -33.91
N PRO B 266 54.22 1.57 -33.32
CA PRO B 266 54.87 2.07 -32.11
C PRO B 266 55.52 3.43 -32.29
N ALA B 267 56.09 3.69 -33.47
CA ALA B 267 56.78 4.95 -33.69
C ALA B 267 55.82 6.13 -33.59
N GLU B 268 54.63 6.00 -34.17
CA GLU B 268 53.68 7.10 -34.15
C GLU B 268 53.23 7.39 -32.71
N LYS B 269 52.99 8.67 -32.43
CA LYS B 269 52.60 9.05 -31.07
C LYS B 269 51.27 8.42 -30.68
N SER B 270 50.30 8.47 -31.59
CA SER B 270 49.00 7.83 -31.39
C SER B 270 48.86 6.55 -32.19
N GLY B 271 49.93 6.07 -32.81
CA GLY B 271 49.86 4.87 -33.61
C GLY B 271 49.40 5.09 -35.03
N GLY B 272 49.21 6.35 -35.44
CA GLY B 272 48.71 6.63 -36.77
C GLY B 272 47.22 6.47 -36.92
N LEU B 273 46.50 6.23 -35.83
CA LEU B 273 45.06 6.06 -35.88
C LEU B 273 44.36 7.38 -36.20
N SER B 274 43.14 7.27 -36.69
CA SER B 274 42.33 8.44 -36.99
C SER B 274 41.92 9.14 -35.69
N ARG B 275 41.44 10.38 -35.85
CA ARG B 275 41.03 11.16 -34.69
C ARG B 275 39.89 10.49 -33.94
N GLU B 276 38.91 9.95 -34.67
CA GLU B 276 37.78 9.30 -34.03
C GLU B 276 38.21 8.06 -33.27
N PHE B 277 39.12 7.27 -33.83
CA PHE B 277 39.58 6.06 -33.15
C PHE B 277 40.52 6.37 -31.99
N ALA B 278 41.13 7.56 -31.97
CA ALA B 278 42.11 7.90 -30.95
C ALA B 278 41.50 8.54 -29.71
N PHE B 279 40.46 9.36 -29.88
CA PHE B 279 39.91 10.15 -28.79
C PHE B 279 38.44 9.80 -28.59
N MET B 280 38.03 9.71 -27.32
CA MET B 280 36.64 9.48 -26.96
C MET B 280 36.04 10.78 -26.45
N ARG B 281 34.78 11.03 -26.83
CA ARG B 281 34.11 12.29 -26.56
C ARG B 281 33.10 12.14 -25.42
N TYR B 282 33.09 13.12 -24.52
CA TYR B 282 32.15 13.14 -23.41
C TYR B 282 31.38 14.46 -23.42
N THR B 283 30.06 14.38 -23.30
CA THR B 283 29.20 15.55 -23.28
C THR B 283 28.28 15.46 -22.07
N ALA B 284 28.04 16.60 -21.44
CA ALA B 284 27.10 16.70 -20.32
C ALA B 284 25.85 17.41 -20.80
N VAL B 285 24.70 16.75 -20.68
CA VAL B 285 23.42 17.27 -21.14
C VAL B 285 22.60 17.66 -19.92
N THR B 286 22.28 18.94 -19.81
CA THR B 286 21.52 19.47 -18.69
C THR B 286 20.05 19.70 -19.02
N CYS B 287 19.72 19.94 -20.29
CA CYS B 287 18.38 20.39 -20.64
C CYS B 287 17.34 19.28 -20.51
N GLY B 288 17.63 18.10 -21.06
CA GLY B 288 16.67 17.03 -21.10
C GLY B 288 16.13 16.77 -22.50
N PRO B 289 15.30 15.73 -22.64
CA PRO B 289 14.86 15.32 -23.98
C PRO B 289 14.17 16.41 -24.78
N SER B 290 13.32 17.21 -24.12
CA SER B 290 12.47 18.13 -24.86
C SER B 290 13.29 19.20 -25.59
N ASN B 291 14.30 19.75 -24.92
CA ASN B 291 15.07 20.87 -25.44
C ASN B 291 16.43 20.45 -25.98
N PHE B 292 16.69 19.15 -26.12
CA PHE B 292 18.00 18.71 -26.59
C PHE B 292 18.29 19.24 -27.99
N TYR B 293 17.31 19.19 -28.88
CA TYR B 293 17.53 19.68 -30.24
C TYR B 293 17.54 21.21 -30.29
N ARG B 294 16.70 21.86 -29.48
CA ARG B 294 16.65 23.32 -29.49
C ARG B 294 18.00 23.90 -29.10
N ASP B 295 18.62 23.35 -28.06
CA ASP B 295 19.96 23.78 -27.68
C ASP B 295 20.97 23.28 -28.71
N ALA B 296 22.15 23.88 -28.68
CA ALA B 296 23.20 23.57 -29.66
C ALA B 296 24.01 22.36 -29.22
N TYR B 297 23.30 21.25 -29.00
CA TYR B 297 23.94 19.98 -28.67
C TYR B 297 24.18 19.23 -29.96
N ILE B 298 25.45 18.99 -30.29
CA ILE B 298 25.85 18.37 -31.55
C ILE B 298 26.47 17.02 -31.23
N LEU B 299 25.98 15.98 -31.92
CA LEU B 299 26.56 14.66 -31.83
C LEU B 299 27.68 14.51 -32.85
N ARG B 300 28.66 13.67 -32.50
CA ARG B 300 29.84 13.56 -33.36
C ARG B 300 29.51 13.11 -34.78
N PRO B 301 28.61 12.16 -35.02
CA PRO B 301 28.35 11.75 -36.41
C PRO B 301 27.95 12.90 -37.31
N VAL B 302 27.20 13.88 -36.78
CA VAL B 302 26.76 15.02 -37.57
C VAL B 302 27.77 16.17 -37.53
N HIS B 303 28.83 16.05 -36.74
CA HIS B 303 29.82 17.11 -36.60
C HIS B 303 30.98 16.99 -37.58
N TYR B 304 31.02 15.93 -38.38
CA TYR B 304 32.11 15.78 -39.33
C TYR B 304 32.04 16.87 -40.40
N PRO B 305 33.17 17.23 -41.00
CA PRO B 305 33.11 18.22 -42.10
C PRO B 305 32.17 17.80 -43.21
N ILE B 306 32.14 16.50 -43.53
CA ILE B 306 31.18 15.93 -44.46
C ILE B 306 30.09 15.24 -43.64
N PRO B 307 28.86 15.75 -43.61
CA PRO B 307 27.84 15.16 -42.74
C PRO B 307 27.60 13.69 -43.10
N ARG B 308 27.33 12.90 -42.07
CA ARG B 308 27.02 11.48 -42.21
C ARG B 308 25.53 11.26 -41.98
N GLN B 309 24.89 10.54 -42.88
CA GLN B 309 23.47 10.25 -42.80
C GLN B 309 23.27 8.85 -42.22
N THR B 310 22.48 8.77 -41.15
CA THR B 310 22.24 7.50 -40.49
C THR B 310 21.17 6.70 -41.23
N GLU B 311 21.41 5.40 -41.36
CA GLU B 311 20.47 4.50 -41.99
C GLU B 311 19.80 3.54 -41.03
N LEU B 312 20.40 3.28 -39.87
CA LEU B 312 19.87 2.29 -38.93
C LEU B 312 20.38 2.64 -37.54
N MET B 313 19.49 3.10 -36.66
CA MET B 313 19.82 3.41 -35.28
C MET B 313 19.40 2.23 -34.40
N ILE B 314 20.37 1.53 -33.84
CA ILE B 314 20.13 0.32 -33.04
C ILE B 314 20.13 0.74 -31.58
N VAL B 315 18.94 1.02 -31.04
CA VAL B 315 18.80 1.41 -29.65
C VAL B 315 18.82 0.18 -28.75
N ILE B 316 19.53 0.27 -27.63
CA ILE B 316 19.58 -0.79 -26.63
C ILE B 316 19.25 -0.16 -25.27
N THR B 317 18.32 -0.78 -24.55
CA THR B 317 17.87 -0.30 -23.26
C THR B 317 18.43 -1.19 -22.15
N MET B 318 18.91 -0.58 -21.06
CA MET B 318 19.60 -1.32 -20.02
C MET B 318 19.18 -0.80 -18.66
N TYR B 319 19.09 -1.71 -17.69
CA TYR B 319 18.79 -1.35 -16.30
C TYR B 319 19.35 -2.45 -15.39
N ASN B 320 20.45 -2.15 -14.70
CA ASN B 320 21.11 -3.08 -13.79
C ASN B 320 21.19 -4.50 -14.35
N GLU B 321 21.54 -4.63 -15.62
CA GLU B 321 21.67 -5.93 -16.26
C GLU B 321 23.09 -6.45 -16.09
N ASP B 322 23.22 -7.76 -15.95
CA ASP B 322 24.52 -8.38 -15.81
C ASP B 322 25.33 -8.18 -17.10
N ASP B 323 26.66 -8.19 -16.96
CA ASP B 323 27.52 -8.01 -18.12
C ASP B 323 27.31 -9.12 -19.15
N ILE B 324 26.79 -10.27 -18.74
CA ILE B 324 26.57 -11.37 -19.69
C ILE B 324 25.49 -10.98 -20.71
N LEU B 325 24.38 -10.43 -20.23
CA LEU B 325 23.30 -10.07 -21.13
C LEU B 325 23.74 -8.98 -22.11
N LEU B 326 24.42 -7.95 -21.60
CA LEU B 326 24.91 -6.89 -22.47
C LEU B 326 25.92 -7.44 -23.47
N GLY B 327 26.78 -8.36 -23.03
CA GLY B 327 27.74 -8.96 -23.93
C GLY B 327 27.07 -9.73 -25.04
N ARG B 328 26.04 -10.51 -24.71
CA ARG B 328 25.30 -11.24 -25.75
C ARG B 328 24.66 -10.29 -26.74
N THR B 329 24.00 -9.25 -26.24
CA THR B 329 23.35 -8.30 -27.14
C THR B 329 24.36 -7.64 -28.06
N LEU B 330 25.49 -7.20 -27.50
CA LEU B 330 26.50 -6.53 -28.31
C LEU B 330 27.13 -7.49 -29.32
N LYS B 331 27.32 -8.75 -28.93
CA LYS B 331 27.85 -9.73 -29.88
C LYS B 331 26.90 -9.90 -31.05
N GLY B 332 25.60 -10.00 -30.77
CA GLY B 332 24.63 -10.12 -31.86
C GLY B 332 24.66 -8.91 -32.77
N VAL B 333 24.68 -7.71 -32.18
CA VAL B 333 24.68 -6.48 -32.98
C VAL B 333 25.94 -6.41 -33.83
N PHE B 334 27.10 -6.74 -33.25
CA PHE B 334 28.35 -6.68 -34.00
C PHE B 334 28.34 -7.69 -35.15
N LYS B 335 27.80 -8.89 -34.91
CA LYS B 335 27.72 -9.87 -35.99
C LYS B 335 26.82 -9.36 -37.11
N ASN B 336 25.69 -8.73 -36.76
CA ASN B 336 24.82 -8.18 -37.80
C ASN B 336 25.53 -7.09 -38.60
N ILE B 337 26.26 -6.21 -37.91
CA ILE B 337 26.98 -5.15 -38.61
C ILE B 337 28.05 -5.73 -39.52
N LYS B 338 28.73 -6.79 -39.05
CA LYS B 338 29.73 -7.44 -39.89
C LYS B 338 29.09 -8.04 -41.13
N TYR B 339 27.93 -8.66 -40.99
CA TYR B 339 27.25 -9.21 -42.15
C TYR B 339 26.87 -8.10 -43.13
N LEU B 340 26.36 -6.98 -42.61
CA LEU B 340 26.00 -5.87 -43.49
C LEU B 340 27.22 -5.34 -44.22
N GLU B 341 28.36 -5.24 -43.53
CA GLU B 341 29.59 -4.79 -44.18
C GLU B 341 30.02 -5.77 -45.25
N SER B 342 29.91 -7.07 -44.99
CA SER B 342 30.38 -8.07 -45.94
C SER B 342 29.55 -8.09 -47.21
N LYS B 343 28.28 -7.68 -47.15
CA LYS B 343 27.42 -7.74 -48.32
C LYS B 343 28.05 -6.96 -49.48
N ALA B 344 28.13 -7.61 -50.64
CA ALA B 344 28.83 -7.04 -51.78
C ALA B 344 27.88 -6.43 -52.81
N ARG B 345 26.95 -7.23 -53.33
CA ARG B 345 26.03 -6.76 -54.37
C ARG B 345 24.79 -6.12 -53.75
N SER B 346 25.01 -5.03 -53.02
CA SER B 346 23.94 -4.28 -52.40
C SER B 346 24.13 -2.80 -52.69
N SER B 347 23.06 -2.14 -53.13
CA SER B 347 23.14 -0.71 -53.45
C SER B 347 23.44 0.12 -52.21
N THR B 348 22.80 -0.19 -51.09
CA THR B 348 22.95 0.62 -49.88
C THR B 348 24.04 0.11 -48.95
N TRP B 349 24.20 -1.20 -48.84
CA TRP B 349 25.13 -1.81 -47.90
C TRP B 349 26.41 -2.25 -48.62
N GLY B 350 27.45 -2.44 -47.82
CA GLY B 350 28.73 -2.86 -48.35
C GLY B 350 29.90 -2.12 -47.74
N LYS B 351 30.84 -1.68 -48.58
CA LYS B 351 32.00 -0.98 -48.07
C LYS B 351 31.58 0.29 -47.33
N ASP B 352 32.19 0.52 -46.17
CA ASP B 352 31.91 1.70 -45.35
C ASP B 352 30.45 1.76 -44.94
N SER B 353 29.83 0.61 -44.72
CA SER B 353 28.46 0.58 -44.22
C SER B 353 28.38 0.89 -42.73
N TRP B 354 29.45 0.66 -41.98
CA TRP B 354 29.43 0.92 -40.55
C TRP B 354 29.24 2.39 -40.24
N LYS B 355 29.51 3.28 -41.20
CA LYS B 355 29.29 4.71 -40.98
C LYS B 355 27.81 5.07 -40.90
N LYS B 356 26.93 4.24 -41.47
CA LYS B 356 25.50 4.50 -41.48
C LYS B 356 24.78 3.91 -40.29
N ILE B 357 25.47 3.25 -39.37
CA ILE B 357 24.84 2.55 -38.25
C ILE B 357 25.40 3.11 -36.95
N VAL B 358 24.50 3.46 -36.04
CA VAL B 358 24.86 3.98 -34.73
C VAL B 358 24.16 3.13 -33.67
N VAL B 359 24.90 2.67 -32.68
CA VAL B 359 24.38 1.86 -31.58
C VAL B 359 24.24 2.75 -30.35
N CYS B 360 23.01 2.92 -29.88
CA CYS B 360 22.72 3.78 -28.74
C CYS B 360 22.34 2.90 -27.55
N ILE B 361 23.05 3.08 -26.44
CA ILE B 361 22.79 2.35 -25.21
C ILE B 361 22.36 3.35 -24.16
N VAL B 362 21.08 3.30 -23.76
CA VAL B 362 20.51 4.25 -22.82
C VAL B 362 20.38 3.53 -21.48
N SER B 363 21.28 3.83 -20.55
CA SER B 363 21.26 3.21 -19.23
C SER B 363 20.40 4.06 -18.30
N ASP B 364 19.49 3.41 -17.59
CA ASP B 364 18.53 4.09 -16.75
C ASP B 364 19.04 4.09 -15.31
N GLY B 365 19.42 5.25 -14.81
CA GLY B 365 19.92 5.37 -13.45
C GLY B 365 21.43 5.25 -13.34
N ARG B 366 22.08 6.32 -12.89
CA ARG B 366 23.54 6.30 -12.75
C ARG B 366 23.98 5.37 -11.63
N THR B 367 23.25 5.36 -10.51
CA THR B 367 23.61 4.53 -9.37
C THR B 367 23.00 3.14 -9.41
N LYS B 368 22.13 2.87 -10.39
CA LYS B 368 21.51 1.56 -10.51
C LYS B 368 22.19 0.67 -11.54
N ILE B 369 23.04 1.23 -12.40
CA ILE B 369 23.73 0.43 -13.38
C ILE B 369 24.64 -0.57 -12.69
N ASN B 370 24.67 -1.80 -13.22
CA ASN B 370 25.56 -2.81 -12.68
C ASN B 370 27.01 -2.46 -12.96
N GLU B 371 27.89 -2.76 -12.01
CA GLU B 371 29.29 -2.39 -12.17
C GLU B 371 29.98 -3.23 -13.23
N ARG B 372 29.58 -4.49 -13.38
CA ARG B 372 30.24 -5.36 -14.35
C ARG B 372 29.91 -4.96 -15.79
N ALA B 373 28.65 -4.60 -16.06
CA ALA B 373 28.31 -4.11 -17.39
C ALA B 373 29.01 -2.79 -17.69
N GLN B 374 29.10 -1.91 -16.68
CA GLN B 374 29.85 -0.67 -16.85
C GLN B 374 31.31 -0.96 -17.17
N ALA B 375 31.89 -1.95 -16.50
CA ALA B 375 33.27 -2.35 -16.81
C ALA B 375 33.37 -2.88 -18.24
N LEU B 376 32.36 -3.63 -18.69
CA LEU B 376 32.35 -4.08 -20.08
C LEU B 376 32.39 -2.90 -21.02
N LEU B 377 31.55 -1.90 -20.77
CA LEU B 377 31.51 -0.72 -21.63
C LEU B 377 32.85 0.00 -21.61
N ALA B 378 33.46 0.09 -20.43
CA ALA B 378 34.79 0.69 -20.33
C ALA B 378 35.81 -0.10 -21.14
N GLY B 379 35.72 -1.42 -21.10
CA GLY B 379 36.61 -2.25 -21.90
C GLY B 379 36.46 -1.97 -23.39
N LEU B 380 35.23 -1.75 -23.85
CA LEU B 380 35.06 -1.35 -25.24
C LEU B 380 35.71 0.00 -25.52
N GLY B 381 35.95 0.81 -24.49
CA GLY B 381 36.59 2.10 -24.67
C GLY B 381 35.64 3.27 -24.67
N VAL B 382 34.33 3.01 -24.57
CA VAL B 382 33.34 4.07 -24.63
C VAL B 382 33.37 4.92 -23.35
N TYR B 383 33.45 4.29 -22.19
CA TYR B 383 33.25 4.97 -20.92
C TYR B 383 34.55 5.12 -20.16
N GLN B 384 34.71 6.27 -19.49
CA GLN B 384 35.80 6.52 -18.56
C GLN B 384 35.24 7.17 -17.29
N GLU B 385 35.80 6.81 -16.15
CA GLU B 385 35.20 7.19 -14.87
C GLU B 385 35.41 8.66 -14.55
N GLY B 386 36.61 9.19 -14.81
CA GLY B 386 36.92 10.53 -14.35
C GLY B 386 36.11 11.64 -15.00
N LEU B 387 35.70 11.44 -16.26
CA LEU B 387 35.13 12.54 -17.02
C LEU B 387 33.83 13.05 -16.41
N ALA B 388 32.98 12.15 -15.92
CA ALA B 388 31.61 12.53 -15.56
C ALA B 388 31.59 13.63 -14.51
N LYS B 389 30.73 14.63 -14.72
CA LYS B 389 30.59 15.78 -13.85
C LYS B 389 29.13 15.89 -13.41
N SER B 390 28.92 16.16 -12.12
CA SER B 390 27.56 16.22 -11.60
C SER B 390 26.83 17.49 -12.04
N ARG B 391 27.48 18.64 -11.96
CA ARG B 391 26.85 19.92 -12.22
C ARG B 391 27.72 20.76 -13.15
N VAL B 392 27.06 21.59 -13.95
CA VAL B 392 27.73 22.53 -14.84
C VAL B 392 27.01 23.87 -14.75
N ASP B 393 27.76 24.93 -14.45
CA ASP B 393 27.20 26.27 -14.38
C ASP B 393 26.00 26.31 -13.45
N ASP B 394 26.10 25.62 -12.33
CA ASP B 394 25.04 25.53 -11.33
C ASP B 394 23.77 24.91 -11.91
N LYS B 395 23.91 24.03 -12.89
CA LYS B 395 22.79 23.33 -13.50
C LYS B 395 23.04 21.83 -13.42
N LYS B 396 22.03 21.09 -12.95
CA LYS B 396 22.16 19.64 -12.85
C LYS B 396 22.32 19.01 -14.23
N VAL B 397 23.20 18.02 -14.32
CA VAL B 397 23.44 17.29 -15.55
C VAL B 397 22.47 16.12 -15.60
N GLN B 398 21.47 16.21 -16.48
CA GLN B 398 20.47 15.15 -16.59
C GLN B 398 21.06 13.88 -17.16
N ALA B 399 21.94 13.99 -18.16
CA ALA B 399 22.47 12.83 -18.86
C ALA B 399 23.94 13.03 -19.14
N HIS B 400 24.66 11.91 -19.23
CA HIS B 400 26.07 11.89 -19.61
C HIS B 400 26.21 11.04 -20.87
N MET B 401 26.73 11.63 -21.94
CA MET B 401 26.83 10.96 -23.23
C MET B 401 28.30 10.70 -23.56
N PHE B 402 28.63 9.44 -23.81
CA PHE B 402 29.98 9.03 -24.22
C PHE B 402 29.91 8.51 -25.65
N GLU B 403 30.72 9.07 -26.54
CA GLU B 403 30.73 8.71 -27.95
C GLU B 403 32.11 8.18 -28.33
N TYR B 404 32.13 7.02 -29.00
CA TYR B 404 33.40 6.44 -29.42
C TYR B 404 33.14 5.45 -30.54
N THR B 405 34.08 5.38 -31.49
CA THR B 405 34.05 4.39 -32.56
C THR B 405 34.95 3.22 -32.14
N THR B 406 34.34 2.22 -31.53
CA THR B 406 35.10 1.11 -30.97
C THR B 406 35.44 0.06 -32.03
N ARG B 407 36.67 -0.45 -31.97
CA ARG B 407 37.11 -1.55 -32.80
C ARG B 407 37.36 -2.81 -31.99
N VAL B 408 36.67 -2.94 -30.85
CA VAL B 408 36.79 -4.09 -29.97
C VAL B 408 35.54 -4.93 -30.13
N GLY B 409 35.72 -6.21 -30.39
CA GLY B 409 34.62 -7.13 -30.63
C GLY B 409 34.60 -8.28 -29.65
N ILE B 410 33.41 -8.61 -29.16
CA ILE B 410 33.26 -9.69 -28.18
C ILE B 410 33.40 -11.01 -28.93
N SER B 411 34.49 -11.75 -28.64
CA SER B 411 34.73 -13.01 -29.33
C SER B 411 33.72 -14.08 -28.91
N LYS B 412 33.52 -14.23 -27.61
CA LYS B 412 32.59 -15.23 -27.09
C LYS B 412 32.07 -14.77 -25.74
N VAL B 413 30.90 -15.29 -25.38
CA VAL B 413 30.24 -14.95 -24.12
C VAL B 413 29.90 -16.26 -23.44
N THR B 414 30.76 -16.71 -22.53
CA THR B 414 30.49 -17.91 -21.75
C THR B 414 29.42 -17.62 -20.70
N ASP B 415 29.14 -18.62 -19.88
CA ASP B 415 28.13 -18.47 -18.83
C ASP B 415 28.57 -17.46 -17.78
N ASP B 416 29.86 -17.46 -17.44
CA ASP B 416 30.37 -16.67 -16.32
C ASP B 416 31.23 -15.48 -16.72
N VAL B 417 31.94 -15.55 -17.85
CA VAL B 417 32.88 -14.51 -18.24
C VAL B 417 32.62 -14.11 -19.68
N VAL B 418 33.10 -12.91 -20.03
CA VAL B 418 33.00 -12.36 -21.38
C VAL B 418 34.41 -12.10 -21.89
N LYS B 419 34.70 -12.59 -23.10
CA LYS B 419 36.01 -12.44 -23.72
C LYS B 419 35.86 -11.53 -24.93
N LEU B 420 36.66 -10.47 -24.96
CA LEU B 420 36.66 -9.51 -26.07
C LEU B 420 38.05 -9.46 -26.69
N THR B 421 38.08 -9.39 -28.02
CA THR B 421 39.33 -9.35 -28.76
C THR B 421 39.22 -8.32 -29.89
N THR B 422 40.38 -7.98 -30.45
CA THR B 422 40.46 -6.99 -31.53
C THR B 422 40.69 -7.63 -32.90
N GLU B 423 40.75 -8.95 -32.98
CA GLU B 423 40.98 -9.62 -34.26
C GLU B 423 39.71 -9.68 -35.08
N LYS B 424 39.79 -9.24 -36.34
CA LYS B 424 38.68 -9.31 -37.27
C LYS B 424 37.42 -8.65 -36.68
N VAL B 425 37.58 -7.38 -36.29
CA VAL B 425 36.51 -6.59 -35.71
C VAL B 425 36.25 -5.39 -36.60
N VAL B 426 34.99 -5.20 -36.98
CA VAL B 426 34.59 -4.04 -37.78
C VAL B 426 34.30 -2.89 -36.83
N PRO B 427 34.76 -1.66 -37.12
CA PRO B 427 34.46 -0.54 -36.22
C PRO B 427 32.97 -0.30 -36.08
N VAL B 428 32.55 0.10 -34.90
CA VAL B 428 31.15 0.35 -34.58
C VAL B 428 31.03 1.67 -33.83
N GLN B 429 30.10 2.51 -34.26
CA GLN B 429 29.85 3.77 -33.58
C GLN B 429 28.94 3.52 -32.37
N MET B 430 29.41 3.94 -31.20
CA MET B 430 28.73 3.68 -29.94
C MET B 430 28.42 4.99 -29.25
N LEU B 431 27.16 5.18 -28.88
CA LEU B 431 26.71 6.32 -28.08
C LEU B 431 26.09 5.79 -26.81
N PHE B 432 26.74 6.04 -25.67
CA PHE B 432 26.30 5.52 -24.38
C PHE B 432 25.77 6.69 -23.57
N CYS B 433 24.45 6.73 -23.36
CA CYS B 433 23.79 7.80 -22.63
C CYS B 433 23.42 7.28 -21.25
N LEU B 434 24.18 7.67 -20.24
CA LEU B 434 23.91 7.30 -18.86
C LEU B 434 23.08 8.39 -18.19
N LYS B 435 21.86 8.04 -17.80
CA LYS B 435 20.97 9.00 -17.17
C LYS B 435 21.31 9.18 -15.70
N GLU B 436 21.14 10.40 -15.20
CA GLU B 436 21.50 10.69 -13.82
C GLU B 436 20.57 10.00 -12.84
N THR B 437 19.26 10.04 -13.10
CA THR B 437 18.27 9.40 -12.25
C THR B 437 17.36 8.53 -13.10
N ASN B 438 16.84 7.47 -12.49
CA ASN B 438 15.97 6.54 -13.21
C ASN B 438 14.57 7.11 -13.34
N ALA B 439 14.04 7.09 -14.56
CA ALA B 439 12.68 7.55 -14.84
C ALA B 439 11.93 6.54 -15.67
N LYS B 440 12.20 5.26 -15.45
CA LYS B 440 11.53 4.16 -16.14
C LYS B 440 11.90 4.09 -17.61
N LYS B 441 11.17 3.29 -18.38
CA LYS B 441 11.53 3.02 -19.77
C LYS B 441 10.95 4.02 -20.74
N ILE B 442 9.83 4.65 -20.40
CA ILE B 442 9.23 5.65 -21.28
C ILE B 442 10.15 6.85 -21.41
N ASN B 443 10.80 7.25 -20.31
CA ASN B 443 11.76 8.35 -20.39
C ASN B 443 12.97 7.98 -21.25
N SER B 444 13.42 6.73 -21.15
CA SER B 444 14.52 6.29 -22.01
C SER B 444 14.12 6.37 -23.47
N HIS B 445 12.91 5.93 -23.80
CA HIS B 445 12.44 6.04 -25.18
C HIS B 445 12.27 7.49 -25.60
N ARG B 446 11.90 8.38 -24.68
CA ARG B 446 11.86 9.81 -25.00
C ARG B 446 13.25 10.32 -25.35
N TRP B 447 14.26 9.90 -24.60
CA TRP B 447 15.63 10.27 -24.95
C TRP B 447 15.99 9.74 -26.34
N CYS B 448 15.60 8.50 -26.63
CA CYS B 448 15.94 7.89 -27.91
C CYS B 448 15.29 8.63 -29.08
N PHE B 449 13.99 8.89 -28.98
CA PHE B 449 13.24 9.44 -30.12
C PHE B 449 13.24 10.97 -30.13
N GLN B 450 12.74 11.57 -29.05
CA GLN B 450 12.50 13.01 -29.04
C GLN B 450 13.78 13.82 -29.19
N ALA B 451 14.90 13.32 -28.65
CA ALA B 451 16.13 14.10 -28.58
C ALA B 451 17.22 13.60 -29.51
N ILE B 452 17.64 12.35 -29.38
CA ILE B 452 18.74 11.84 -30.21
C ILE B 452 18.26 11.65 -31.65
N GLY B 453 17.04 11.17 -31.83
CA GLY B 453 16.54 10.92 -33.17
C GLY B 453 16.47 12.17 -34.01
N GLN B 454 16.02 13.28 -33.41
CA GLN B 454 15.90 14.53 -34.16
C GLN B 454 17.26 14.98 -34.67
N VAL B 455 18.29 14.90 -33.83
CA VAL B 455 19.62 15.32 -34.27
C VAL B 455 20.15 14.37 -35.34
N LEU B 456 20.07 13.05 -35.07
CA LEU B 456 20.56 12.08 -36.04
C LEU B 456 19.65 11.99 -37.25
N ASP B 457 18.34 12.14 -37.06
CA ASP B 457 17.35 12.00 -38.13
C ASP B 457 17.54 10.67 -38.85
N PRO B 458 17.45 9.54 -38.15
CA PRO B 458 17.68 8.25 -38.80
C PRO B 458 16.46 7.68 -39.47
N LYS B 459 16.59 6.48 -40.02
CA LYS B 459 15.46 5.71 -40.54
C LYS B 459 15.49 4.33 -39.90
N ILE B 460 14.30 3.76 -39.73
CA ILE B 460 14.19 2.41 -39.20
C ILE B 460 14.93 2.30 -37.87
N VAL B 461 14.40 2.97 -36.85
CA VAL B 461 14.94 2.81 -35.49
C VAL B 461 14.62 1.41 -34.99
N VAL B 462 15.66 0.70 -34.56
CA VAL B 462 15.53 -0.65 -34.03
C VAL B 462 15.58 -0.58 -32.51
N LEU B 463 14.64 -1.24 -31.85
CA LEU B 463 14.57 -1.27 -30.40
C LEU B 463 14.96 -2.66 -29.90
N LEU B 464 15.94 -2.70 -29.01
CA LEU B 464 16.43 -3.95 -28.43
C LEU B 464 16.48 -3.82 -26.92
N ASP B 465 16.56 -4.96 -26.24
CA ASP B 465 16.67 -5.02 -24.80
C ASP B 465 17.82 -5.93 -24.42
N CYS B 466 18.48 -5.62 -23.30
CA CYS B 466 19.57 -6.45 -22.83
C CYS B 466 19.10 -7.87 -22.60
N GLY B 467 19.93 -8.84 -22.97
CA GLY B 467 19.57 -10.24 -22.93
C GLY B 467 18.94 -10.76 -24.20
N THR B 468 18.66 -9.91 -25.18
CA THR B 468 18.08 -10.32 -26.46
C THR B 468 19.19 -10.37 -27.50
N GLN B 469 19.48 -11.57 -28.00
CA GLN B 469 20.57 -11.78 -28.94
C GLN B 469 19.98 -12.01 -30.34
N PRO B 470 20.05 -11.02 -31.24
CA PRO B 470 19.54 -11.25 -32.59
C PRO B 470 20.43 -12.24 -33.35
N SER B 471 19.92 -12.67 -34.49
CA SER B 471 20.62 -13.66 -35.30
C SER B 471 21.73 -12.96 -36.09
N GLY B 472 22.36 -13.71 -37.00
CA GLY B 472 23.45 -13.15 -37.80
C GLY B 472 23.00 -12.26 -38.93
N ARG B 473 21.75 -12.41 -39.40
CA ARG B 473 21.25 -11.62 -40.52
C ARG B 473 19.88 -11.03 -40.20
N SER B 474 19.48 -10.99 -38.93
CA SER B 474 18.13 -10.58 -38.57
C SER B 474 17.88 -9.11 -38.93
N LEU B 475 18.83 -8.23 -38.58
CA LEU B 475 18.62 -6.81 -38.82
C LEU B 475 18.54 -6.51 -40.31
N TYR B 476 19.30 -7.24 -41.13
CA TYR B 476 19.15 -7.10 -42.57
C TYR B 476 17.75 -7.50 -43.01
N GLU B 477 17.19 -8.55 -42.42
CA GLU B 477 15.83 -8.94 -42.77
C GLU B 477 14.83 -7.85 -42.42
N LEU B 478 14.96 -7.25 -41.23
CA LEU B 478 14.06 -6.17 -40.86
C LEU B 478 14.20 -4.98 -41.83
N TRP B 479 15.44 -4.61 -42.14
CA TRP B 479 15.65 -3.50 -43.05
C TRP B 479 15.06 -3.79 -44.43
N LYS B 480 15.23 -5.02 -44.91
CA LYS B 480 14.68 -5.37 -46.22
C LYS B 480 13.16 -5.34 -46.20
N GLU B 481 12.56 -5.78 -45.09
CA GLU B 481 11.10 -5.67 -44.96
C GLU B 481 10.66 -4.23 -45.08
N PHE B 482 11.37 -3.31 -44.40
CA PHE B 482 11.01 -1.90 -44.52
C PHE B 482 11.24 -1.38 -45.94
N ASP B 483 12.30 -1.85 -46.60
CA ASP B 483 12.68 -1.28 -47.89
C ASP B 483 11.74 -1.74 -49.01
N ARG B 484 11.35 -3.01 -49.00
CA ARG B 484 10.55 -3.53 -50.11
C ARG B 484 9.25 -2.75 -50.28
N ASP B 485 8.49 -2.60 -49.20
CA ASP B 485 7.20 -1.93 -49.22
C ASP B 485 7.31 -0.63 -48.45
N HIS B 486 6.99 0.49 -49.10
CA HIS B 486 7.12 1.79 -48.45
C HIS B 486 5.99 2.10 -47.48
N ARG B 487 4.88 1.35 -47.55
CA ARG B 487 3.78 1.57 -46.62
C ARG B 487 4.04 1.03 -45.23
N VAL B 488 5.01 0.12 -45.08
CA VAL B 488 5.27 -0.48 -43.78
C VAL B 488 5.87 0.55 -42.85
N ALA B 489 5.31 0.66 -41.64
CA ALA B 489 5.78 1.59 -40.63
C ALA B 489 6.35 0.91 -39.39
N GLY B 490 6.03 -0.36 -39.17
CA GLY B 490 6.55 -1.09 -38.03
C GLY B 490 6.73 -2.54 -38.37
N ALA B 491 7.73 -3.17 -37.73
CA ALA B 491 8.04 -4.57 -37.99
C ALA B 491 8.49 -5.24 -36.71
N CYS B 492 8.23 -6.53 -36.60
CA CYS B 492 8.67 -7.33 -35.47
C CYS B 492 9.21 -8.65 -35.98
N GLY B 493 10.04 -9.29 -35.14
CA GLY B 493 10.66 -10.53 -35.51
C GLY B 493 10.39 -11.61 -34.49
N GLU B 494 10.66 -12.85 -34.90
CA GLU B 494 10.42 -14.00 -34.05
C GLU B 494 11.30 -13.96 -32.81
N ILE B 495 10.70 -14.22 -31.66
CA ILE B 495 11.40 -14.22 -30.39
C ILE B 495 11.37 -15.64 -29.85
N THR B 496 12.52 -16.15 -29.44
CA THR B 496 12.68 -17.52 -29.02
C THR B 496 13.22 -17.58 -27.59
N THR B 497 12.96 -18.71 -26.93
CA THR B 497 13.40 -18.94 -25.57
C THR B 497 14.54 -19.95 -25.60
N SER B 498 15.64 -19.62 -24.93
CA SER B 498 16.78 -20.54 -24.91
C SER B 498 16.49 -21.73 -24.00
N LEU B 499 16.82 -22.93 -24.48
CA LEU B 499 16.62 -24.14 -23.72
C LEU B 499 17.92 -24.95 -23.66
N LYS B 500 19.05 -24.24 -23.56
CA LYS B 500 20.34 -24.89 -23.64
C LYS B 500 20.59 -25.83 -22.47
N LYS B 501 20.64 -25.27 -21.26
CA LYS B 501 20.98 -26.01 -20.05
C LYS B 501 19.79 -26.09 -19.10
N ARG B 502 18.61 -26.33 -19.65
CA ARG B 502 17.37 -26.39 -18.88
C ARG B 502 16.67 -27.68 -19.25
N GLN B 503 16.29 -28.47 -18.25
CA GLN B 503 15.70 -29.77 -18.52
C GLN B 503 14.20 -29.65 -18.76
N MET B 504 13.64 -30.71 -19.35
CA MET B 504 12.21 -30.75 -19.63
C MET B 504 11.41 -30.83 -18.34
N ILE B 505 11.83 -31.68 -17.42
CA ILE B 505 11.05 -31.92 -16.20
C ILE B 505 11.44 -30.95 -15.09
N THR B 506 12.70 -30.55 -15.02
CA THR B 506 13.15 -29.67 -13.93
C THR B 506 12.60 -28.26 -14.08
N ASN B 507 12.27 -27.83 -15.29
CA ASN B 507 11.82 -26.46 -15.56
C ASN B 507 10.54 -26.50 -16.37
N PRO B 508 9.42 -26.88 -15.75
CA PRO B 508 8.15 -26.84 -16.49
C PRO B 508 7.79 -25.45 -16.98
N LEU B 509 8.07 -24.43 -16.19
CA LEU B 509 7.66 -23.07 -16.54
C LEU B 509 8.36 -22.57 -17.79
N VAL B 510 9.66 -22.85 -17.92
CA VAL B 510 10.40 -22.41 -19.09
C VAL B 510 9.82 -23.03 -20.35
N TYR B 511 9.53 -24.34 -20.31
CA TYR B 511 9.00 -25.01 -21.49
C TYR B 511 7.58 -24.57 -21.80
N GLY B 512 6.78 -24.30 -20.77
CA GLY B 512 5.46 -23.73 -21.02
C GLY B 512 5.55 -22.39 -21.73
N GLN B 513 6.48 -21.53 -21.28
CA GLN B 513 6.69 -20.26 -21.96
C GLN B 513 7.18 -20.47 -23.38
N ASN B 514 8.03 -21.47 -23.60
CA ASN B 514 8.49 -21.76 -24.95
C ASN B 514 7.32 -22.11 -25.86
N PHE B 515 6.42 -22.97 -25.38
CA PHE B 515 5.25 -23.32 -26.17
C PHE B 515 4.38 -22.10 -26.45
N GLU B 516 4.17 -21.26 -25.44
CA GLU B 516 3.37 -20.06 -25.63
C GLU B 516 3.97 -19.16 -26.70
N TYR B 517 5.28 -18.94 -26.63
CA TYR B 517 5.95 -18.08 -27.62
C TYR B 517 5.84 -18.67 -29.01
N LYS B 518 6.06 -19.97 -29.15
CA LYS B 518 6.00 -20.60 -30.47
C LYS B 518 4.60 -20.49 -31.06
N ILE B 519 3.57 -20.78 -30.26
CA ILE B 519 2.21 -20.69 -30.76
C ILE B 519 1.88 -19.25 -31.15
N SER B 520 2.29 -18.28 -30.34
CA SER B 520 2.05 -16.89 -30.69
C SER B 520 2.66 -16.58 -32.05
N ASN B 521 3.96 -16.84 -32.21
CA ASN B 521 4.62 -16.51 -33.46
C ASN B 521 4.08 -17.29 -34.65
N ILE B 522 3.47 -18.45 -34.42
CA ILE B 522 3.00 -19.26 -35.53
C ILE B 522 1.56 -18.91 -35.94
N LEU B 523 0.71 -18.47 -35.00
CA LEU B 523 -0.68 -18.23 -35.30
C LEU B 523 -1.09 -16.77 -35.18
N ASP B 524 -0.75 -16.10 -34.08
CA ASP B 524 -1.26 -14.75 -33.85
C ASP B 524 -0.57 -13.73 -34.74
N LYS B 525 0.76 -13.69 -34.71
CA LYS B 525 1.49 -12.68 -35.48
C LYS B 525 1.20 -12.79 -36.97
N PRO B 526 1.27 -13.96 -37.61
CA PRO B 526 1.01 -14.01 -39.05
C PRO B 526 -0.37 -13.52 -39.46
N THR B 527 -1.41 -13.86 -38.70
CA THR B 527 -2.77 -13.42 -39.06
C THR B 527 -2.87 -11.91 -38.98
N GLU B 528 -2.37 -11.33 -37.87
CA GLU B 528 -2.43 -9.89 -37.71
C GLU B 528 -1.63 -9.19 -38.79
N SER B 529 -0.47 -9.74 -39.16
CA SER B 529 0.30 -9.17 -40.25
C SER B 529 -0.49 -9.22 -41.56
N SER B 530 -1.17 -10.34 -41.81
CA SER B 530 -1.96 -10.45 -43.03
C SER B 530 -3.05 -9.38 -43.07
N PHE B 531 -3.70 -9.14 -41.92
CA PHE B 531 -4.71 -8.08 -41.86
C PHE B 531 -4.10 -6.69 -41.90
N GLY B 532 -2.80 -6.56 -41.62
CA GLY B 532 -2.12 -5.29 -41.66
C GLY B 532 -2.05 -4.53 -40.35
N PHE B 533 -2.65 -5.05 -39.28
CA PHE B 533 -2.63 -4.39 -37.98
C PHE B 533 -2.22 -5.40 -36.92
N ILE B 534 -1.09 -5.14 -36.26
CA ILE B 534 -0.58 -5.98 -35.19
C ILE B 534 -0.86 -5.30 -33.86
N SER B 535 -1.52 -6.03 -32.95
CA SER B 535 -1.91 -5.43 -31.69
C SER B 535 -0.70 -4.97 -30.89
N VAL B 536 0.34 -5.80 -30.82
CA VAL B 536 1.53 -5.50 -30.03
C VAL B 536 2.76 -5.82 -30.85
N LEU B 537 3.72 -4.89 -30.87
CA LEU B 537 5.04 -5.16 -31.41
C LEU B 537 6.00 -5.33 -30.25
N PRO B 538 6.64 -6.48 -30.09
CA PRO B 538 7.46 -6.71 -28.89
C PRO B 538 8.49 -5.60 -28.71
N GLY B 539 8.55 -5.06 -27.50
CA GLY B 539 9.55 -4.05 -27.21
C GLY B 539 10.95 -4.60 -27.15
N ALA B 540 11.09 -5.90 -26.86
CA ALA B 540 12.41 -6.50 -26.82
C ALA B 540 13.07 -6.53 -28.19
N PHE B 541 12.28 -6.68 -29.25
CA PHE B 541 12.85 -6.76 -30.59
C PHE B 541 11.80 -6.26 -31.58
N SER B 542 11.98 -5.06 -32.12
CA SER B 542 11.07 -4.47 -33.07
C SER B 542 11.79 -3.38 -33.83
N ALA B 543 11.10 -2.78 -34.80
CA ALA B 543 11.66 -1.69 -35.58
C ALA B 543 10.54 -0.78 -36.05
N TYR B 544 10.82 0.52 -36.11
CA TYR B 544 9.84 1.52 -36.52
C TYR B 544 10.47 2.44 -37.54
N ARG B 545 9.65 2.94 -38.46
CA ARG B 545 10.08 3.95 -39.41
C ARG B 545 9.96 5.32 -38.76
N PHE B 546 11.07 6.08 -38.76
CA PHE B 546 11.12 7.30 -37.97
C PHE B 546 10.11 8.34 -38.44
N ILE B 547 9.98 8.51 -39.76
CA ILE B 547 9.08 9.56 -40.27
C ILE B 547 7.64 9.26 -39.90
N ALA B 548 7.26 7.98 -39.87
CA ALA B 548 5.88 7.64 -39.58
C ALA B 548 5.49 8.06 -38.16
N LEU B 549 6.44 8.07 -37.24
CA LEU B 549 6.15 8.40 -35.85
C LEU B 549 6.06 9.91 -35.59
N GLN B 550 6.49 10.74 -36.53
CA GLN B 550 6.52 12.18 -36.29
C GLN B 550 5.11 12.72 -36.08
N ASN B 551 4.98 13.67 -35.16
CA ASN B 551 3.69 14.27 -34.88
C ASN B 551 3.29 15.24 -35.98
N ASP B 552 2.02 15.59 -35.99
CA ASP B 552 1.49 16.56 -36.95
C ASP B 552 1.83 17.98 -36.53
N ILE B 553 1.55 18.92 -37.42
CA ILE B 553 1.81 20.33 -37.12
C ILE B 553 0.96 20.77 -35.93
N ASN B 554 -0.27 20.28 -35.85
CA ASN B 554 -1.13 20.63 -34.72
C ASN B 554 -0.56 20.16 -33.40
N GLY B 555 0.38 19.21 -33.42
CA GLY B 555 0.98 18.70 -32.21
C GLY B 555 0.45 17.37 -31.73
N VAL B 556 -0.52 16.78 -32.44
CA VAL B 556 -1.09 15.48 -32.07
C VAL B 556 -0.50 14.42 -32.98
N GLY B 557 -0.03 13.33 -32.37
CA GLY B 557 0.57 12.24 -33.11
C GLY B 557 0.87 11.05 -32.23
N PRO B 558 1.33 9.96 -32.83
CA PRO B 558 1.61 8.75 -32.03
C PRO B 558 2.59 8.99 -30.90
N LEU B 559 3.65 9.76 -31.15
CA LEU B 559 4.65 9.99 -30.11
C LEU B 559 4.07 10.80 -28.96
N GLU B 560 3.23 11.79 -29.26
CA GLU B 560 2.60 12.58 -28.20
C GLU B 560 1.73 11.68 -27.32
N LYS B 561 0.92 10.82 -27.94
CA LYS B 561 0.11 9.89 -27.18
C LYS B 561 0.97 8.97 -26.32
N TYR B 562 2.05 8.45 -26.88
CA TYR B 562 2.90 7.53 -26.14
C TYR B 562 3.56 8.23 -24.95
N PHE B 563 4.05 9.45 -25.15
CA PHE B 563 4.78 10.15 -24.10
C PHE B 563 3.88 10.73 -23.03
N LYS B 564 2.62 11.03 -23.36
CA LYS B 564 1.74 11.64 -22.36
C LYS B 564 1.58 10.75 -21.13
N GLY B 565 1.72 9.43 -21.30
CA GLY B 565 1.53 8.54 -20.18
C GLY B 565 2.52 8.80 -19.07
N GLU B 566 3.79 9.04 -19.43
CA GLU B 566 4.81 9.28 -18.42
C GLU B 566 4.47 10.50 -17.56
N PHE B 567 4.07 11.60 -18.20
CA PHE B 567 3.79 12.82 -17.45
C PHE B 567 2.53 12.68 -16.62
N LEU B 568 1.49 12.06 -17.17
CA LEU B 568 0.24 11.94 -16.43
C LEU B 568 0.36 10.97 -15.26
N HIS B 569 1.06 9.84 -15.46
CA HIS B 569 1.19 8.82 -14.43
C HIS B 569 2.44 9.10 -13.60
N SER B 570 2.33 10.06 -12.70
CA SER B 570 3.42 10.41 -11.81
C SER B 570 2.88 11.36 -10.74
N SER B 571 3.66 11.51 -9.67
CA SER B 571 3.29 12.44 -8.61
C SER B 571 3.24 13.86 -9.15
N GLY B 572 2.22 14.61 -8.75
CA GLY B 572 2.07 15.97 -9.21
C GLY B 572 2.94 16.95 -8.45
N GLU B 573 4.23 16.64 -8.34
CA GLU B 573 5.20 17.47 -7.64
C GLU B 573 6.30 17.84 -8.64
N LEU B 574 6.14 18.99 -9.28
CA LEU B 574 7.08 19.48 -10.28
C LEU B 574 8.09 20.42 -9.63
N ASP B 575 9.37 20.17 -9.85
CA ASP B 575 10.41 21.05 -9.33
C ASP B 575 10.46 22.33 -10.17
N PRO B 576 10.34 23.51 -9.56
CA PRO B 576 10.36 24.74 -10.36
C PRO B 576 11.67 24.98 -11.09
N ASN B 577 12.77 24.36 -10.64
CA ASN B 577 14.06 24.57 -11.25
C ASN B 577 14.26 23.78 -12.54
N ASP B 578 13.41 22.80 -12.82
CA ASP B 578 13.53 22.03 -14.05
C ASP B 578 13.29 22.93 -15.26
N ASP B 579 14.07 22.72 -16.32
CA ASP B 579 13.89 23.50 -17.54
C ASP B 579 12.68 23.03 -18.34
N GLU B 580 12.18 21.83 -18.06
CA GLU B 580 10.96 21.33 -18.68
C GLU B 580 9.73 21.59 -17.80
N PHE B 581 9.85 22.52 -16.84
CA PHE B 581 8.74 22.79 -15.94
C PHE B 581 7.53 23.30 -16.72
N GLN B 582 7.74 24.17 -17.69
CA GLN B 582 6.62 24.73 -18.44
C GLN B 582 5.84 23.64 -19.17
N MET B 583 6.55 22.74 -19.86
CA MET B 583 5.87 21.69 -20.62
C MET B 583 5.06 20.79 -19.70
N LYS B 584 5.68 20.32 -18.61
CA LYS B 584 4.98 19.42 -17.69
C LYS B 584 3.80 20.12 -17.04
N HIS B 585 3.97 21.37 -16.64
CA HIS B 585 2.88 22.10 -16.02
C HIS B 585 1.73 22.29 -16.98
N LEU B 586 2.01 22.64 -18.24
CA LEU B 586 0.95 22.79 -19.21
C LEU B 586 0.23 21.47 -19.46
N MET B 587 0.98 20.38 -19.59
CA MET B 587 0.33 19.08 -19.83
C MET B 587 -0.55 18.66 -18.66
N LEU B 588 -0.03 18.79 -17.43
CA LEU B 588 -0.83 18.43 -16.26
C LEU B 588 -2.03 19.35 -16.07
N LYS B 589 -1.88 20.63 -16.42
CA LYS B 589 -3.00 21.57 -16.29
C LYS B 589 -4.12 21.29 -17.27
N GLU B 590 -3.83 20.57 -18.35
CA GLU B 590 -4.83 20.26 -19.36
C GLU B 590 -5.82 19.23 -18.82
N GLU B 591 -7.07 19.33 -19.28
CA GLU B 591 -8.11 18.40 -18.86
C GLU B 591 -7.91 17.05 -19.56
N ALA B 592 -7.71 16.02 -18.76
CA ALA B 592 -7.43 14.66 -19.22
C ALA B 592 -8.61 13.76 -18.90
N GLY B 593 -9.06 13.00 -19.90
CA GLY B 593 -10.12 12.04 -19.72
C GLY B 593 -9.61 10.71 -19.19
N ILE B 594 -10.50 9.73 -19.19
CA ILE B 594 -10.15 8.40 -18.69
C ILE B 594 -9.04 7.78 -19.54
N PHE B 595 -9.22 7.77 -20.86
CA PHE B 595 -8.22 7.13 -21.71
C PHE B 595 -6.89 7.86 -21.68
N THR B 596 -6.90 9.20 -21.75
CA THR B 596 -5.66 9.95 -21.76
C THR B 596 -4.87 9.77 -20.45
N SER B 597 -5.55 9.78 -19.31
CA SER B 597 -4.89 9.64 -18.02
C SER B 597 -4.47 8.21 -17.72
N ASN B 598 -4.96 7.23 -18.46
CA ASN B 598 -4.60 5.83 -18.27
C ASN B 598 -3.78 5.26 -19.42
N MET B 599 -3.28 6.12 -20.31
CA MET B 599 -2.44 5.64 -21.41
C MET B 599 -1.27 4.80 -20.92
N TYR B 600 -0.79 5.04 -19.70
CA TYR B 600 0.42 4.39 -19.25
C TYR B 600 0.31 2.87 -19.30
N LEU B 601 -0.91 2.33 -19.24
CA LEU B 601 -1.08 0.89 -19.30
C LEU B 601 -0.68 0.34 -20.67
N ALA B 602 -1.07 1.03 -21.74
CA ALA B 602 -0.83 0.52 -23.09
C ALA B 602 0.66 0.46 -23.39
N GLU B 603 1.40 1.53 -23.10
CA GLU B 603 2.83 1.60 -23.41
C GLU B 603 2.98 1.51 -24.93
N ASP B 604 3.99 0.81 -25.44
CA ASP B 604 4.27 0.80 -26.88
C ASP B 604 3.06 0.37 -27.70
N ARG B 605 2.18 -0.45 -27.12
CA ARG B 605 1.02 -0.94 -27.85
C ARG B 605 0.24 0.19 -28.52
N ILE B 606 0.07 1.31 -27.82
CA ILE B 606 -0.73 2.41 -28.36
C ILE B 606 -0.19 2.84 -29.73
N LEU B 607 1.14 2.95 -29.84
CA LEU B 607 1.76 3.39 -31.09
C LEU B 607 1.20 2.64 -32.29
N CYS B 608 1.10 1.31 -32.19
CA CYS B 608 0.68 0.53 -33.36
C CYS B 608 -0.63 1.07 -33.90
N PHE B 609 -1.64 1.17 -33.02
CA PHE B 609 -2.94 1.66 -33.46
C PHE B 609 -2.80 3.06 -34.04
N GLU B 610 -2.12 3.95 -33.31
CA GLU B 610 -2.04 5.32 -33.80
C GLU B 610 -1.37 5.38 -35.16
N LEU B 611 -0.54 4.39 -35.48
CA LEU B 611 0.12 4.35 -36.78
C LEU B 611 -0.83 3.89 -37.86
N VAL B 612 -1.66 2.89 -37.57
CA VAL B 612 -2.55 2.36 -38.59
C VAL B 612 -3.69 3.34 -38.87
N ALA B 613 -4.29 3.88 -37.82
CA ALA B 613 -5.44 4.77 -37.94
C ALA B 613 -5.01 6.23 -37.90
N LYS B 614 -4.15 6.62 -38.83
CA LYS B 614 -3.78 8.01 -38.96
C LYS B 614 -4.81 8.79 -39.78
N ARG B 615 -4.76 10.11 -39.65
CA ARG B 615 -5.80 10.96 -40.24
C ARG B 615 -5.82 10.84 -41.75
N GLY B 616 -4.65 10.90 -42.38
CA GLY B 616 -4.58 10.87 -43.83
C GLY B 616 -3.39 10.10 -44.36
N CYS B 617 -2.81 9.25 -43.53
CA CYS B 617 -1.64 8.47 -43.90
C CYS B 617 -2.01 7.01 -44.12
N ASN B 618 -1.19 6.34 -44.92
CA ASN B 618 -1.38 4.93 -45.27
C ASN B 618 -0.19 4.16 -44.73
N TRP B 619 -0.33 3.58 -43.54
CA TRP B 619 0.74 2.85 -42.88
C TRP B 619 0.26 1.45 -42.53
N LEU B 620 1.19 0.50 -42.51
CA LEU B 620 0.88 -0.89 -42.19
C LEU B 620 1.95 -1.43 -41.26
N LEU B 621 1.57 -2.46 -40.49
CA LEU B 621 2.47 -3.17 -39.60
C LEU B 621 2.65 -4.60 -40.12
N ARG B 622 3.90 -5.04 -40.20
CA ARG B 622 4.22 -6.32 -40.82
C ARG B 622 5.11 -7.15 -39.90
N TYR B 623 4.91 -8.46 -39.95
CA TYR B 623 5.71 -9.40 -39.18
C TYR B 623 6.51 -10.27 -40.14
N CYS B 624 7.81 -10.41 -39.88
CA CYS B 624 8.70 -11.22 -40.69
C CYS B 624 9.25 -12.35 -39.86
N LYS B 625 9.16 -13.58 -40.38
CA LYS B 625 9.68 -14.74 -39.68
C LYS B 625 11.15 -15.00 -39.97
N SER B 626 11.73 -14.29 -40.94
CA SER B 626 13.15 -14.46 -41.21
C SER B 626 14.01 -13.91 -40.09
N ALA B 627 13.55 -12.84 -39.44
CA ALA B 627 14.29 -12.24 -38.33
C ALA B 627 13.98 -13.01 -37.05
N ARG B 628 15.03 -13.41 -36.34
CA ARG B 628 14.91 -14.19 -35.12
C ARG B 628 15.80 -13.59 -34.05
N ALA B 629 15.30 -13.61 -32.81
CA ALA B 629 16.06 -13.13 -31.66
C ALA B 629 15.77 -14.04 -30.48
N GLU B 630 16.80 -14.30 -29.69
CA GLU B 630 16.72 -15.23 -28.56
C GLU B 630 16.81 -14.41 -27.28
N THR B 631 15.93 -14.71 -26.33
CA THR B 631 15.88 -13.99 -25.07
C THR B 631 15.71 -14.98 -23.93
N ASP B 632 16.10 -14.55 -22.73
CA ASP B 632 15.98 -15.37 -21.54
C ASP B 632 14.67 -15.05 -20.82
N VAL B 633 13.90 -16.10 -20.55
CA VAL B 633 12.60 -15.97 -19.88
C VAL B 633 12.80 -16.04 -18.37
N PRO B 634 11.90 -15.48 -17.56
CA PRO B 634 12.07 -15.55 -16.10
C PRO B 634 11.82 -16.97 -15.62
N GLU B 635 12.83 -17.56 -14.97
CA GLU B 635 12.67 -18.91 -14.44
C GLU B 635 11.83 -18.92 -13.17
N GLY B 636 12.01 -17.91 -12.32
CA GLY B 636 11.27 -17.89 -11.07
C GLY B 636 9.80 -17.56 -11.28
N LEU B 637 8.98 -18.00 -10.33
CA LEU B 637 7.54 -17.76 -10.43
C LEU B 637 7.21 -16.31 -10.12
N ALA B 638 7.86 -15.72 -9.12
CA ALA B 638 7.57 -14.34 -8.76
C ALA B 638 7.92 -13.40 -9.90
N GLU B 639 9.09 -13.59 -10.51
CA GLU B 639 9.48 -12.75 -11.64
C GLU B 639 8.53 -12.93 -12.81
N PHE B 640 8.09 -14.17 -13.05
CA PHE B 640 7.14 -14.42 -14.13
C PHE B 640 5.83 -13.70 -13.89
N ILE B 641 5.32 -13.73 -12.66
CA ILE B 641 4.08 -13.02 -12.33
C ILE B 641 4.26 -11.52 -12.53
N LEU B 642 5.39 -10.98 -12.06
CA LEU B 642 5.63 -9.55 -12.20
C LEU B 642 5.70 -9.15 -13.66
N GLN B 643 6.35 -9.98 -14.49
CA GLN B 643 6.43 -9.69 -15.92
C GLN B 643 5.04 -9.71 -16.55
N ARG B 644 4.23 -10.72 -16.22
CA ARG B 644 2.92 -10.85 -16.84
C ARG B 644 1.94 -9.77 -16.39
N ARG B 645 2.14 -9.18 -15.21
CA ARG B 645 1.24 -8.12 -14.76
C ARG B 645 1.07 -7.07 -15.85
N ARG B 646 2.17 -6.44 -16.22
CA ARG B 646 2.10 -5.32 -17.16
C ARG B 646 1.72 -5.79 -18.56
N TRP B 647 2.12 -7.00 -18.96
CA TRP B 647 1.68 -7.52 -20.26
C TRP B 647 0.16 -7.62 -20.33
N LEU B 648 -0.46 -8.21 -19.31
CA LEU B 648 -1.90 -8.36 -19.32
C LEU B 648 -2.60 -7.01 -19.26
N ASN B 649 -2.14 -6.11 -18.38
CA ASN B 649 -2.78 -4.81 -18.28
C ASN B 649 -2.70 -4.06 -19.60
N GLY B 650 -1.53 -4.07 -20.23
CA GLY B 650 -1.38 -3.40 -21.50
C GLY B 650 -2.24 -4.01 -22.60
N SER B 651 -2.29 -5.34 -22.67
CA SER B 651 -3.11 -5.98 -23.69
C SER B 651 -4.58 -5.59 -23.52
N PHE B 652 -5.09 -5.68 -22.29
CA PHE B 652 -6.49 -5.33 -22.05
C PHE B 652 -6.78 -3.88 -22.42
N PHE B 653 -5.96 -2.95 -21.92
CA PHE B 653 -6.23 -1.54 -22.16
C PHE B 653 -6.11 -1.22 -23.65
N ALA B 654 -5.11 -1.77 -24.32
CA ALA B 654 -4.96 -1.49 -25.75
C ALA B 654 -6.14 -2.02 -26.53
N ALA B 655 -6.61 -3.23 -26.20
CA ALA B 655 -7.79 -3.77 -26.90
C ALA B 655 -9.00 -2.87 -26.68
N ILE B 656 -9.23 -2.45 -25.44
CA ILE B 656 -10.38 -1.59 -25.17
C ILE B 656 -10.27 -0.29 -25.94
N TYR B 657 -9.10 0.34 -25.89
CA TYR B 657 -8.92 1.63 -26.55
C TYR B 657 -9.12 1.51 -28.05
N SER B 658 -8.55 0.47 -28.67
CA SER B 658 -8.71 0.30 -30.11
C SER B 658 -10.16 0.04 -30.48
N LEU B 659 -10.86 -0.79 -29.71
CA LEU B 659 -12.25 -1.09 -30.04
C LEU B 659 -13.14 0.13 -29.89
N VAL B 660 -12.92 0.93 -28.85
CA VAL B 660 -13.77 2.11 -28.64
C VAL B 660 -13.57 3.11 -29.78
N HIS B 661 -12.33 3.32 -30.20
CA HIS B 661 -12.00 4.31 -31.23
C HIS B 661 -11.84 3.68 -32.60
N PHE B 662 -12.63 2.64 -32.92
CA PHE B 662 -12.48 1.98 -34.20
C PHE B 662 -12.83 2.89 -35.37
N TYR B 663 -13.59 3.95 -35.13
CA TYR B 663 -14.03 4.81 -36.24
C TYR B 663 -12.89 5.66 -36.78
N LYS B 664 -11.80 5.83 -36.05
CA LYS B 664 -10.71 6.68 -36.52
C LYS B 664 -10.11 6.19 -37.81
N VAL B 665 -10.27 4.90 -38.14
CA VAL B 665 -9.73 4.37 -39.38
C VAL B 665 -10.53 4.81 -40.60
N TRP B 666 -11.73 5.34 -40.40
CA TRP B 666 -12.53 5.78 -41.54
C TRP B 666 -11.83 6.88 -42.32
N THR B 667 -11.24 7.85 -41.62
CA THR B 667 -10.59 8.98 -42.29
C THR B 667 -9.23 8.63 -42.87
N SER B 668 -8.63 7.52 -42.46
CA SER B 668 -7.32 7.15 -42.98
C SER B 668 -7.41 6.85 -44.48
N SER B 669 -6.32 7.15 -45.19
CA SER B 669 -6.27 6.96 -46.64
C SER B 669 -5.85 5.52 -46.96
N HIS B 670 -6.81 4.61 -46.76
CA HIS B 670 -6.63 3.21 -47.09
C HIS B 670 -7.65 2.80 -48.15
N SER B 671 -7.35 1.74 -48.86
CA SER B 671 -8.30 1.21 -49.83
C SER B 671 -9.55 0.72 -49.10
N PHE B 672 -10.68 0.77 -49.80
CA PHE B 672 -11.95 0.41 -49.18
C PHE B 672 -11.92 -1.04 -48.68
N GLY B 673 -11.40 -1.94 -49.49
CA GLY B 673 -11.28 -3.33 -49.05
C GLY B 673 -10.38 -3.46 -47.83
N ARG B 674 -9.31 -2.67 -47.78
CA ARG B 674 -8.45 -2.69 -46.60
C ARG B 674 -9.23 -2.30 -45.36
N LYS B 675 -10.09 -1.27 -45.46
CA LYS B 675 -10.90 -0.88 -44.31
C LYS B 675 -11.89 -1.97 -43.93
N ILE B 676 -12.47 -2.65 -44.92
CA ILE B 676 -13.39 -3.74 -44.61
C ILE B 676 -12.68 -4.84 -43.83
N PHE B 677 -11.49 -5.23 -44.29
CA PHE B 677 -10.76 -6.29 -43.60
C PHE B 677 -10.27 -5.84 -42.23
N LEU B 678 -9.92 -4.56 -42.08
CA LEU B 678 -9.56 -4.05 -40.76
C LEU B 678 -10.76 -4.13 -39.82
N HIS B 679 -11.96 -3.86 -40.32
CA HIS B 679 -13.15 -3.99 -39.49
C HIS B 679 -13.40 -5.44 -39.11
N ILE B 680 -13.15 -6.38 -40.04
CA ILE B 680 -13.24 -7.79 -39.68
C ILE B 680 -12.28 -8.13 -38.56
N GLU B 681 -11.05 -7.63 -38.65
CA GLU B 681 -10.08 -7.88 -37.58
C GLU B 681 -10.54 -7.27 -36.27
N PHE B 682 -11.14 -6.08 -36.31
CA PHE B 682 -11.64 -5.46 -35.09
C PHE B 682 -12.74 -6.32 -34.47
N PHE B 683 -13.61 -6.88 -35.30
CA PHE B 683 -14.65 -7.77 -34.78
C PHE B 683 -14.04 -8.99 -34.12
N TYR B 684 -13.02 -9.58 -34.75
CA TYR B 684 -12.34 -10.72 -34.15
C TYR B 684 -11.73 -10.35 -32.80
N GLN B 685 -11.09 -9.18 -32.73
CA GLN B 685 -10.48 -8.74 -31.49
C GLN B 685 -11.53 -8.49 -30.41
N LEU B 686 -12.70 -7.99 -30.81
CA LEU B 686 -13.79 -7.83 -29.84
C LEU B 686 -14.22 -9.17 -29.28
N ILE B 687 -14.36 -10.19 -30.14
CA ILE B 687 -14.71 -11.51 -29.66
C ILE B 687 -13.64 -12.03 -28.71
N ASN B 688 -12.37 -11.85 -29.07
CA ASN B 688 -11.29 -12.32 -28.22
C ASN B 688 -11.31 -11.62 -26.86
N LEU B 689 -11.56 -10.31 -26.85
CA LEU B 689 -11.64 -9.59 -25.58
C LEU B 689 -12.79 -10.10 -24.73
N ILE B 690 -13.95 -10.34 -25.35
CA ILE B 690 -15.09 -10.85 -24.59
C ILE B 690 -14.75 -12.21 -23.98
N VAL B 691 -14.11 -13.08 -24.77
CA VAL B 691 -13.73 -14.40 -24.25
C VAL B 691 -12.75 -14.25 -23.10
N SER B 692 -11.79 -13.34 -23.23
CA SER B 692 -10.74 -13.21 -22.22
C SER B 692 -11.27 -12.58 -20.94
N TRP B 693 -12.28 -11.72 -21.03
CA TRP B 693 -12.83 -11.09 -19.84
C TRP B 693 -13.51 -12.11 -18.93
N PHE B 694 -14.20 -13.09 -19.52
CA PHE B 694 -14.91 -14.13 -18.78
C PHE B 694 -14.10 -15.41 -18.64
N SER B 695 -12.77 -15.31 -18.61
CA SER B 695 -11.94 -16.52 -18.57
C SER B 695 -12.09 -17.24 -17.24
N ILE B 696 -11.98 -16.50 -16.13
CA ILE B 696 -12.00 -17.13 -14.81
C ILE B 696 -13.35 -17.78 -14.55
N GLY B 697 -14.44 -17.07 -14.87
CA GLY B 697 -15.75 -17.65 -14.70
C GLY B 697 -15.98 -18.87 -15.56
N SER B 698 -15.54 -18.82 -16.82
CA SER B 698 -15.67 -19.97 -17.70
C SER B 698 -14.89 -21.17 -17.18
N TYR B 699 -13.67 -20.93 -16.69
CA TYR B 699 -12.87 -22.01 -16.13
C TYR B 699 -13.58 -22.64 -14.94
N PHE B 700 -14.08 -21.81 -14.03
CA PHE B 700 -14.78 -22.36 -12.87
C PHE B 700 -16.00 -23.15 -13.30
N LEU B 701 -16.78 -22.64 -14.26
CA LEU B 701 -17.98 -23.33 -14.70
C LEU B 701 -17.65 -24.68 -15.31
N VAL B 702 -16.63 -24.72 -16.17
CA VAL B 702 -16.26 -25.98 -16.80
C VAL B 702 -15.79 -26.98 -15.74
N PHE B 703 -14.96 -26.52 -14.79
CA PHE B 703 -14.50 -27.41 -13.73
C PHE B 703 -15.67 -27.96 -12.94
N ARG B 704 -16.60 -27.09 -12.53
CA ARG B 704 -17.73 -27.53 -11.73
C ARG B 704 -18.59 -28.52 -12.48
N ILE B 705 -18.90 -28.23 -13.75
CA ILE B 705 -19.74 -29.12 -14.54
C ILE B 705 -19.08 -30.49 -14.68
N LEU B 706 -17.80 -30.51 -15.05
CA LEU B 706 -17.13 -31.78 -15.27
C LEU B 706 -17.02 -32.58 -13.98
N THR B 707 -16.70 -31.93 -12.87
CA THR B 707 -16.56 -32.66 -11.61
C THR B 707 -17.91 -33.18 -11.11
N THR B 708 -18.97 -32.38 -11.25
CA THR B 708 -20.28 -32.84 -10.79
C THR B 708 -20.83 -33.95 -11.68
N SER B 709 -20.50 -33.94 -12.97
CA SER B 709 -21.00 -34.99 -13.85
C SER B 709 -20.53 -36.37 -13.41
N LEU B 710 -19.33 -36.46 -12.82
CA LEU B 710 -18.85 -37.73 -12.29
C LEU B 710 -19.64 -38.18 -11.08
N GLY B 711 -20.34 -37.28 -10.39
CA GLY B 711 -21.15 -37.65 -9.25
C GLY B 711 -22.41 -38.40 -9.62
N ASP B 712 -22.84 -38.32 -10.87
CA ASP B 712 -24.05 -39.02 -11.29
C ASP B 712 -23.90 -40.52 -11.07
N LYS B 713 -24.94 -41.13 -10.49
CA LYS B 713 -24.91 -42.55 -10.21
C LYS B 713 -24.98 -43.39 -11.48
N ALA B 714 -25.35 -42.80 -12.62
CA ALA B 714 -25.45 -43.58 -13.85
C ALA B 714 -24.11 -44.21 -14.21
N LEU B 715 -23.04 -43.43 -14.15
CA LEU B 715 -21.70 -43.94 -14.38
C LEU B 715 -21.12 -44.50 -13.08
N GLY B 716 -20.31 -45.54 -13.21
CA GLY B 716 -19.79 -46.24 -12.06
C GLY B 716 -18.51 -45.68 -11.51
N PHE B 717 -18.59 -44.52 -10.85
CA PHE B 717 -17.43 -43.90 -10.20
C PHE B 717 -17.83 -43.53 -8.78
N ALA B 718 -17.27 -44.26 -7.80
CA ALA B 718 -17.69 -44.07 -6.40
C ALA B 718 -17.14 -42.78 -5.81
N PRO B 719 -15.83 -42.53 -5.80
CA PRO B 719 -15.30 -41.36 -5.09
C PRO B 719 -15.69 -40.02 -5.72
N GLY B 720 -16.30 -40.01 -6.90
CA GLY B 720 -16.61 -38.78 -7.60
C GLY B 720 -17.17 -37.67 -6.73
N LYS B 721 -18.23 -37.95 -5.97
CA LYS B 721 -18.88 -36.91 -5.17
C LYS B 721 -17.90 -36.27 -4.19
N ILE B 722 -17.23 -37.09 -3.39
CA ILE B 722 -16.33 -36.56 -2.37
C ILE B 722 -15.20 -35.77 -3.01
N LEU B 723 -14.63 -36.30 -4.09
CA LEU B 723 -13.58 -35.58 -4.79
C LEU B 723 -14.07 -34.23 -5.28
N SER B 724 -15.28 -34.19 -5.84
CA SER B 724 -15.81 -32.92 -6.33
C SER B 724 -15.95 -31.91 -5.19
N VAL B 725 -16.48 -32.35 -4.05
CA VAL B 725 -16.62 -31.44 -2.91
C VAL B 725 -15.26 -30.92 -2.47
N ILE B 726 -14.29 -31.81 -2.32
CA ILE B 726 -12.96 -31.40 -1.86
C ILE B 726 -12.33 -30.42 -2.83
N PHE B 727 -12.42 -30.72 -4.13
CA PHE B 727 -11.85 -29.83 -5.13
C PHE B 727 -12.53 -28.47 -5.13
N LEU B 728 -13.86 -28.45 -4.92
CA LEU B 728 -14.56 -27.18 -4.83
C LEU B 728 -14.01 -26.35 -3.68
N TRP B 729 -13.88 -26.97 -2.50
CA TRP B 729 -13.37 -26.23 -1.35
C TRP B 729 -11.96 -25.71 -1.61
N LEU B 730 -11.09 -26.56 -2.16
CA LEU B 730 -9.72 -26.13 -2.44
C LEU B 730 -9.69 -25.00 -3.47
N TYR B 731 -10.53 -25.08 -4.50
CA TYR B 731 -10.58 -24.05 -5.52
C TYR B 731 -10.99 -22.71 -4.91
N LEU B 732 -12.05 -22.70 -4.12
CA LEU B 732 -12.48 -21.47 -3.47
C LEU B 732 -11.37 -20.91 -2.57
N ALA B 733 -10.74 -21.77 -1.78
CA ALA B 733 -9.68 -21.30 -0.90
C ALA B 733 -8.53 -20.70 -1.70
N SER B 734 -8.14 -21.34 -2.80
CA SER B 734 -7.05 -20.83 -3.61
C SER B 734 -7.39 -19.48 -4.21
N ILE B 735 -8.60 -19.32 -4.74
CA ILE B 735 -8.99 -18.03 -5.32
C ILE B 735 -8.97 -16.94 -4.26
N VAL B 736 -9.53 -17.22 -3.08
CA VAL B 736 -9.60 -16.20 -2.04
C VAL B 736 -8.20 -15.82 -1.59
N THR B 737 -7.33 -16.80 -1.38
CA THR B 737 -5.97 -16.49 -0.95
C THR B 737 -5.23 -15.72 -2.03
N THR B 738 -5.46 -16.04 -3.30
CA THR B 738 -4.83 -15.30 -4.38
C THR B 738 -5.23 -13.83 -4.34
N PHE B 739 -6.53 -13.56 -4.15
CA PHE B 739 -6.98 -12.17 -4.05
C PHE B 739 -6.33 -11.47 -2.87
N VAL B 740 -6.34 -12.12 -1.70
CA VAL B 740 -5.80 -11.49 -0.50
C VAL B 740 -4.32 -11.16 -0.68
N LEU B 741 -3.55 -12.12 -1.21
CA LEU B 741 -2.12 -11.88 -1.41
C LEU B 741 -1.89 -10.81 -2.47
N SER B 742 -2.65 -10.83 -3.56
CA SER B 742 -2.48 -9.82 -4.60
C SER B 742 -2.70 -8.42 -4.06
N PHE B 743 -3.65 -8.26 -3.14
CA PHE B 743 -3.86 -6.94 -2.55
C PHE B 743 -2.85 -6.61 -1.48
N GLY B 744 -2.44 -7.61 -0.68
CA GLY B 744 -1.68 -7.34 0.52
C GLY B 744 -0.17 -7.41 0.40
N ASN B 745 0.34 -8.53 -0.09
CA ASN B 745 1.76 -8.85 -0.04
C ASN B 745 2.38 -8.75 -1.43
N LYS B 746 3.74 -8.93 -1.48
CA LYS B 746 4.51 -8.90 -2.70
C LYS B 746 4.85 -10.30 -3.17
N PRO B 747 4.90 -10.54 -4.49
CA PRO B 747 5.13 -11.92 -4.96
C PRO B 747 6.43 -12.52 -4.47
N LYS B 748 7.50 -11.72 -4.38
CA LYS B 748 8.79 -12.27 -3.99
C LYS B 748 8.76 -12.83 -2.58
N GLY B 749 8.04 -12.16 -1.67
CA GLY B 749 7.93 -12.63 -0.30
C GLY B 749 7.22 -13.95 -0.20
N THR B 750 5.94 -13.97 -0.57
CA THR B 750 5.10 -15.16 -0.45
C THR B 750 5.06 -15.93 -1.77
N GLU B 751 6.21 -16.45 -2.17
CA GLU B 751 6.28 -17.24 -3.40
C GLU B 751 5.75 -18.66 -3.20
N LYS B 752 5.94 -19.23 -2.00
CA LYS B 752 5.53 -20.60 -1.76
C LYS B 752 4.02 -20.76 -1.89
N PHE B 753 3.26 -19.76 -1.46
CA PHE B 753 1.82 -19.80 -1.62
C PHE B 753 1.44 -19.95 -3.08
N TYR B 754 2.05 -19.13 -3.94
CA TYR B 754 1.76 -19.18 -5.37
C TYR B 754 2.19 -20.51 -5.96
N VAL B 755 3.34 -21.04 -5.52
CA VAL B 755 3.79 -22.33 -6.02
C VAL B 755 2.77 -23.42 -5.68
N THR B 756 2.29 -23.43 -4.43
CA THR B 756 1.31 -24.42 -4.03
C THR B 756 0.02 -24.28 -4.83
N ILE B 757 -0.43 -23.05 -5.04
CA ILE B 757 -1.65 -22.83 -5.81
C ILE B 757 -1.48 -23.35 -7.23
N VAL B 758 -0.33 -23.06 -7.85
CA VAL B 758 -0.10 -23.52 -9.21
C VAL B 758 -0.09 -25.05 -9.28
N ILE B 759 0.56 -25.70 -8.32
CA ILE B 759 0.59 -27.16 -8.31
C ILE B 759 -0.82 -27.72 -8.17
N PHE B 760 -1.63 -27.15 -7.26
CA PHE B 760 -2.99 -27.62 -7.11
C PHE B 760 -3.78 -27.44 -8.39
N PHE B 761 -3.62 -26.31 -9.07
CA PHE B 761 -4.36 -26.09 -10.30
C PHE B 761 -3.93 -27.08 -11.37
N ALA B 762 -2.64 -27.43 -11.43
CA ALA B 762 -2.19 -28.43 -12.39
C ALA B 762 -2.85 -29.78 -12.11
N ILE B 763 -2.87 -30.19 -10.84
CA ILE B 763 -3.52 -31.45 -10.48
C ILE B 763 -5.00 -31.41 -10.87
N LEU B 764 -5.66 -30.29 -10.61
CA LEU B 764 -7.07 -30.16 -10.93
C LEU B 764 -7.30 -30.26 -12.43
N MET B 765 -6.41 -29.66 -13.22
CA MET B 765 -6.54 -29.75 -14.68
C MET B 765 -6.40 -31.19 -15.14
N ALA B 766 -5.45 -31.92 -14.56
CA ALA B 766 -5.32 -33.35 -14.90
C ALA B 766 -6.60 -34.10 -14.56
N TYR B 767 -7.17 -33.84 -13.39
CA TYR B 767 -8.41 -34.51 -13.01
C TYR B 767 -9.55 -34.15 -13.96
N MET B 768 -9.63 -32.90 -14.38
CA MET B 768 -10.68 -32.49 -15.32
C MET B 768 -10.53 -33.21 -16.65
N ILE B 769 -9.29 -33.34 -17.14
CA ILE B 769 -9.08 -34.07 -18.39
C ILE B 769 -9.53 -35.51 -18.24
N PHE B 770 -9.16 -36.14 -17.11
CA PHE B 770 -9.59 -37.51 -16.88
C PHE B 770 -11.11 -37.62 -16.86
N ALA B 771 -11.78 -36.68 -16.19
CA ALA B 771 -13.23 -36.71 -16.11
C ALA B 771 -13.86 -36.59 -17.49
N ALA B 772 -13.34 -35.68 -18.32
CA ALA B 772 -13.89 -35.51 -19.66
C ALA B 772 -13.72 -36.78 -20.47
N ILE B 773 -12.55 -37.40 -20.41
CA ILE B 773 -12.32 -38.64 -21.16
C ILE B 773 -13.27 -39.73 -20.67
N PHE B 774 -13.44 -39.85 -19.34
CA PHE B 774 -14.34 -40.86 -18.80
C PHE B 774 -15.76 -40.64 -19.29
N MET B 775 -16.23 -39.39 -19.27
CA MET B 775 -17.58 -39.10 -19.71
C MET B 775 -17.76 -39.43 -21.19
N ALA B 776 -16.79 -39.08 -22.03
CA ALA B 776 -16.90 -39.40 -23.45
C ALA B 776 -16.95 -40.90 -23.68
N VAL B 777 -16.09 -41.65 -22.98
CA VAL B 777 -16.09 -43.10 -23.14
C VAL B 777 -17.42 -43.69 -22.70
N HIS B 778 -17.97 -43.20 -21.59
CA HIS B 778 -19.27 -43.68 -21.13
C HIS B 778 -20.35 -43.38 -22.16
N SER B 779 -20.32 -42.20 -22.77
CA SER B 779 -21.33 -41.85 -23.77
C SER B 779 -21.24 -42.78 -24.97
N ILE B 780 -20.01 -43.08 -25.42
CA ILE B 780 -19.85 -43.99 -26.56
C ILE B 780 -20.36 -45.38 -26.21
N GLN B 781 -20.01 -45.87 -25.02
CA GLN B 781 -20.50 -47.18 -24.62
C GLN B 781 -22.02 -47.21 -24.53
N ASP B 782 -22.65 -46.11 -24.09
CA ASP B 782 -24.10 -46.05 -24.10
C ASP B 782 -24.67 -46.04 -25.51
N ILE B 783 -23.98 -45.35 -26.43
CA ILE B 783 -24.38 -45.40 -27.84
C ILE B 783 -24.44 -46.84 -28.32
N TYR B 784 -23.42 -47.63 -27.99
CA TYR B 784 -23.24 -49.03 -28.47
C TYR B 784 -24.19 -50.03 -27.80
N ARG B 785 -24.10 -50.15 -26.47
CA ARG B 785 -24.87 -51.12 -25.64
C ARG B 785 -26.32 -51.30 -26.13
N SER B 786 -27.10 -50.22 -26.19
CA SER B 786 -28.53 -50.26 -26.57
C SER B 786 -28.70 -50.85 -27.98
N GLY B 787 -27.89 -50.38 -28.94
CA GLY B 787 -27.92 -50.86 -30.34
C GLY B 787 -28.95 -50.08 -31.14
N THR B 788 -28.53 -49.09 -31.93
CA THR B 788 -29.43 -48.24 -32.75
C THR B 788 -28.91 -48.08 -34.18
N ARG B 789 -28.43 -49.15 -34.82
CA ARG B 789 -27.86 -49.08 -36.20
C ARG B 789 -26.82 -47.95 -36.22
N ILE B 790 -25.79 -48.09 -35.39
CA ILE B 790 -24.74 -47.05 -35.14
C ILE B 790 -24.19 -46.53 -36.48
N THR B 791 -24.11 -45.20 -36.65
CA THR B 791 -23.55 -44.49 -37.84
C THR B 791 -22.87 -43.20 -37.35
N VAL B 792 -22.14 -42.50 -38.21
CA VAL B 792 -21.42 -41.28 -37.85
C VAL B 792 -22.39 -40.21 -37.39
N SER B 793 -23.61 -40.22 -37.94
CA SER B 793 -24.61 -39.23 -37.57
C SER B 793 -24.93 -39.33 -36.07
N LEU B 794 -25.11 -40.54 -35.56
CA LEU B 794 -25.40 -40.68 -34.13
C LEU B 794 -24.24 -40.19 -33.28
N PHE B 795 -23.01 -40.47 -33.70
CA PHE B 795 -21.85 -39.99 -32.96
C PHE B 795 -21.83 -38.46 -32.91
N PHE B 796 -22.15 -37.81 -34.04
CA PHE B 796 -22.19 -36.36 -34.09
C PHE B 796 -23.47 -35.77 -33.50
N GLN B 797 -24.45 -36.59 -33.13
CA GLN B 797 -25.67 -36.07 -32.52
C GLN B 797 -25.58 -36.10 -31.00
N ASN B 798 -24.65 -36.89 -30.44
CA ASN B 798 -24.50 -37.00 -29.00
C ASN B 798 -23.76 -35.76 -28.50
N SER B 799 -24.43 -34.96 -27.67
CA SER B 799 -23.85 -33.70 -27.22
C SER B 799 -22.57 -33.93 -26.44
N GLU B 800 -22.58 -34.89 -25.52
CA GLU B 800 -21.40 -35.15 -24.69
C GLU B 800 -20.18 -35.45 -25.55
N PHE B 801 -20.26 -36.53 -26.33
CA PHE B 801 -19.10 -36.92 -27.15
C PHE B 801 -18.69 -35.78 -28.07
N ARG B 802 -19.64 -35.21 -28.82
CA ARG B 802 -19.31 -34.16 -29.76
C ARG B 802 -18.54 -33.04 -29.07
N ASP B 803 -19.20 -32.36 -28.13
CA ASP B 803 -18.59 -31.21 -27.48
C ASP B 803 -17.24 -31.57 -26.87
N LEU B 804 -17.19 -32.65 -26.08
CA LEU B 804 -15.99 -32.91 -25.29
C LEU B 804 -14.82 -33.33 -26.17
N VAL B 805 -15.05 -34.16 -27.18
CA VAL B 805 -13.97 -34.78 -27.94
C VAL B 805 -13.70 -34.05 -29.25
N VAL B 806 -14.73 -33.84 -30.07
CA VAL B 806 -14.49 -33.37 -31.43
C VAL B 806 -13.87 -31.99 -31.42
N ALA B 807 -14.40 -31.09 -30.59
CA ALA B 807 -13.91 -29.71 -30.58
C ALA B 807 -12.44 -29.66 -30.14
N THR B 808 -12.12 -30.32 -29.02
CA THR B 808 -10.75 -30.30 -28.53
C THR B 808 -9.80 -30.97 -29.51
N SER B 809 -10.20 -32.10 -30.10
CA SER B 809 -9.35 -32.77 -31.07
C SER B 809 -9.12 -31.89 -32.30
N SER B 810 -10.17 -31.18 -32.74
CA SER B 810 -10.01 -30.28 -33.88
C SER B 810 -9.05 -29.15 -33.56
N THR B 811 -9.17 -28.56 -32.37
CA THR B 811 -8.24 -27.50 -31.99
C THR B 811 -6.81 -28.02 -31.96
N TYR B 812 -6.60 -29.19 -31.36
CA TYR B 812 -5.26 -29.74 -31.31
C TYR B 812 -4.72 -30.04 -32.70
N ALA B 813 -5.57 -30.57 -33.58
CA ALA B 813 -5.13 -30.88 -34.94
C ALA B 813 -4.76 -29.60 -35.70
N LEU B 814 -5.53 -28.53 -35.52
CA LEU B 814 -5.18 -27.27 -36.17
C LEU B 814 -3.84 -26.75 -35.67
N TYR B 815 -3.62 -26.81 -34.35
CA TYR B 815 -2.32 -26.39 -33.82
C TYR B 815 -1.20 -27.26 -34.39
N PHE B 816 -1.42 -28.57 -34.46
CA PHE B 816 -0.40 -29.49 -34.96
C PHE B 816 -0.05 -29.19 -36.42
N LEU B 817 -1.07 -29.00 -37.26
CA LEU B 817 -0.83 -28.69 -38.66
C LEU B 817 -0.11 -27.36 -38.81
N ALA B 818 -0.53 -26.34 -38.06
CA ALA B 818 0.14 -25.04 -38.14
C ALA B 818 1.61 -25.17 -37.76
N SER B 819 1.91 -25.94 -36.71
CA SER B 819 3.30 -26.15 -36.32
C SER B 819 4.08 -26.86 -37.41
N PHE B 820 3.49 -27.90 -38.02
CA PHE B 820 4.21 -28.65 -39.04
C PHE B 820 4.50 -27.78 -40.26
N LEU B 821 3.53 -26.98 -40.70
CA LEU B 821 3.73 -26.24 -41.93
C LEU B 821 4.84 -25.21 -41.80
N TYR B 822 5.12 -24.75 -40.58
CA TYR B 822 6.19 -23.80 -40.33
C TYR B 822 7.53 -24.47 -40.02
N PHE B 823 7.60 -25.79 -40.15
CA PHE B 823 8.83 -26.54 -39.90
C PHE B 823 9.36 -26.32 -38.50
N GLU B 824 8.46 -26.18 -37.53
CA GLU B 824 8.81 -26.06 -36.11
C GLU B 824 7.92 -26.99 -35.30
N PRO B 825 8.09 -28.31 -35.45
CA PRO B 825 7.18 -29.25 -34.78
C PRO B 825 7.56 -29.69 -33.38
N TRP B 826 8.80 -29.44 -32.92
CA TRP B 826 9.24 -30.02 -31.67
C TRP B 826 8.42 -29.50 -30.49
N HIS B 827 8.08 -28.21 -30.50
CA HIS B 827 7.38 -27.64 -29.37
C HIS B 827 6.04 -28.32 -29.13
N MET B 828 5.46 -28.99 -30.14
CA MET B 828 4.19 -29.67 -29.94
C MET B 828 4.36 -30.93 -29.09
N PHE B 829 5.59 -31.42 -28.93
CA PHE B 829 5.88 -32.61 -28.16
C PHE B 829 6.61 -32.30 -26.86
N THR B 830 7.70 -31.53 -26.94
CA THR B 830 8.50 -31.30 -25.75
C THR B 830 7.76 -30.46 -24.71
N SER B 831 7.06 -29.41 -25.15
CA SER B 831 6.54 -28.39 -24.25
C SER B 831 5.03 -28.31 -24.19
N PHE B 832 4.30 -29.18 -24.87
CA PHE B 832 2.83 -29.09 -24.90
C PHE B 832 2.24 -29.40 -23.52
N VAL B 833 2.69 -30.47 -22.88
CA VAL B 833 2.07 -30.91 -21.63
C VAL B 833 2.22 -29.85 -20.55
N GLN B 834 3.40 -29.22 -20.46
CA GLN B 834 3.60 -28.20 -19.44
C GLN B 834 2.63 -27.04 -19.63
N TYR B 835 2.47 -26.58 -20.87
CA TYR B 835 1.53 -25.50 -21.13
C TYR B 835 0.10 -25.89 -20.78
N ILE B 836 -0.30 -27.12 -21.14
CA ILE B 836 -1.66 -27.55 -20.83
C ILE B 836 -1.87 -27.56 -19.33
N LEU B 837 -0.91 -28.09 -18.57
CA LEU B 837 -1.07 -28.14 -17.13
C LEU B 837 -1.00 -26.78 -16.47
N LEU B 838 -0.30 -25.81 -17.07
CA LEU B 838 -0.23 -24.48 -16.49
C LEU B 838 -1.33 -23.54 -16.96
N SER B 839 -2.14 -23.93 -17.95
CA SER B 839 -3.19 -23.05 -18.46
C SER B 839 -4.05 -22.44 -17.35
N PRO B 840 -4.64 -23.22 -16.44
CA PRO B 840 -5.49 -22.59 -15.42
C PRO B 840 -4.73 -21.61 -14.57
N SER B 841 -3.45 -21.85 -14.31
CA SER B 841 -2.69 -20.89 -13.51
C SER B 841 -2.62 -19.56 -14.27
N TYR B 842 -2.35 -19.63 -15.58
CA TYR B 842 -2.32 -18.42 -16.39
C TYR B 842 -3.61 -17.64 -16.23
N VAL B 843 -4.75 -18.34 -16.32
CA VAL B 843 -6.02 -17.62 -16.28
C VAL B 843 -6.30 -17.07 -14.88
N ASN B 844 -6.04 -17.85 -13.84
CA ASN B 844 -6.42 -17.46 -12.48
C ASN B 844 -5.39 -16.53 -11.83
N VAL B 845 -4.19 -17.03 -11.58
CA VAL B 845 -3.24 -16.32 -10.73
C VAL B 845 -2.75 -15.05 -11.42
N LEU B 846 -2.30 -15.17 -12.67
CA LEU B 846 -1.74 -14.01 -13.35
C LEU B 846 -2.80 -12.94 -13.54
N ASN B 847 -4.00 -13.34 -13.96
CA ASN B 847 -5.06 -12.36 -14.20
C ASN B 847 -5.48 -11.67 -12.91
N ILE B 848 -5.62 -12.43 -11.82
CA ILE B 848 -6.00 -11.82 -10.55
C ILE B 848 -4.93 -10.84 -10.09
N TYR B 849 -3.67 -11.24 -10.16
CA TYR B 849 -2.60 -10.34 -9.74
C TYR B 849 -2.58 -9.09 -10.60
N ALA B 850 -2.76 -9.24 -11.91
CA ALA B 850 -2.71 -8.09 -12.80
C ALA B 850 -3.84 -7.12 -12.51
N PHE B 851 -5.06 -7.62 -12.32
CA PHE B 851 -6.18 -6.72 -12.09
C PHE B 851 -6.12 -6.08 -10.72
N CYS B 852 -5.67 -6.82 -9.70
CA CYS B 852 -5.55 -6.23 -8.38
C CYS B 852 -4.50 -5.11 -8.34
N ASN B 853 -3.53 -5.15 -9.25
CA ASN B 853 -2.41 -4.21 -9.26
C ASN B 853 -2.39 -3.40 -10.55
N ILE B 854 -3.56 -2.95 -10.99
CA ILE B 854 -3.60 -2.08 -12.17
C ILE B 854 -2.83 -0.80 -11.91
N ASP B 855 -3.02 -0.20 -10.74
CA ASP B 855 -2.26 1.00 -10.38
C ASP B 855 -0.83 0.61 -10.03
N ASP B 856 0.12 1.33 -10.58
CA ASP B 856 1.55 1.12 -10.32
C ASP B 856 2.05 2.36 -9.59
N ILE B 857 1.90 2.35 -8.27
CA ILE B 857 2.26 3.53 -7.45
C ILE B 857 3.72 3.35 -7.06
N SER B 858 4.61 3.76 -7.96
CA SER B 858 6.03 3.73 -7.65
C SER B 858 6.42 4.84 -6.69
N TRP B 859 5.85 6.03 -6.88
CA TRP B 859 6.19 7.17 -6.03
C TRP B 859 5.62 7.00 -4.62
N GLY B 860 6.31 7.59 -3.65
CA GLY B 860 5.92 7.48 -2.26
C GLY B 860 4.83 8.45 -1.87
N THR B 861 4.85 8.85 -0.60
CA THR B 861 3.85 9.75 -0.04
C THR B 861 4.48 11.11 0.23
N LYS B 862 3.83 12.17 -0.26
CA LYS B 862 4.29 13.55 -0.06
C LYS B 862 5.75 13.63 -0.54
N GLY B 863 6.68 14.16 0.24
CA GLY B 863 8.06 14.25 -0.17
C GLY B 863 9.00 14.50 1.00
N LYS B 868 13.24 25.56 8.82
CA LYS B 868 14.10 26.60 9.38
C LYS B 868 14.45 26.27 10.83
N SER B 869 15.72 25.99 11.08
CA SER B 869 16.15 25.67 12.43
C SER B 869 15.97 26.90 13.34
N LEU B 870 15.46 26.66 14.53
CA LEU B 870 15.16 27.77 15.44
C LEU B 870 16.43 28.49 15.87
N GLY B 871 17.47 27.74 16.22
CA GLY B 871 18.70 28.36 16.68
C GLY B 871 19.76 27.31 16.92
N GLU B 872 20.95 27.80 17.27
CA GLU B 872 22.09 26.92 17.56
C GLU B 872 22.85 27.50 18.74
N ALA B 873 22.89 26.77 19.84
CA ALA B 873 23.64 27.17 21.03
C ALA B 873 24.92 26.36 21.12
N LYS B 874 26.05 27.05 21.12
CA LYS B 874 27.36 26.42 21.19
C LYS B 874 28.05 26.81 22.48
N LEU B 875 28.47 25.80 23.25
CA LEU B 875 29.17 26.07 24.50
C LEU B 875 30.51 26.74 24.21
N ARG B 876 30.80 27.80 24.96
CA ARG B 876 32.04 28.55 24.78
C ARG B 876 33.12 27.98 25.70
N GLU B 877 34.26 28.68 25.80
CA GLU B 877 35.33 28.22 26.67
C GLU B 877 34.87 28.16 28.12
N ASP B 878 34.13 29.17 28.57
CA ASP B 878 33.55 29.16 29.90
C ASP B 878 32.28 28.30 29.90
N GLY B 879 31.77 28.05 31.10
CA GLY B 879 30.57 27.23 31.22
C GLY B 879 29.33 27.84 30.61
N THR B 880 29.33 29.15 30.37
CA THR B 880 28.17 29.80 29.79
C THR B 880 27.91 29.31 28.38
N PHE B 881 26.63 29.28 28.02
CA PHE B 881 26.18 28.90 26.68
C PHE B 881 25.82 30.16 25.90
N ASP B 882 26.29 30.25 24.66
CA ASP B 882 25.97 31.38 23.79
C ASP B 882 24.58 31.18 23.20
N VAL B 883 23.65 32.05 23.58
CA VAL B 883 22.26 31.97 23.13
C VAL B 883 21.80 33.35 22.69
N SER B 884 20.76 33.36 21.86
CA SER B 884 20.13 34.59 21.37
C SER B 884 18.65 34.52 21.73
N VAL B 885 18.26 35.19 22.81
CA VAL B 885 16.88 35.18 23.27
C VAL B 885 16.41 36.62 23.48
N PRO B 886 15.10 36.88 23.39
CA PRO B 886 14.62 38.26 23.61
C PRO B 886 14.95 38.75 25.01
N ILE B 887 15.31 40.04 25.09
CA ILE B 887 15.72 40.66 26.33
C ILE B 887 14.86 41.89 26.65
N SER B 888 14.69 42.77 25.67
CA SER B 888 13.98 44.02 25.91
C SER B 888 12.54 43.78 26.29
N LYS B 889 12.05 44.59 27.23
CA LYS B 889 10.65 44.49 27.65
C LYS B 889 9.70 44.72 26.47
N GLU B 890 10.07 45.64 25.58
CA GLU B 890 9.18 46.03 24.50
C GLU B 890 8.86 44.85 23.59
N GLN B 891 9.87 44.10 23.18
CA GLN B 891 9.63 43.00 22.25
C GLN B 891 8.86 41.87 22.92
N ILE B 892 9.12 41.63 24.21
CA ILE B 892 8.35 40.61 24.94
C ILE B 892 6.88 41.00 24.98
N ASN B 893 6.59 42.25 25.32
CA ASN B 893 5.21 42.71 25.35
C ASN B 893 4.57 42.61 23.97
N GLN B 894 5.32 42.99 22.92
CA GLN B 894 4.79 42.91 21.57
C GLN B 894 4.45 41.48 21.18
N SER B 895 5.33 40.53 21.53
CA SER B 895 5.05 39.13 21.21
C SER B 895 3.84 38.62 21.96
N TYR B 896 3.71 39.00 23.24
CA TYR B 896 2.54 38.59 24.00
C TYR B 896 1.25 39.14 23.39
N LEU B 897 1.27 40.42 23.00
CA LEU B 897 0.11 41.01 22.36
C LEU B 897 -0.20 40.33 21.03
N ASP B 898 0.84 39.99 20.26
CA ASP B 898 0.62 39.28 19.01
C ASP B 898 -0.04 37.93 19.24
N GLN B 899 0.39 37.19 20.26
CA GLN B 899 -0.24 35.92 20.56
C GLN B 899 -1.70 36.11 20.97
N LEU B 900 -1.95 37.11 21.82
CA LEU B 900 -3.33 37.41 22.21
C LEU B 900 -4.19 37.71 21.00
N GLU B 901 -3.71 38.55 20.09
CA GLU B 901 -4.47 38.88 18.89
C GLU B 901 -4.67 37.66 18.02
N LYS B 902 -3.66 36.79 17.93
CA LYS B 902 -3.79 35.60 17.11
C LYS B 902 -4.91 34.71 17.61
N ILE B 903 -5.03 34.53 18.93
CA ILE B 903 -6.07 33.67 19.47
C ILE B 903 -7.40 34.40 19.68
N ARG B 904 -7.40 35.73 19.64
CA ARG B 904 -8.58 36.55 19.91
C ARG B 904 -9.61 36.53 18.81
N ASP B 905 -9.51 35.69 17.80
CA ASP B 905 -10.35 35.76 16.62
C ASP B 905 -11.00 34.42 16.38
N PRO B 906 -12.15 34.38 15.72
CA PRO B 906 -12.77 33.11 15.39
C PRO B 906 -12.04 32.40 14.26
N ALA B 907 -12.30 31.11 14.14
CA ALA B 907 -11.64 30.28 13.15
C ALA B 907 -12.31 30.44 11.80
N PRO B 908 -11.59 30.81 10.75
CA PRO B 908 -12.21 30.88 9.42
C PRO B 908 -12.30 29.50 8.79
N PRO B 909 -13.30 29.28 7.93
CA PRO B 909 -13.41 27.98 7.25
C PRO B 909 -12.21 27.70 6.35
N GLU B 910 -11.81 26.42 6.30
CA GLU B 910 -10.68 26.01 5.49
C GLU B 910 -10.96 26.24 4.01
N GLU B 911 -11.94 25.52 3.47
CA GLU B 911 -12.31 25.64 2.07
C GLU B 911 -11.10 25.45 1.16
N LYS B 912 -10.30 24.44 1.47
CA LYS B 912 -9.08 24.19 0.70
C LYS B 912 -9.40 23.88 -0.75
N VAL B 913 -10.28 22.91 -0.99
CA VAL B 913 -10.68 22.54 -2.34
C VAL B 913 -9.44 22.15 -3.15
N LEU B 914 -8.50 21.47 -2.49
CA LEU B 914 -7.26 21.09 -3.15
C LEU B 914 -7.50 20.00 -4.18
N VAL B 915 -6.61 19.96 -5.18
CA VAL B 915 -6.68 18.92 -6.22
C VAL B 915 -6.41 17.55 -5.62
N THR B 916 -5.52 17.47 -4.63
CA THR B 916 -5.14 16.21 -4.01
C THR B 916 -4.17 15.43 -4.90
N ASN B 917 -3.81 14.22 -4.48
CA ASN B 917 -2.82 13.41 -5.16
C ASN B 917 -3.46 12.43 -6.13
N THR B 918 -2.68 12.03 -7.14
CA THR B 918 -3.18 11.16 -8.19
C THR B 918 -3.19 9.70 -7.79
N GLU B 919 -2.42 9.30 -6.78
CA GLU B 919 -2.42 7.90 -6.35
C GLU B 919 -3.82 7.45 -5.96
N ASP B 920 -4.58 8.32 -5.30
CA ASP B 920 -5.96 8.00 -4.96
C ASP B 920 -6.79 7.75 -6.21
N TYR B 921 -6.61 8.57 -7.24
CA TYR B 921 -7.36 8.40 -8.48
C TYR B 921 -7.09 7.03 -9.10
N TYR B 922 -5.81 6.64 -9.19
CA TYR B 922 -5.47 5.37 -9.81
C TYR B 922 -5.97 4.20 -8.96
N ALA B 923 -5.85 4.31 -7.64
CA ALA B 923 -6.38 3.26 -6.78
C ALA B 923 -7.89 3.11 -6.95
N PHE B 924 -8.61 4.24 -7.05
CA PHE B 924 -10.04 4.18 -7.28
C PHE B 924 -10.35 3.50 -8.62
N ILE B 925 -9.60 3.84 -9.66
CA ILE B 925 -9.83 3.22 -10.97
C ILE B 925 -9.65 1.71 -10.87
N ARG B 926 -8.57 1.28 -10.23
CA ARG B 926 -8.31 -0.16 -10.11
C ARG B 926 -9.40 -0.86 -9.32
N SER B 927 -9.86 -0.25 -8.22
CA SER B 927 -10.92 -0.87 -7.43
C SER B 927 -12.20 -1.00 -8.23
N MET B 928 -12.59 0.05 -8.95
CA MET B 928 -13.78 -0.05 -9.78
C MET B 928 -13.64 -1.14 -10.83
N THR B 929 -12.47 -1.22 -11.46
CA THR B 929 -12.26 -2.25 -12.48
C THR B 929 -12.45 -3.65 -11.90
N VAL B 930 -11.81 -3.93 -10.76
CA VAL B 930 -11.90 -5.27 -10.19
C VAL B 930 -13.35 -5.57 -9.77
N LEU B 931 -14.04 -4.56 -9.23
CA LEU B 931 -15.42 -4.80 -8.81
C LEU B 931 -16.31 -5.15 -10.00
N VAL B 932 -16.18 -4.40 -11.10
CA VAL B 932 -16.99 -4.69 -12.29
C VAL B 932 -16.66 -6.08 -12.80
N TRP B 933 -15.37 -6.43 -12.85
CA TRP B 933 -14.97 -7.76 -13.30
C TRP B 933 -15.64 -8.85 -12.48
N MET B 934 -15.55 -8.74 -11.15
CA MET B 934 -16.16 -9.72 -10.27
C MET B 934 -17.67 -9.81 -10.51
N PHE B 935 -18.33 -8.65 -10.62
CA PHE B 935 -19.78 -8.65 -10.76
C PHE B 935 -20.21 -9.37 -12.03
N THR B 936 -19.58 -9.03 -13.16
CA THR B 936 -19.96 -9.67 -14.42
C THR B 936 -19.71 -11.17 -14.37
N ASN B 937 -18.55 -11.58 -13.87
CA ASN B 937 -18.26 -13.01 -13.82
C ASN B 937 -19.27 -13.75 -12.95
N PHE B 938 -19.61 -13.18 -11.79
CA PHE B 938 -20.56 -13.84 -10.92
C PHE B 938 -21.96 -13.90 -11.52
N VAL B 939 -22.35 -12.85 -12.25
CA VAL B 939 -23.65 -12.89 -12.93
C VAL B 939 -23.69 -14.05 -13.91
N VAL B 940 -22.62 -14.21 -14.70
CA VAL B 940 -22.59 -15.32 -15.65
C VAL B 940 -22.65 -16.66 -14.93
N ILE B 941 -21.87 -16.81 -13.85
CA ILE B 941 -21.86 -18.08 -13.12
C ILE B 941 -23.24 -18.39 -12.56
N ALA B 942 -23.89 -17.39 -11.95
CA ALA B 942 -25.22 -17.61 -11.38
C ALA B 942 -26.22 -17.99 -12.46
N LEU B 943 -26.16 -17.34 -13.61
CA LEU B 943 -27.07 -17.71 -14.70
C LEU B 943 -26.86 -19.15 -15.12
N VAL B 944 -25.63 -19.63 -15.19
CA VAL B 944 -25.34 -21.00 -15.72
C VAL B 944 -25.67 -22.10 -14.71
N LEU B 945 -25.13 -22.06 -13.50
CA LEU B 945 -25.30 -23.13 -12.48
C LEU B 945 -26.46 -22.87 -11.51
N GLU B 946 -27.21 -21.78 -11.66
CA GLU B 946 -28.32 -21.41 -10.73
C GLU B 946 -27.76 -21.39 -9.30
N THR B 947 -26.62 -20.71 -9.13
CA THR B 947 -25.81 -20.60 -7.89
C THR B 947 -26.39 -19.63 -6.87
N GLY B 948 -26.92 -18.40 -7.21
CA GLY B 948 -27.44 -17.37 -6.33
C GLY B 948 -28.84 -17.71 -5.86
N GLY B 949 -29.74 -16.73 -5.88
CA GLY B 949 -31.11 -16.97 -5.47
C GLY B 949 -31.99 -17.54 -6.54
N PHE B 950 -31.47 -17.72 -7.77
CA PHE B 950 -32.29 -18.24 -8.85
C PHE B 950 -32.91 -19.59 -8.51
N ASN B 951 -32.21 -20.42 -7.73
CA ASN B 951 -32.75 -21.73 -7.39
C ASN B 951 -34.08 -21.63 -6.67
N GLN B 952 -34.39 -20.50 -6.05
CA GLN B 952 -35.67 -20.35 -5.35
C GLN B 952 -36.84 -20.33 -6.32
N PHE B 953 -36.63 -19.83 -7.53
CA PHE B 953 -37.71 -19.72 -8.52
C PHE B 953 -38.01 -21.03 -9.23
N VAL B 954 -37.39 -22.14 -8.82
CA VAL B 954 -37.65 -23.46 -9.37
C VAL B 954 -37.96 -24.40 -8.22
N GLU B 955 -38.20 -25.66 -8.55
CA GLU B 955 -38.72 -26.64 -7.60
C GLU B 955 -37.66 -27.71 -7.33
N ALA B 956 -38.05 -28.71 -6.53
CA ALA B 956 -37.11 -29.74 -6.11
C ALA B 956 -36.57 -30.53 -7.30
N THR B 957 -37.44 -30.88 -8.25
CA THR B 957 -37.05 -31.75 -9.35
C THR B 957 -36.67 -31.00 -10.62
N ASP B 958 -37.26 -29.83 -10.87
CA ASP B 958 -36.97 -29.11 -12.10
C ASP B 958 -35.55 -28.56 -12.11
N LEU B 959 -35.03 -28.21 -10.92
CA LEU B 959 -33.73 -27.56 -10.85
C LEU B 959 -32.64 -28.44 -11.47
N ALA B 960 -32.66 -29.75 -11.18
CA ALA B 960 -31.62 -30.62 -11.69
C ALA B 960 -31.59 -30.61 -13.22
N ASN B 961 -32.73 -30.84 -13.86
CA ASN B 961 -32.79 -30.91 -15.31
C ASN B 961 -32.44 -29.56 -15.94
N LEU B 962 -32.97 -28.48 -15.38
CA LEU B 962 -32.68 -27.16 -15.93
C LEU B 962 -31.19 -26.85 -15.83
N LYS B 963 -30.58 -27.16 -14.69
CA LYS B 963 -29.16 -26.93 -14.51
C LYS B 963 -28.34 -27.76 -15.49
N SER B 964 -28.72 -29.03 -15.69
CA SER B 964 -28.01 -29.88 -16.63
C SER B 964 -28.08 -29.31 -18.04
N ASN B 965 -29.27 -28.88 -18.46
CA ASN B 965 -29.42 -28.33 -19.81
C ASN B 965 -28.57 -27.07 -19.98
N ARG B 966 -28.62 -26.18 -19.00
CA ARG B 966 -27.83 -24.95 -19.09
C ARG B 966 -26.35 -25.26 -19.14
N ALA B 967 -25.90 -26.23 -18.35
CA ALA B 967 -24.49 -26.59 -18.35
C ALA B 967 -24.07 -27.13 -19.71
N ALA B 968 -24.89 -28.00 -20.31
CA ALA B 968 -24.55 -28.53 -21.62
C ALA B 968 -24.46 -27.42 -22.67
N VAL B 969 -25.42 -26.50 -22.65
CA VAL B 969 -25.39 -25.39 -23.60
C VAL B 969 -24.12 -24.56 -23.42
N PHE B 970 -23.78 -24.24 -22.17
CA PHE B 970 -22.57 -23.45 -21.93
C PHE B 970 -21.33 -24.17 -22.43
N LEU B 971 -21.23 -25.46 -22.15
CA LEU B 971 -20.04 -26.21 -22.58
C LEU B 971 -19.91 -26.18 -24.09
N THR B 972 -20.99 -26.47 -24.82
CA THR B 972 -20.88 -26.47 -26.27
C THR B 972 -20.51 -25.08 -26.78
N VAL B 973 -21.12 -24.04 -26.21
CA VAL B 973 -20.83 -22.68 -26.65
C VAL B 973 -19.34 -22.38 -26.50
N ILE B 974 -18.79 -22.63 -25.30
CA ILE B 974 -17.41 -22.21 -25.05
C ILE B 974 -16.44 -23.03 -25.91
N LEU B 975 -16.65 -24.35 -25.96
CA LEU B 975 -15.70 -25.18 -26.71
C LEU B 975 -15.72 -24.82 -28.20
N TRP B 976 -16.90 -24.61 -28.78
CA TRP B 976 -16.93 -24.29 -30.20
C TRP B 976 -16.45 -22.88 -30.46
N THR B 977 -16.62 -21.94 -29.52
CA THR B 977 -16.00 -20.63 -29.67
C THR B 977 -14.50 -20.77 -29.78
N VAL B 978 -13.89 -21.54 -28.88
CA VAL B 978 -12.44 -21.73 -28.93
C VAL B 978 -12.03 -22.37 -30.25
N ALA B 979 -12.76 -23.40 -30.68
CA ALA B 979 -12.39 -24.10 -31.92
C ALA B 979 -12.47 -23.16 -33.11
N PHE B 980 -13.51 -22.34 -33.19
CA PHE B 980 -13.65 -21.44 -34.32
C PHE B 980 -12.57 -20.35 -34.32
N MET B 981 -12.21 -19.85 -33.14
CA MET B 981 -11.09 -18.91 -33.08
C MET B 981 -9.81 -19.56 -33.60
N ALA B 982 -9.56 -20.81 -33.19
CA ALA B 982 -8.38 -21.51 -33.67
C ALA B 982 -8.41 -21.66 -35.19
N LEU B 983 -9.58 -22.00 -35.75
CA LEU B 983 -9.69 -22.13 -37.20
C LEU B 983 -9.42 -20.80 -37.91
N PHE B 984 -9.94 -19.71 -37.35
CA PHE B 984 -9.69 -18.39 -37.92
C PHE B 984 -8.19 -18.10 -37.96
N ARG B 985 -7.50 -18.33 -36.85
CA ARG B 985 -6.07 -18.06 -36.81
C ARG B 985 -5.31 -18.98 -37.77
N PHE B 986 -5.76 -20.23 -37.90
CA PHE B 986 -5.12 -21.15 -38.83
C PHE B 986 -5.22 -20.65 -40.26
N ILE B 987 -6.43 -20.26 -40.68
CA ILE B 987 -6.58 -19.72 -42.03
C ILE B 987 -5.68 -18.51 -42.21
N GLY B 988 -5.60 -17.66 -41.18
CA GLY B 988 -4.75 -16.48 -41.27
C GLY B 988 -3.30 -16.84 -41.52
N CYS B 989 -2.78 -17.81 -40.77
CA CYS B 989 -1.37 -18.16 -40.93
C CYS B 989 -1.10 -18.84 -42.26
N ILE B 990 -2.05 -19.64 -42.76
CA ILE B 990 -1.87 -20.22 -44.09
C ILE B 990 -1.81 -19.12 -45.15
N TYR B 991 -2.70 -18.13 -45.06
CA TYR B 991 -2.65 -17.03 -46.00
C TYR B 991 -1.33 -16.28 -45.91
N TYR B 992 -0.83 -16.08 -44.69
CA TYR B 992 0.46 -15.41 -44.52
C TYR B 992 1.57 -16.20 -45.22
N LEU B 993 1.60 -17.52 -45.03
CA LEU B 993 2.63 -18.33 -45.68
C LEU B 993 2.53 -18.21 -47.20
N ILE B 994 1.31 -18.32 -47.73
CA ILE B 994 1.15 -18.28 -49.19
C ILE B 994 1.61 -16.94 -49.75
N THR B 995 1.17 -15.84 -49.11
CA THR B 995 1.52 -14.54 -49.64
C THR B 995 3.02 -14.26 -49.51
N ARG B 996 3.63 -14.70 -48.40
CA ARG B 996 5.07 -14.51 -48.25
C ARG B 996 5.85 -15.31 -49.28
N LEU B 997 5.44 -16.55 -49.55
CA LEU B 997 6.10 -17.33 -50.59
C LEU B 997 5.97 -16.67 -51.95
N GLY B 998 4.76 -16.19 -52.28
CA GLY B 998 4.57 -15.50 -53.54
C GLY B 998 5.41 -14.25 -53.66
N ARG B 999 5.50 -13.48 -52.57
CA ARG B 999 6.33 -12.29 -52.54
C ARG B 999 7.79 -12.65 -52.74
N GLU B 1000 8.25 -13.73 -52.09
CA GLU B 1000 9.64 -14.15 -52.23
C GLU B 1000 9.93 -14.54 -53.68
N ILE B 1001 8.99 -15.21 -54.33
CA ILE B 1001 9.18 -15.56 -55.74
C ILE B 1001 9.32 -14.29 -56.58
N LYS B 1002 8.48 -13.30 -56.31
CA LYS B 1002 8.54 -12.04 -57.03
C LYS B 1002 9.87 -11.34 -56.78
P 3PE C . -22.76 -6.10 21.73
N 3PE C . -19.70 -2.50 21.13
O11 3PE C . -22.42 -7.53 21.00
O12 3PE C . -22.22 -6.10 23.14
O13 3PE C . -22.05 -4.88 20.87
O14 3PE C . -24.26 -5.88 21.76
C11 3PE C . -20.66 -4.73 20.93
C12 3PE C . -20.27 -3.45 20.19
C1 3PE C . -22.73 -7.65 19.65
C2 3PE C . -22.85 -9.12 19.26
C3 3PE C . -23.95 -9.78 20.09
O31 3PE C . -25.16 -9.80 19.38
O32 3PE C . -25.76 -7.80 20.24
C31 3PE C . -25.97 -8.66 19.45
C32 3PE C . -27.14 -8.54 18.47
C33 3PE C . -27.93 -7.26 18.74
C34 3PE C . -29.21 -7.31 17.90
C35 3PE C . -30.19 -6.23 18.37
C36 3PE C . -31.61 -6.60 17.95
C37 3PE C . -32.59 -5.69 18.69
C38 3PE C . -34.03 -6.01 18.31
C39 3PE C . -34.97 -5.14 19.14
C3A 3PE C . -36.41 -5.32 18.67
O21 3PE C . -23.18 -9.20 17.90
O22 3PE C . -22.94 -11.44 17.92
C21 3PE C . -23.41 -10.48 17.40
C22 3PE C . -24.31 -10.65 16.18
C23 3PE C . -25.22 -11.87 16.37
C24 3PE C . -26.29 -11.89 15.28
C25 3PE C . -27.31 -10.78 15.53
C26 3PE C . -28.61 -11.10 14.81
C27 3PE C . -29.63 -10.00 15.08
C28 3PE C . -31.02 -10.48 14.70
C29 3PE C . -32.04 -9.38 14.98
C2A 3PE C . -33.43 -9.99 15.10
C2B 3PE C . -34.42 -8.92 15.54
C2C 3PE C . -35.71 -9.57 16.03
C2D 3PE C . -36.63 -8.49 16.60
C2E 3PE C . -37.84 -9.15 17.26
C2F 3PE C . -38.69 -8.05 17.91
C2G 3PE C . -39.91 -8.70 18.57
HN2 3PE C . -20.41 -2.21 21.78
H111 3PE C . -20.17 -5.59 20.48
H112 3PE C . -20.36 -4.65 21.97
H121 3PE C . -19.53 -3.69 19.44
H122 3PE C . -21.15 -3.02 19.72
H11 3PE C . -21.93 -7.19 19.07
H12 3PE C . -23.66 -7.14 19.43
H2 3PE C . -21.91 -9.62 19.43
H31 3PE C . -24.08 -9.24 21.02
H32 3PE C . -23.65 -10.80 20.32
H321 3PE C . -27.80 -9.40 18.60
H322 3PE C . -26.76 -8.53 17.45
H331 3PE C . -27.33 -6.40 18.46
H332 3PE C . -28.19 -7.19 19.78
H341 3PE C . -29.67 -8.29 18.02
H342 3PE C . -28.98 -7.15 16.85
H351 3PE C . -29.92 -5.28 17.94
H352 3PE C . -30.14 -6.15 19.46
H361 3PE C . -31.81 -7.63 18.22
H362 3PE C . -31.73 -6.47 16.88
H371 3PE C . -32.38 -4.66 18.46
H372 3PE C . -32.48 -5.85 19.76
H381 3PE C . -34.25 -7.05 18.48
H382 3PE C . -34.18 -5.80 17.25
H391 3PE C . -34.68 -4.10 19.04
H392 3PE C . -34.90 -5.43 20.18
H221 3PE C . -23.71 -10.77 15.28
H222 3PE C . -24.93 -9.76 16.08
H231 3PE C . -25.70 -11.82 17.35
H232 3PE C . -24.61 -12.77 16.32
H241 3PE C . -26.80 -12.85 15.29
H242 3PE C . -25.81 -11.73 14.31
H251 3PE C . -26.92 -9.84 15.15
H252 3PE C . -27.49 -10.68 16.60
H261 3PE C . -29.00 -12.05 15.17
H262 3PE C . -28.42 -11.16 13.74
H271 3PE C . -29.38 -9.12 14.50
H272 3PE C . -29.61 -9.74 16.13
H281 3PE C . -31.28 -11.36 15.28
H282 3PE C . -31.05 -10.73 13.65
H291 3PE C . -32.04 -8.67 14.16
H292 3PE C . -31.79 -8.88 15.90
H2A1 3PE C . -33.41 -10.79 15.85
H2A2 3PE C . -33.75 -10.41 14.15
H2B1 3PE C . -34.64 -8.26 14.71
H2B2 3PE C . -33.98 -8.34 16.35
H2C1 3PE C . -35.49 -10.30 16.80
H2C2 3PE C . -36.20 -10.07 15.21
H2D1 3PE C . -36.95 -7.84 15.80
H2D2 3PE C . -36.08 -7.92 17.35
H2E1 3PE C . -37.51 -9.86 18.01
H2E2 3PE C . -38.43 -9.66 16.51
H2F1 3PE C . -39.02 -7.35 17.16
H2F2 3PE C . -38.10 -7.55 18.67
P 3PE D . -10.29 -10.65 48.80
O11 3PE D . -11.51 -11.71 49.05
O12 3PE D . -10.75 -9.26 49.20
O13 3PE D . -8.99 -11.07 49.73
O14 3PE D . -9.89 -10.65 47.35
C11 3PE D . -9.13 -11.08 51.12
C1 3PE D . -12.80 -11.32 48.67
C2 3PE D . -13.01 -11.69 47.20
C3 3PE D . -12.75 -13.18 46.98
O31 3PE D . -13.99 -13.86 47.01
O32 3PE D . -13.67 -14.37 49.18
C31 3PE D . -14.44 -14.26 48.28
C32 3PE D . -15.91 -14.56 48.55
C33 3PE D . -16.81 -13.43 48.04
C34 3PE D . -18.22 -13.95 47.79
C35 3PE D . -19.06 -12.95 47.00
C36 3PE D . -20.28 -13.66 46.39
C37 3PE D . -21.02 -12.68 45.47
C38 3PE D . -22.20 -13.35 44.75
C39 3PE D . -21.78 -14.42 43.74
C3A 3PE D . -22.99 -15.27 43.35
C3B 3PE D . -24.00 -14.47 42.54
C3C 3PE D . -25.09 -15.43 42.05
C3D 3PE D . -26.13 -14.69 41.22
C3E 3PE D . -27.14 -15.67 40.64
O21 3PE D . -14.34 -11.48 46.81
O22 3PE D . -13.68 -10.99 44.70
C21 3PE D . -14.57 -11.12 45.47
C22 3PE D . -16.01 -10.90 45.01
C23 3PE D . -16.16 -10.86 43.49
C24 3PE D . -17.66 -10.95 43.23
C25 3PE D . -18.06 -10.72 41.77
C26 3PE D . -19.52 -11.16 41.65
C27 3PE D . -19.99 -10.88 40.22
C28 3PE D . -21.01 -11.93 39.81
C29 3PE D . -21.50 -11.63 38.39
C2A 3PE D . -21.62 -12.95 37.63
C2B 3PE D . -22.65 -13.86 38.29
C2C 3PE D . -22.80 -15.13 37.46
H11 3PE D . -12.91 -10.25 48.81
H12 3PE D . -13.52 -11.84 49.29
H2 3PE D . -12.34 -11.11 46.59
H31 3PE D . -12.11 -13.57 47.75
H32 3PE D . -12.27 -13.32 46.02
H321 3PE D . -16.06 -14.70 49.61
H322 3PE D . -16.19 -15.47 48.03
H331 3PE D . -16.39 -13.03 47.11
H332 3PE D . -16.84 -12.64 48.77
H341 3PE D . -18.70 -14.14 48.74
H342 3PE D . -18.15 -14.88 47.24
H351 3PE D . -18.45 -12.54 46.21
H352 3PE D . -19.40 -12.14 47.65
H361 3PE D . -20.93 -13.98 47.19
H362 3PE D . -19.93 -14.52 45.84
H371 3PE D . -20.34 -12.27 44.74
H372 3PE D . -21.42 -11.89 46.08
H381 3PE D . -22.77 -12.59 44.22
H382 3PE D . -22.84 -13.81 45.48
H391 3PE D . -21.01 -15.05 44.16
H392 3PE D . -21.40 -13.94 42.85
H3A1 3PE D . -23.46 -15.63 44.24
H3A2 3PE D . -22.65 -16.12 42.77
H3B1 3PE D . -23.50 -14.03 41.68
H3B2 3PE D . -24.45 -13.68 43.14
H3C1 3PE D . -25.57 -15.89 42.91
H3C2 3PE D . -24.64 -16.20 41.44
H3D1 3PE D . -25.63 -14.15 40.41
H3D2 3PE D . -26.66 -13.98 41.85
H221 3PE D . -16.39 -9.98 45.44
H222 3PE D . -16.61 -11.73 45.39
H231 3PE D . -15.59 -11.64 43.00
H232 3PE D . -15.81 -9.88 43.16
H241 3PE D . -18.18 -10.23 43.85
H242 3PE D . -17.97 -11.96 43.50
H251 3PE D . -17.46 -11.35 41.13
H252 3PE D . -17.92 -9.68 41.51
H261 3PE D . -20.13 -10.60 42.36
H262 3PE D . -19.61 -12.21 41.85
H271 3PE D . -19.15 -10.92 39.55
H272 3PE D . -20.44 -9.88 40.16
H281 3PE D . -21.83 -11.98 40.49
H282 3PE D . -20.51 -12.90 39.82
H291 3PE D . -20.79 -10.97 37.88
H292 3PE D . -22.47 -11.15 38.44
H2A1 3PE D . -20.65 -13.45 37.65
H2A2 3PE D . -21.90 -12.76 36.61
H2B1 3PE D . -23.62 -13.35 38.30
H2B2 3PE D . -22.36 -14.11 39.30
P 3PE E . -28.33 -20.37 0.19
N 3PE E . -28.50 -24.99 -1.83
O11 3PE E . -27.97 -19.53 -1.18
O12 3PE E . -29.83 -20.39 0.37
O13 3PE E . -27.80 -21.93 0.05
O14 3PE E . -27.68 -19.73 1.38
C11 3PE E . -28.46 -22.75 -0.86
C12 3PE E . -27.92 -24.17 -0.77
C1 3PE E . -27.10 -18.44 -1.10
C2 3PE E . -25.66 -18.89 -0.82
C3 3PE E . -25.11 -19.70 -2.00
O31 3PE E . -24.04 -19.02 -2.61
O32 3PE E . -25.57 -17.86 -3.72
C31 3PE E . -24.43 -18.08 -3.56
C32 3PE E . -23.41 -17.34 -4.41
C33 3PE E . -22.26 -16.80 -3.56
C34 3PE E . -21.24 -16.11 -4.46
C35 3PE E . -19.86 -16.31 -3.83
C36 3PE E . -18.75 -15.58 -4.58
C37 3PE E . -17.40 -16.23 -4.21
C38 3PE E . -16.23 -15.40 -4.75
C39 3PE E . -14.95 -15.76 -3.97
C3A 3PE E . -13.79 -14.89 -4.44
C3B 3PE E . -14.04 -13.42 -4.10
O21 3PE E . -24.86 -17.77 -0.62
O22 3PE E . -23.17 -19.07 0.04
C21 3PE E . -23.73 -18.03 0.15
C22 3PE E . -23.22 -16.98 1.13
C23 3PE E . -21.71 -16.81 0.93
C24 3PE E . -21.06 -16.47 2.27
C25 3PE E . -21.22 -14.99 2.61
C26 3PE E . -20.62 -14.80 4.00
C27 3PE E . -20.06 -13.39 4.20
C28 3PE E . -19.14 -13.28 5.42
C29 3PE E . -17.98 -14.30 5.48
C2A 3PE E . -17.02 -14.17 4.29
C2B 3PE E . -16.43 -15.55 3.96
C2C 3PE E . -15.47 -15.37 2.79
C2D 3PE E . -15.40 -16.61 1.90
C2E 3PE E . -14.38 -17.61 2.44
C2F 3PE E . -14.31 -18.82 1.51
C2G 3PE E . -13.26 -19.80 2.00
HN2 3PE E . -29.50 -24.94 -1.76
H111 3PE E . -28.30 -22.38 -1.88
H112 3PE E . -29.52 -22.75 -0.65
H121 3PE E . -26.83 -24.17 -0.87
H122 3PE E . -28.18 -24.59 0.20
H11 3PE E . -27.41 -17.79 -0.29
H12 3PE E . -27.14 -17.88 -2.03
H2 3PE E . -25.64 -19.50 0.07
H31 3PE E . -25.90 -19.88 -2.71
H32 3PE E . -24.76 -20.67 -1.63
H321 3PE E . -23.92 -16.53 -4.93
H322 3PE E . -22.99 -18.01 -5.15
H331 3PE E . -21.79 -17.59 -3.00
H332 3PE E . -22.68 -16.07 -2.86
H341 3PE E . -21.44 -15.04 -4.52
H342 3PE E . -21.24 -16.55 -5.45
H351 3PE E . -19.64 -17.37 -3.81
H352 3PE E . -19.89 -15.93 -2.81
H361 3PE E . -18.73 -14.53 -4.30
H362 3PE E . -18.92 -15.68 -5.64
H371 3PE E . -17.36 -17.23 -4.63
H372 3PE E . -17.30 -16.29 -3.15
H381 3PE E . -16.44 -14.35 -4.61
H382 3PE E . -16.08 -15.61 -5.80
H391 3PE E . -14.71 -16.81 -4.13
H392 3PE E . -15.13 -15.58 -2.92
H3A1 3PE E . -13.67 -14.99 -5.52
H3A2 3PE E . -12.88 -15.21 -3.95
H221 3PE E . -23.42 -17.33 2.13
H222 3PE E . -23.72 -16.04 0.96
H231 3PE E . -21.57 -15.98 0.24
H232 3PE E . -21.28 -17.71 0.53
H241 3PE E . -20.01 -16.74 2.25
H242 3PE E . -21.54 -17.05 3.05
H251 3PE E . -22.26 -14.68 2.58
H252 3PE E . -20.64 -14.42 1.90
H261 3PE E . -19.84 -15.53 4.13
H262 3PE E . -21.40 -14.97 4.74
H271 3PE E . -20.90 -12.72 4.36
H272 3PE E . -19.54 -13.07 3.31
H281 3PE E . -19.74 -13.41 6.32
H282 3PE E . -18.69 -12.29 5.43
H291 3PE E . -18.39 -15.31 5.53
H292 3PE E . -17.41 -14.12 6.38
H2A1 3PE E . -16.22 -13.48 4.54
H2A2 3PE E . -17.56 -13.82 3.42
H2B1 3PE E . -17.24 -16.22 3.67
H2B2 3PE E . -15.92 -15.94 4.83
H2C1 3PE E . -14.48 -15.15 3.20
H2C2 3PE E . -15.79 -14.52 2.20
H2D1 3PE E . -15.09 -16.31 0.91
H2D2 3PE E . -16.38 -17.08 1.85
H2E1 3PE E . -14.66 -17.93 3.44
H2E2 3PE E . -13.39 -17.14 2.48
H2F1 3PE E . -14.07 -18.49 0.50
H2F2 3PE E . -15.29 -19.31 1.50
C10 BJ9 F . -4.05 13.06 20.16
C15 BJ9 F . -5.88 9.03 20.25
C21 BJ9 F . -9.52 11.21 21.68
C22 BJ9 F . -10.46 10.18 21.03
C24 BJ9 F . -11.66 9.60 23.13
C26 BJ9 F . -11.90 7.40 24.00
C01 BJ9 F . -2.72 11.32 18.22
C02 BJ9 F . -1.85 10.99 17.09
C03 BJ9 F . -0.40 11.06 17.22
C06 BJ9 F . -0.62 11.80 19.70
C09 BJ9 F . -3.04 12.02 20.59
C11 BJ9 F . -5.25 12.73 21.02
C12 BJ9 F . -5.15 11.19 21.13
C14 BJ9 F . -5.98 10.51 20.06
C19 BJ9 F . -8.10 10.77 21.52
C23 BJ9 F . -11.83 10.27 21.76
C34 BJ9 F . -2.46 10.59 15.75
N05 BJ9 F . 0.21 11.45 18.47
N08 BJ9 F . -2.14 11.71 19.49
N18 BJ9 F . -7.40 10.95 20.20
N28 BJ9 F . -12.66 6.65 24.96
N31 BJ9 F . -9.70 12.53 21.04
O04 BJ9 F . 0.26 10.80 16.31
O07 BJ9 F . -0.13 12.11 20.73
O13 BJ9 F . -3.77 10.86 20.92
O16 BJ9 F . -4.86 8.39 19.82
O17 BJ9 F . -6.79 8.43 20.85
O20 BJ9 F . -7.50 10.30 22.44
O25 BJ9 F . -12.50 8.45 23.28
O27 BJ9 F . -10.77 7.14 23.80
O29 BJ9 F . -12.80 9.68 20.97
O30 BJ9 F . -10.61 10.46 19.69
O32 BJ9 F . -5.13 13.25 22.23
O33 BJ9 F . -3.56 14.45 20.47
O35 BJ9 F . -3.65 10.81 15.52
O36 BJ9 F . -1.73 10.03 14.89
H101 BJ9 F . -4.29 12.97 19.12
H211 BJ9 F . -9.74 11.28 22.70
H221 BJ9 F . -10.06 9.22 21.15
H241 BJ9 F . -11.92 10.32 23.90
H242 BJ9 F . -10.60 9.29 23.25
H011 BJ9 F . -3.80 11.27 18.11
H091 BJ9 F . -2.46 12.38 21.49
H111 BJ9 F . -6.17 13.01 20.54
H121 BJ9 F . -5.46 10.88 22.09
H141 BJ9 F . -5.61 10.78 19.08
H231 BJ9 F . -12.09 11.34 21.91
H051 BJ9 F . 1.23 11.48 18.53
H181 BJ9 F . -7.91 11.36 19.40
H281 BJ9 F . -12.28 5.83 25.36
H282 BJ9 F . -13.59 6.93 25.21
H311 BJ9 F . -10.21 13.16 21.68
H1 BJ9 F . -10.24 12.42 20.19
H291 BJ9 F . -13.31 10.36 20.51
H301 BJ9 F . -11.42 10.95 19.56
H321 BJ9 F . -4.21 13.42 22.41
H331 BJ9 F . -2.71 14.41 20.84
P 3PE G . -5.29 -18.76 -25.46
N 3PE G . -1.51 -16.29 -23.95
O11 3PE G . -6.77 -18.34 -24.88
O12 3PE G . -5.03 -18.04 -26.76
O13 3PE G . -4.15 -18.33 -24.34
O14 3PE G . -5.24 -20.25 -25.68
C11 3PE G . -3.84 -16.98 -24.18
C12 3PE G . -2.65 -16.85 -23.23
C1 3PE G . -7.12 -18.80 -23.60
C2 3PE G . -8.64 -18.78 -23.44
C3 3PE G . -9.29 -19.66 -24.51
O31 3PE G . -9.55 -20.95 -23.99
O32 3PE G . -7.52 -21.68 -24.66
C31 3PE G . -8.50 -21.88 -24.02
C32 3PE G . -8.66 -23.17 -23.23
C33 3PE G . -7.45 -24.08 -23.43
C34 3PE G . -7.75 -25.44 -22.81
C35 3PE G . -6.74 -26.48 -23.28
C36 3PE G . -7.31 -27.89 -23.12
C37 3PE G . -6.42 -28.87 -23.87
C38 3PE G . -6.95 -30.30 -23.75
C39 3PE G . -6.07 -31.22 -24.59
C3A 3PE G . -6.48 -32.67 -24.36
O21 3PE G . -8.95 -19.27 -22.16
O22 3PE G . -11.13 -18.74 -22.43
C21 3PE G . -10.32 -19.40 -21.88
C22 3PE G . -10.76 -20.43 -20.83
C23 3PE G . -12.02 -21.13 -21.32
C24 3PE G . -12.32 -22.32 -20.40
C25 3PE G . -11.31 -23.43 -20.66
C26 3PE G . -11.87 -24.77 -20.18
C27 3PE G . -10.86 -25.87 -20.46
C28 3PE G . -11.54 -27.23 -20.35
C29 3PE G . -10.53 -28.34 -20.62
C2A 3PE G . -11.27 -29.61 -21.03
C2B 3PE G . -10.26 -30.66 -21.47
C2C 3PE G . -10.96 -31.78 -22.22
C2D 3PE G . -9.93 -32.75 -22.78
C2E 3PE G . -10.60 -33.77 -23.69
C2F 3PE G . -9.53 -34.66 -24.31
C2G 3PE G . -10.20 -35.70 -25.22
HN2 3PE G . -1.21 -16.94 -24.65
H111 3PE G . -4.69 -16.44 -23.77
H112 3PE G . -3.58 -16.56 -25.14
H121 3PE G . -2.91 -16.19 -22.41
H122 3PE G . -2.39 -17.83 -22.84
H11 3PE G . -6.67 -18.15 -22.86
H12 3PE G . -6.76 -19.81 -23.47
H2 3PE G . -9.01 -17.77 -23.54
H31 3PE G . -8.63 -19.74 -25.36
H32 3PE G . -10.22 -19.22 -24.82
H321 3PE G . -9.55 -23.69 -23.56
H322 3PE G . -8.76 -22.94 -22.17
H331 3PE G . -6.57 -23.65 -22.96
H332 3PE G . -7.26 -24.21 -24.49
H341 3PE G . -8.75 -25.75 -23.12
H342 3PE G . -7.73 -25.37 -21.72
H351 3PE G . -5.83 -26.40 -22.69
H352 3PE G . -6.49 -26.30 -24.32
H361 3PE G . -8.31 -27.91 -23.55
H362 3PE G . -7.36 -28.16 -22.07
H371 3PE G . -5.42 -28.82 -23.48
H372 3PE G . -6.40 -28.61 -24.92
H381 3PE G . -7.97 -30.35 -24.09
H382 3PE G . -6.91 -30.62 -22.71
H391 3PE G . -5.03 -31.09 -24.31
H392 3PE G . -6.20 -30.98 -25.64
H221 3PE G . -10.95 -19.93 -19.89
H222 3PE G . -9.96 -21.15 -20.72
H231 3PE G . -11.89 -21.48 -22.33
H232 3PE G . -12.85 -20.44 -21.28
H241 3PE G . -13.32 -22.69 -20.61
H242 3PE G . -12.27 -22.00 -19.37
H251 3PE G . -10.39 -23.22 -20.11
H252 3PE G . -11.08 -23.49 -21.72
H261 3PE G . -12.80 -24.98 -20.72
H262 3PE G . -12.07 -24.72 -19.11
H271 3PE G . -10.05 -25.82 -19.74
H272 3PE G . -10.45 -25.75 -21.45
H281 3PE G . -12.36 -27.29 -21.07
H282 3PE G . -11.95 -27.36 -19.35
H291 3PE G . -9.96 -28.53 -19.73
H292 3PE G . -9.87 -28.04 -21.43
H2A1 3PE G . -11.93 -29.39 -21.86
H2A2 3PE G . -11.85 -29.99 -20.20
H2B1 3PE G . -9.76 -31.07 -20.60
H2B2 3PE G . -9.52 -30.19 -22.13
H2C1 3PE G . -11.54 -31.37 -23.04
H2C2 3PE G . -11.63 -32.31 -21.55
H2D1 3PE G . -9.43 -33.26 -21.96
H2D2 3PE G . -9.18 -32.20 -23.35
H2E1 3PE G . -11.15 -33.26 -24.47
H2E2 3PE G . -11.28 -34.38 -23.11
H2F1 3PE G . -8.98 -35.17 -23.53
H2F2 3PE G . -8.85 -34.05 -24.91
P 3PE H . -4.41 -2.37 -50.76
O11 3PE H . -5.54 -3.42 -51.32
O12 3PE H . -3.04 -2.95 -51.04
O13 3PE H . -4.54 -0.92 -51.53
O14 3PE H . -4.58 -2.17 -49.28
C11 3PE H . -4.37 -0.89 -52.91
C1 3PE H . -5.37 -4.79 -51.09
C2 3PE H . -5.98 -5.13 -49.72
C3 3PE H . -7.44 -4.72 -49.67
O31 3PE H . -8.24 -5.84 -49.96
O32 3PE H . -8.39 -5.17 -52.10
C31 3PE H . -8.49 -6.06 -51.33
C32 3PE H . -8.91 -7.44 -51.84
C33 3PE H . -7.97 -8.53 -51.32
C34 3PE H . -8.68 -9.89 -51.37
C35 3PE H . -7.90 -10.95 -50.57
C36 3PE H . -8.82 -12.12 -50.26
C37 3PE H . -8.09 -13.11 -49.33
C38 3PE H . -8.97 -14.27 -48.88
C39 3PE H . -10.12 -13.85 -47.97
C3A 3PE H . -11.15 -14.97 -47.87
C3B 3PE H . -10.59 -16.18 -47.12
C3C 3PE H . -11.73 -17.20 -46.94
C3D 3PE H . -11.23 -18.42 -46.17
C3E 3PE H . -12.40 -19.36 -45.89
O21 3PE H . -5.97 -6.51 -49.50
O22 3PE H . -5.73 -6.20 -47.27
C21 3PE H . -5.84 -6.96 -48.18
C22 3PE H . -5.85 -8.46 -47.92
C23 3PE H . -6.04 -8.82 -46.44
C24 3PE H . -6.34 -10.32 -46.41
C25 3PE H . -6.37 -10.93 -45.02
C26 3PE H . -6.98 -12.33 -45.16
C27 3PE H . -6.96 -13.01 -43.80
C28 3PE H . -8.18 -13.93 -43.69
C29 3PE H . -8.14 -14.63 -42.33
C2A 3PE H . -9.56 -14.67 -41.77
C2B 3PE H . -10.47 -15.49 -42.69
C2C 3PE H . -11.86 -15.57 -42.06
H11 3PE H . -4.31 -5.01 -51.09
H12 3PE H . -5.87 -5.35 -51.86
H2 3PE H . -5.42 -4.62 -48.95
H31 3PE H . -7.64 -3.93 -50.38
H32 3PE H . -7.67 -4.35 -48.67
H321 3PE H . -8.91 -7.42 -52.93
H322 3PE H . -9.92 -7.66 -51.50
H331 3PE H . -7.67 -8.29 -50.31
H332 3PE H . -7.09 -8.56 -51.95
H341 3PE H . -8.78 -10.21 -52.40
H342 3PE H . -9.67 -9.78 -50.94
H351 3PE H . -7.55 -10.51 -49.65
H352 3PE H . -7.06 -11.30 -51.15
H361 3PE H . -9.09 -12.63 -51.17
H362 3PE H . -9.72 -11.74 -49.78
H371 3PE H . -7.71 -12.58 -48.46
H372 3PE H . -7.25 -13.52 -49.89
H381 3PE H . -8.36 -14.99 -48.35
H382 3PE H . -9.39 -14.76 -49.76
H391 3PE H . -10.61 -12.95 -48.35
H392 3PE H . -9.74 -13.65 -46.97
H3A1 3PE H . -11.43 -15.28 -48.88
H3A2 3PE H . -12.03 -14.61 -47.37
H3B1 3PE H . -10.24 -15.86 -46.16
H3B2 3PE H . -9.78 -16.64 -47.68
H3C1 3PE H . -12.10 -17.50 -47.91
H3C2 3PE H . -12.52 -16.73 -46.37
H3D1 3PE H . -10.78 -18.11 -45.24
H3D2 3PE H . -10.50 -18.94 -46.78
H221 3PE H . -4.93 -8.90 -48.26
H222 3PE H . -6.66 -8.90 -48.48
H231 3PE H . -6.81 -8.22 -45.97
H232 3PE H . -5.10 -8.64 -45.94
H241 3PE H . -5.60 -10.84 -47.01
H242 3PE H . -7.33 -10.45 -46.86
H251 3PE H . -7.02 -10.34 -44.38
H252 3PE H . -5.37 -10.96 -44.61
H261 3PE H . -6.40 -12.90 -45.88
H262 3PE H . -7.99 -12.25 -45.51
H271 3PE H . -7.02 -12.27 -43.02
H272 3PE H . -6.05 -13.59 -43.67
H281 3PE H . -8.21 -14.65 -44.48
H282 3PE H . -9.06 -13.31 -43.74
H291 3PE H . -7.50 -14.09 -41.64
H292 3PE H . -7.77 -15.63 -42.45
H2A1 3PE H . -9.94 -13.66 -41.72
H2A2 3PE H . -9.55 -15.11 -40.79
H2B1 3PE H . -10.07 -16.50 -42.77
H2B2 3PE H . -10.54 -15.05 -43.67
P 3PE I . -23.12 -25.20 -7.02
N 3PE I . -27.97 -25.04 -5.67
O11 3PE I . -22.45 -25.14 -5.51
O12 3PE I . -23.27 -26.65 -7.41
O13 3PE I . -24.61 -24.51 -7.00
O14 3PE I . -22.24 -24.49 -8.00
C11 3PE I . -25.62 -25.16 -6.31
C12 3PE I . -26.94 -24.43 -6.51
C1 3PE I . -21.27 -24.40 -5.32
C2 3PE I . -21.51 -22.90 -5.44
C3 3PE I . -22.42 -22.40 -4.32
O31 3PE I . -21.73 -21.52 -3.47
O32 3PE I . -20.92 -23.33 -2.45
C31 3PE I . -20.99 -22.15 -2.47
C32 3PE I . -20.27 -21.35 -1.38
C33 3PE I . -19.49 -20.19 -1.98
C34 3PE I . -18.83 -19.38 -0.86
C35 3PE I . -18.78 -17.92 -1.30
C36 3PE I . -18.05 -17.02 -0.31
C37 3PE I . -18.49 -15.57 -0.54
C38 3PE I . -17.63 -14.59 0.25
C39 3PE I . -17.72 -13.19 -0.37
C3A 3PE I . -16.81 -12.22 0.38
C3B 3PE I . -15.35 -12.61 0.21
O21 3PE I . -20.30 -22.23 -5.37
O22 3PE I . -21.29 -20.32 -5.94
C21 3PE I . -20.31 -20.99 -6.00
C22 3PE I . -19.08 -20.49 -6.74
C23 3PE I . -18.77 -19.06 -6.31
C24 3PE I . -18.17 -18.29 -7.48
C25 3PE I . -16.69 -18.59 -7.64
C26 3PE I . -16.23 -17.85 -8.90
C27 3PE I . -14.75 -17.45 -8.82
C28 3PE I . -14.37 -16.39 -9.86
C29 3PE I . -15.23 -15.12 -9.89
C2A 3PE I . -15.18 -14.35 -8.57
C2B 3PE I . -16.51 -13.64 -8.34
C2C 3PE I . -16.40 -12.87 -7.03
C2D 3PE I . -17.74 -12.75 -6.31
C2E 3PE I . -18.53 -11.54 -6.81
C2F 3PE I . -19.85 -11.45 -6.04
C2G 3PE I . -20.63 -10.23 -6.50
HN2 3PE I . -28.02 -26.02 -5.88
H111 3PE I . -25.38 -25.18 -5.26
H112 3PE I . -25.71 -26.17 -6.68
H121 3PE I . -26.83 -23.38 -6.25
H122 3PE I . -27.25 -24.51 -7.55
H11 3PE I . -20.55 -24.69 -6.08
H12 3PE I . -20.86 -24.64 -4.34
H2 3PE I . -21.98 -22.69 -6.39
H31 3PE I . -22.79 -23.25 -3.75
H32 3PE I . -23.28 -21.89 -4.74
H321 3PE I . -19.60 -22.03 -0.84
H322 3PE I . -21.00 -20.95 -0.68
H331 3PE I . -20.13 -19.55 -2.56
H332 3PE I . -18.72 -20.59 -2.63
H341 3PE I . -17.82 -19.73 -0.69
H342 3PE I . -19.40 -19.46 0.06
H351 3PE I . -19.80 -17.57 -1.42
H352 3PE I . -18.27 -17.87 -2.25
H361 3PE I . -16.98 -17.11 -0.44
H362 3PE I . -18.33 -17.32 0.70
H371 3PE I . -19.53 -15.45 -0.27
H372 3PE I . -18.38 -15.32 -1.59
H381 3PE I . -16.60 -14.92 0.22
H382 3PE I . -17.97 -14.55 1.28
H391 3PE I . -18.75 -12.84 -0.31
H392 3PE I . -17.41 -13.25 -1.41
H3A1 3PE I . -17.06 -12.23 1.44
H3A2 3PE I . -16.95 -11.22 -0.01
H221 3PE I . -19.29 -20.52 -7.80
H222 3PE I . -18.24 -21.13 -6.53
H231 3PE I . -18.05 -19.11 -5.50
H232 3PE I . -19.67 -18.57 -5.97
H241 3PE I . -18.33 -17.22 -7.34
H242 3PE I . -18.69 -18.59 -8.39
H251 3PE I . -16.50 -19.65 -7.72
H252 3PE I . -16.16 -18.19 -6.78
H261 3PE I . -16.84 -16.97 -9.00
H262 3PE I . -16.37 -18.49 -9.76
H271 3PE I . -14.16 -18.33 -9.01
H272 3PE I . -14.51 -17.10 -7.83
H281 3PE I . -14.42 -16.85 -10.85
H282 3PE I . -13.33 -16.08 -9.68
H291 3PE I . -16.25 -15.38 -10.12
H292 3PE I . -14.85 -14.46 -10.65
H2A1 3PE I . -14.37 -13.62 -8.60
H2A2 3PE I . -15.01 -15.04 -7.75
H2B1 3PE I . -17.30 -14.38 -8.26
H2B2 3PE I . -16.72 -12.96 -9.16
H2C1 3PE I . -16.02 -11.87 -7.24
H2C2 3PE I . -15.69 -13.37 -6.38
H2D1 3PE I . -17.56 -12.62 -5.25
H2D2 3PE I . -18.33 -13.66 -6.46
H2E1 3PE I . -18.73 -11.65 -7.87
H2E2 3PE I . -17.96 -10.63 -6.64
H2F1 3PE I . -19.65 -11.38 -4.98
H2F2 3PE I . -20.44 -12.35 -6.24
P 3PE J . -15.22 10.24 -6.77
N 3PE J . -10.98 9.65 -5.14
O11 3PE J . -16.26 8.96 -6.53
O12 3PE J . -15.36 10.74 -8.19
O13 3PE J . -13.67 9.72 -6.53
O14 3PE J . -15.55 11.34 -5.79
C11 3PE J . -12.60 10.62 -6.68
C12 3PE J . -11.26 9.90 -6.54
C1 3PE J . -17.65 9.16 -6.51
C2 3PE J . -18.31 7.77 -6.33
C3 3PE J . -19.84 7.85 -6.37
O31 3PE J . -20.33 7.40 -5.12
O32 3PE J . -22.51 7.77 -5.47
C31 3PE J . -21.67 7.03 -5.07
C32 3PE J . -22.10 5.68 -4.50
C33 3PE J . -21.61 4.50 -5.36
C34 3PE J . -22.29 3.22 -4.86
C35 3PE J . -21.86 2.02 -5.72
C36 3PE J . -22.68 0.80 -5.31
C37 3PE J . -22.41 0.39 -3.87
C38 3PE J . -23.12 -0.94 -3.58
C39 3PE J . -23.04 -1.24 -2.07
O21 3PE J . -17.83 6.88 -7.28
O22 3PE J . -18.53 8.14 -9.05
C21 3PE J . -18.16 7.08 -8.63
C22 3PE J . -18.05 5.90 -9.59
C23 3PE J . -19.47 5.53 -9.99
C24 3PE J . -19.72 4.03 -9.89
C25 3PE J . -18.70 3.22 -10.68
C26 3PE J . -19.10 1.74 -10.71
C27 3PE J . -18.98 1.10 -9.34
C28 3PE J . -19.54 -0.32 -9.32
C29 3PE J . -19.37 -0.87 -7.90
C2A 3PE J . -20.37 -2.00 -7.62
C2B 3PE J . -20.08 -3.18 -8.54
C2C 3PE J . -20.83 -4.41 -8.04
C2D 3PE J . -20.07 -5.05 -6.87
HN2 3PE J . -11.78 9.23 -4.71
H111 3PE J . -12.67 11.37 -5.90
H112 3PE J . -12.67 11.11 -7.66
H121 3PE J . -11.29 8.97 -7.08
H122 3PE J . -10.47 10.53 -6.96
H11 3PE J . -17.99 9.63 -7.42
H12 3PE J . -17.95 9.76 -5.66
H2 3PE J . -18.00 7.38 -5.35
H31 3PE J . -20.25 7.21 -7.15
H32 3PE J . -20.12 8.88 -6.59
H321 3PE J . -23.18 5.62 -4.51
H322 3PE J . -21.75 5.57 -3.47
H331 3PE J . -20.55 4.36 -5.20
H332 3PE J . -21.79 4.62 -6.42
H341 3PE J . -23.36 3.33 -4.95
H342 3PE J . -22.01 3.05 -3.82
H351 3PE J . -20.79 1.82 -5.59
H352 3PE J . -22.05 2.27 -6.76
H361 3PE J . -22.43 -0.02 -5.98
H362 3PE J . -23.73 1.03 -5.43
H371 3PE J . -22.77 1.13 -3.18
H372 3PE J . -21.34 0.25 -3.73
H381 3PE J . -22.65 -1.76 -4.13
H382 3PE J . -24.17 -0.87 -3.87
H221 3PE J . -17.57 5.07 -9.07
H222 3PE J . -17.48 6.17 -10.47
H231 3PE J . -19.68 5.87 -11.00
H232 3PE J . -20.15 6.02 -9.29
H241 3PE J . -20.73 3.79 -10.25
H242 3PE J . -19.66 3.74 -8.84
H251 3PE J . -17.72 3.31 -10.23
H252 3PE J . -18.65 3.61 -11.69
H261 3PE J . -18.46 1.21 -11.41
H262 3PE J . -20.12 1.65 -11.06
H271 3PE J . -19.52 1.69 -8.61
H272 3PE J . -17.94 1.07 -9.04
H281 3PE J . -18.99 -0.94 -10.03
H282 3PE J . -20.58 -0.30 -9.60
H291 3PE J . -19.51 -0.07 -7.18
H292 3PE J . -18.37 -1.27 -7.81
H2A1 3PE J . -21.38 -1.65 -7.77
H2A2 3PE J . -20.24 -2.32 -6.59
H2B1 3PE J . -19.02 -3.38 -8.53
H2B2 3PE J . -20.39 -2.95 -9.55
H2C1 3PE J . -20.91 -5.14 -8.84
H2C2 3PE J . -21.83 -4.13 -7.71
C10 BJ9 K . 15.34 -3.03 -18.64
C15 BJ9 K . 11.20 -4.38 -19.53
C21 BJ9 K . 13.20 -8.00 -21.21
C22 BJ9 K . 12.00 -8.89 -20.83
C24 BJ9 K . 11.50 -9.67 -23.13
C26 BJ9 K . 9.45 -9.58 -24.33
C01 BJ9 K . 13.46 -1.77 -16.74
C02 BJ9 K . 13.08 -1.03 -15.54
C03 BJ9 K . 13.33 0.40 -15.45
C06 BJ9 K . 14.39 0.42 -17.81
C09 BJ9 K . 14.46 -1.86 -19.02
C11 BJ9 K . 15.00 -4.05 -19.69
C12 BJ9 K . 13.53 -3.76 -19.99
C14 BJ9 K . 12.62 -4.67 -19.16
C19 BJ9 K . 12.88 -6.57 -20.87
C23 BJ9 K . 12.01 -10.12 -21.76
C34 BJ9 K . 12.42 -1.75 -14.37
N05 BJ9 K . 13.97 1.11 -16.53
N08 BJ9 K . 14.10 -1.08 -17.85
N18 BJ9 K . 12.94 -6.10 -19.46
N28 BJ9 K . 8.81 -10.17 -25.48
N31 BJ9 K . 14.39 -8.41 -20.46
O04 BJ9 K . 13.03 0.96 -14.48
O07 BJ9 K . 14.90 0.99 -18.70
O13 BJ9 K . 13.28 -2.40 -19.60
O16 BJ9 K . 10.61 -3.32 -19.09
O17 BJ9 K . 10.60 -5.16 -20.28
O20 BJ9 K . 12.58 -5.80 -21.75
O25 BJ9 K . 10.30 -10.35 -23.53
O27 BJ9 K . 9.26 -8.45 -24.06
O29 BJ9 K . 11.23 -11.13 -21.20
O30 BJ9 K . 12.10 -9.29 -19.52
O32 BJ9 K . 15.72 -3.83 -20.79
O33 BJ9 K . 16.79 -2.66 -18.69
O35 BJ9 K . 12.54 -2.97 -14.24
O36 BJ9 K . 11.74 -1.09 -13.53
H101 BJ9 K . 15.07 -3.39 -17.66
H211 BJ9 K . 13.37 -8.09 -22.23
H221 BJ9 K . 11.11 -8.36 -20.96
H241 BJ9 K . 12.27 -9.87 -23.87
H242 BJ9 K . 11.30 -8.57 -23.11
H011 BJ9 K . 13.27 -2.85 -16.80
H091 BJ9 K . 14.98 -1.20 -19.78
H111 BJ9 K . 15.14 -5.05 -19.32
H121 BJ9 K . 13.33 -3.89 -21.01
H141 BJ9 K . 12.77 -4.47 -18.10
H231 BJ9 K . 13.04 -10.48 -21.87
H051 BJ9 K . 14.12 2.12 -16.43
H181 BJ9 K . 13.19 -6.75 -18.70
H281 BJ9 K . 8.09 -9.68 -25.94
H282 BJ9 K . 9.06 -11.10 -25.79
H311 BJ9 K . 15.06 -8.85 -21.10
H1 BJ9 K . 14.14 -9.08 -19.74
H291 BJ9 K . 11.82 -11.80 -20.81
H301 BJ9 K . 12.48 -10.16 -19.47
H321 BJ9 K . 16.11 -2.97 -20.74
H331 BJ9 K . 16.88 -1.81 -19.08
P 3PE L . 7.41 -17.16 5.73
N 3PE L . 7.55 -12.71 4.68
O11 3PE L . 6.08 -17.98 5.17
O12 3PE L . 7.68 -17.55 7.16
O13 3PE L . 7.10 -15.53 5.66
O14 3PE L . 8.60 -17.49 4.87
C11 3PE L . 8.08 -14.63 6.08
C12 3PE L . 7.56 -13.19 6.05
C1 3PE L . 6.12 -19.38 4.97
C2 3PE L . 4.71 -19.82 4.51
C3 3PE L . 4.61 -21.35 4.34
O31 3PE L . 4.30 -21.59 2.99
O32 3PE L . 4.38 -23.83 3.07
C31 3PE L . 3.80 -22.86 2.70
C32 3PE L . 2.51 -23.04 1.90
C33 3PE L . 1.27 -22.52 2.65
C34 3PE L . 0.01 -22.95 1.90
C35 3PE L . -1.25 -22.48 2.65
C36 3PE L . -2.48 -23.08 1.97
C37 3PE L . -2.65 -22.57 0.55
C38 3PE L . -3.98 -23.06 -0.02
C39 3PE L . -4.03 -22.74 -1.51
O21 3PE L . 3.74 -19.36 5.42
O22 3PE L . 4.64 -20.44 7.20
C21 3PE L . 3.71 -19.89 6.72
C22 3PE L . 2.41 -19.74 7.51
C23 3PE L . 1.84 -21.15 7.65
C24 3PE L . 0.35 -21.19 7.31
C25 3PE L . -0.45 -20.19 8.14
C26 3PE L . -1.95 -20.39 7.93
C27 3PE L . -2.37 -20.00 6.50
C28 3PE L . -3.82 -20.37 6.22
C29 3PE L . -4.13 -19.95 4.78
C2A 3PE L . -5.32 -20.74 4.21
C2B 3PE L . -6.58 -20.44 5.00
C2C 3PE L . -7.80 -20.95 4.23
C2D 3PE L . -8.17 -19.97 3.12
HN2 3PE L . 7.11 -13.38 4.08
H111 3PE L . 8.93 -14.68 5.40
H112 3PE L . 8.41 -14.87 7.08
H121 3PE L . 6.55 -13.16 6.44
H122 3PE L . 8.19 -12.56 6.65
H11 3PE L . 6.41 -19.89 5.88
H12 3PE L . 6.81 -19.63 4.17
H2 3PE L . 4.50 -19.34 3.56
H31 3PE L . 3.83 -21.76 4.97
H32 3PE L . 5.57 -21.77 4.65
H321 3PE L . 2.33 -24.09 1.75
H322 3PE L . 2.59 -22.55 0.92
H331 3PE L . 1.29 -21.43 2.64
H332 3PE L . 1.22 -22.84 3.69
H341 3PE L . 0.00 -24.03 1.85
H342 3PE L . 0.03 -22.52 0.90
H351 3PE L . -1.30 -21.39 2.65
H352 3PE L . -1.18 -22.84 3.67
H361 3PE L . -3.35 -22.82 2.56
H362 3PE L . -2.38 -24.16 1.96
H371 3PE L . -1.84 -22.94 -0.09
H372 3PE L . -2.64 -21.49 0.54
H381 3PE L . -4.81 -22.56 0.48
H382 3PE L . -4.07 -24.14 0.12
H221 3PE L . 1.73 -19.11 6.96
H222 3PE L . 2.62 -19.34 8.50
H231 3PE L . 2.00 -21.53 8.65
H232 3PE L . 2.35 -21.79 6.94
H241 3PE L . -0.04 -22.19 7.50
H242 3PE L . 0.23 -20.96 6.25
H251 3PE L . -0.19 -19.18 7.85
H252 3PE L . -0.20 -20.32 9.19
H261 3PE L . -2.50 -19.78 8.63
H262 3PE L . -2.20 -21.43 8.09
H271 3PE L . -1.75 -20.52 5.78
H272 3PE L . -2.24 -18.94 6.36
H281 3PE L . -4.47 -19.84 6.91
H282 3PE L . -3.96 -21.44 6.34
H291 3PE L . -3.27 -20.09 4.15
H292 3PE L . -4.40 -18.91 4.79
H2A1 3PE L . -5.09 -21.80 4.25
H2A2 3PE L . -5.46 -20.45 3.18
H2B1 3PE L . -6.66 -19.36 5.12
H2B2 3PE L . -6.53 -20.91 5.97
H2C1 3PE L . -8.64 -21.04 4.91
H2C2 3PE L . -7.59 -21.92 3.81
#